data_9L8V
#
_entry.id   9L8V
#
_cell.length_a   50.010
_cell.length_b   243.810
_cell.length_c   100.620
_cell.angle_alpha   90.000
_cell.angle_beta   99.040
_cell.angle_gamma   90.000
#
_symmetry.space_group_name_H-M   'P 1 21 1'
#
loop_
_entity.id
_entity.type
_entity.pdbx_description
1 polymer 'Methionine-tRNA ligase'
2 non-polymer '2-(N-MORPHOLINO)-ETHANESULFONIC ACID'
3 non-polymer 'ZINC ION'
4 non-polymer "O5'-(L-GLUTAMYL-SULFAMOYL)-ADENOSINE"
5 water water
#
_entity_poly.entity_id   1
_entity_poly.type   'polypeptide(L)'
_entity_poly.pdbx_seq_one_letter_code
;EQAVERQGRPVLLLPSFPTPNGELHLGHLSGPFLNADACRRALLAAGERAHLLLGTVGHQSQVSAAAEAEGLSFHELAER
NTDAIIEGLQAAGIDWDVFVRPSEPAYPAMATSVFESLRDRGVLVRRTEPTNYCEPCGRFLLEAFVAGHCPHCGSNQTAG
IECELCALPYDDRDLVDPSCATCGAAATQRPLTRYFMPLEPLRDELSGYLRGAAMHGRLRAYTERVLAKTLPDLPVSIPA
EHGIPIHVEDASGPAEQRMYSAFELAARFLTALDGFADGWEAYARQENPRTVLFFGFDNAFLRAFAFPAVLGAFTDALPL
PEALVCNDFYLLDGEKFSTGRKHAVWARQAVTPANADQLRLYLAATSPDVRRRDFTTRGYAEFVTAELIGRWQRRLDDVG
GRVAEHFGGLTPEAGGWHAEAERFYGQIKEFASCATLDYLPGRFKPRAVVAAACAFIRQAEDFAEVSADATPGSGIARTC
AALELMALRTLAMAVWPLAPEFGRRVAAALGEDTIALEPTPRWVRPDTEIKFATDHFSPDEVVAGR
;
_entity_poly.pdbx_strand_id   A,B,D,B00Z
#
loop_
_chem_comp.id
_chem_comp.type
_chem_comp.name
_chem_comp.formula
MES non-polymer '2-(N-MORPHOLINO)-ETHANESULFONIC ACID' 'C6 H13 N O4 S'
ZN non-polymer 'ZINC ION' 'Zn 2'
#
# COMPACT_ATOMS: atom_id res chain seq x y z
N GLN A 7 18.68 22.49 27.23
CA GLN A 7 18.34 23.16 25.98
C GLN A 7 17.77 24.54 26.22
N GLY A 8 18.45 25.56 25.74
CA GLY A 8 17.97 26.91 25.92
C GLY A 8 17.14 27.35 24.74
N ARG A 9 16.50 26.39 24.06
CA ARG A 9 15.82 26.82 22.84
C ARG A 9 14.41 27.31 23.13
N PRO A 10 13.97 28.40 22.50
CA PRO A 10 12.57 28.84 22.68
C PRO A 10 11.62 27.92 21.94
N VAL A 11 10.38 27.86 22.43
CA VAL A 11 9.36 26.96 21.88
C VAL A 11 8.24 27.78 21.25
N LEU A 12 7.96 27.50 19.98
CA LEU A 12 6.87 28.14 19.25
C LEU A 12 5.66 27.21 19.24
N LEU A 13 4.56 27.67 19.79
CA LEU A 13 3.32 26.92 19.78
C LEU A 13 2.43 27.50 18.68
N LEU A 14 2.13 26.66 17.67
CA LEU A 14 1.39 27.12 16.49
C LEU A 14 0.12 26.30 16.33
N PRO A 15 -0.96 26.70 16.98
CA PRO A 15 -2.26 26.10 16.68
C PRO A 15 -2.74 26.53 15.30
N SER A 16 -3.64 25.73 14.73
CA SER A 16 -4.29 26.10 13.48
C SER A 16 -4.81 27.53 13.53
N PHE A 17 -4.66 28.27 12.44
CA PHE A 17 -5.28 29.60 12.36
C PHE A 17 -6.76 29.42 12.03
N PRO A 18 -7.68 29.80 12.92
CA PRO A 18 -9.10 29.51 12.65
C PRO A 18 -9.59 30.32 11.45
N THR A 19 -10.42 29.68 10.66
CA THR A 19 -11.04 30.35 9.53
C THR A 19 -12.04 31.39 9.99
N PRO A 20 -11.89 32.65 9.62
CA PRO A 20 -12.80 33.72 10.07
C PRO A 20 -14.14 33.79 9.32
N ASN A 21 -14.77 32.63 9.14
CA ASN A 21 -16.13 32.56 8.60
C ASN A 21 -17.16 32.43 9.71
N GLY A 22 -16.73 32.51 10.96
CA GLY A 22 -17.63 32.43 12.10
C GLY A 22 -16.88 32.67 13.39
N GLU A 23 -17.59 32.39 14.48
CA GLU A 23 -17.10 32.39 15.85
C GLU A 23 -16.54 31.02 16.21
N LEU A 24 -15.81 30.97 17.32
CA LEU A 24 -15.33 29.70 17.84
C LEU A 24 -16.40 29.05 18.70
N HIS A 25 -16.51 27.72 18.60
CA HIS A 25 -17.32 26.94 19.53
C HIS A 25 -16.42 26.16 20.48
N LEU A 26 -17.04 25.37 21.36
CA LEU A 26 -16.32 24.64 22.40
C LEU A 26 -15.46 23.53 21.82
N GLY A 27 -15.84 22.99 20.66
CA GLY A 27 -14.97 22.05 19.96
C GLY A 27 -13.63 22.66 19.59
N HIS A 28 -13.64 23.88 19.04
CA HIS A 28 -12.38 24.58 18.78
C HIS A 28 -11.52 24.65 20.04
N LEU A 29 -12.09 25.18 21.11
CA LEU A 29 -11.37 25.26 22.38
C LEU A 29 -10.85 23.89 22.79
N SER A 30 -11.71 22.86 22.72
CA SER A 30 -11.30 21.54 23.20
C SER A 30 -10.16 20.94 22.39
N GLY A 31 -9.86 21.51 21.22
CA GLY A 31 -8.89 20.97 20.31
C GLY A 31 -7.61 21.77 20.42
N PRO A 32 -7.17 22.36 19.30
CA PRO A 32 -5.82 22.92 19.27
C PRO A 32 -5.64 24.14 20.18
N PHE A 33 -6.71 24.84 20.55
CA PHE A 33 -6.48 26.10 21.26
C PHE A 33 -6.25 25.90 22.76
N LEU A 34 -7.07 25.07 23.43
CA LEU A 34 -6.74 24.76 24.82
C LEU A 34 -5.45 23.95 24.90
N ASN A 35 -5.23 23.04 23.94
CA ASN A 35 -4.01 22.21 23.94
C ASN A 35 -2.77 23.08 23.85
N ALA A 36 -2.78 24.07 22.95
CA ALA A 36 -1.60 24.93 22.77
C ALA A 36 -1.42 25.87 23.96
N ASP A 37 -2.51 26.43 24.49
CA ASP A 37 -2.38 27.32 25.64
C ASP A 37 -1.92 26.57 26.89
N ALA A 38 -2.45 25.38 27.14
CA ALA A 38 -2.03 24.63 28.31
C ALA A 38 -0.60 24.14 28.14
N CYS A 39 -0.22 23.76 26.91
CA CYS A 39 1.17 23.40 26.66
C CYS A 39 2.09 24.58 26.93
N ARG A 40 1.74 25.75 26.37
CA ARG A 40 2.50 26.97 26.63
C ARG A 40 2.65 27.23 28.12
N ARG A 41 1.53 27.13 28.87
CA ARG A 41 1.57 27.44 30.29
C ARG A 41 2.46 26.45 31.05
N ALA A 42 2.34 25.16 30.73
CA ALA A 42 3.20 24.17 31.39
C ALA A 42 4.67 24.42 31.06
N LEU A 43 4.95 24.86 29.83
CA LEU A 43 6.33 25.14 29.46
C LEU A 43 6.87 26.33 30.23
N LEU A 44 6.06 27.39 30.36
CA LEU A 44 6.45 28.50 31.22
C LEU A 44 6.66 28.03 32.65
N ALA A 45 5.70 27.25 33.18
CA ALA A 45 5.83 26.77 34.56
C ALA A 45 7.06 25.90 34.76
N ALA A 46 7.54 25.22 33.71
CA ALA A 46 8.74 24.41 33.83
C ALA A 46 10.01 25.22 33.58
N GLY A 47 9.90 26.52 33.40
CA GLY A 47 11.08 27.34 33.21
C GLY A 47 11.56 27.50 31.79
N GLU A 48 10.77 27.14 30.79
CA GLU A 48 11.17 27.37 29.40
C GLU A 48 10.63 28.71 28.91
N ARG A 49 11.13 29.12 27.74
CA ARG A 49 10.55 30.23 26.98
C ARG A 49 9.54 29.65 25.99
N ALA A 50 8.32 30.17 26.01
CA ALA A 50 7.22 29.60 25.25
C ALA A 50 6.35 30.72 24.68
N HIS A 51 6.11 30.67 23.38
CA HIS A 51 5.41 31.73 22.67
C HIS A 51 4.35 31.11 21.76
N LEU A 52 3.11 31.54 21.94
CA LEU A 52 2.01 31.03 21.14
C LEU A 52 1.74 32.03 20.02
N LEU A 53 1.80 31.56 18.78
CA LEU A 53 1.59 32.39 17.60
C LEU A 53 0.23 32.07 17.00
N LEU A 54 -0.58 33.10 16.79
CA LEU A 54 -1.95 32.92 16.35
C LEU A 54 -2.27 33.92 15.25
N GLY A 55 -3.36 33.67 14.56
CA GLY A 55 -3.88 34.61 13.58
C GLY A 55 -5.08 34.02 12.89
N THR A 56 -5.76 34.88 12.13
CA THR A 56 -6.77 34.47 11.16
C THR A 56 -6.36 34.84 9.74
N VAL A 57 -5.10 35.24 9.54
CA VAL A 57 -4.63 35.71 8.25
C VAL A 57 -4.66 34.58 7.23
N GLY A 58 -4.78 34.97 5.97
CA GLY A 58 -4.87 34.05 4.84
C GLY A 58 -6.15 34.26 4.07
N HIS A 59 -6.34 33.39 3.08
CA HIS A 59 -7.56 33.35 2.29
C HIS A 59 -8.07 31.93 2.30
N GLN A 60 -9.27 31.72 2.81
CA GLN A 60 -9.98 30.47 2.68
C GLN A 60 -11.22 30.71 1.83
N SER A 61 -11.48 29.81 0.89
CA SER A 61 -12.66 30.00 0.04
C SER A 61 -13.96 29.96 0.82
N GLN A 62 -13.95 29.39 2.04
CA GLN A 62 -15.16 29.37 2.88
C GLN A 62 -15.59 30.78 3.26
N VAL A 63 -14.62 31.68 3.44
CA VAL A 63 -14.93 33.08 3.75
C VAL A 63 -15.56 33.76 2.55
N SER A 64 -14.98 33.57 1.36
CA SER A 64 -15.56 34.13 0.14
C SER A 64 -17.01 33.65 -0.03
N ALA A 65 -17.24 32.34 0.15
CA ALA A 65 -18.59 31.80 -0.02
C ALA A 65 -19.53 32.32 1.07
N ALA A 66 -19.09 32.34 2.32
CA ALA A 66 -19.92 32.91 3.36
C ALA A 66 -20.19 34.38 3.09
N ALA A 67 -19.24 35.08 2.47
CA ALA A 67 -19.43 36.51 2.22
C ALA A 67 -20.49 36.75 1.15
N GLU A 68 -20.55 35.89 0.13
CA GLU A 68 -21.59 35.99 -0.90
C GLU A 68 -22.98 35.89 -0.27
N ALA A 69 -23.22 34.83 0.51
CA ALA A 69 -24.54 34.63 1.11
C ALA A 69 -24.92 35.80 2.03
N GLU A 70 -24.02 36.18 2.94
CA GLU A 70 -24.27 37.25 3.91
C GLU A 70 -24.33 38.63 3.27
N GLY A 71 -23.96 38.78 2.00
CA GLY A 71 -23.99 40.07 1.33
C GLY A 71 -22.74 40.92 1.49
N LEU A 72 -21.95 40.69 2.55
CA LEU A 72 -20.77 41.50 2.82
C LEU A 72 -19.62 41.14 1.87
N SER A 73 -18.55 41.92 1.94
CA SER A 73 -17.34 41.58 1.22
C SER A 73 -16.51 40.59 2.04
N PHE A 74 -15.63 39.85 1.34
CA PHE A 74 -14.66 38.96 1.98
C PHE A 74 -14.02 39.65 3.18
N HIS A 75 -13.57 40.89 2.95
CA HIS A 75 -12.78 41.61 3.93
C HIS A 75 -13.58 41.96 5.17
N GLU A 76 -14.80 42.48 4.99
CA GLU A 76 -15.64 42.81 6.14
C GLU A 76 -15.92 41.55 6.96
N LEU A 77 -16.26 40.47 6.29
CA LEU A 77 -16.67 39.26 7.00
C LEU A 77 -15.50 38.69 7.79
N ALA A 78 -14.29 38.70 7.20
CA ALA A 78 -13.13 38.16 7.90
C ALA A 78 -12.77 39.00 9.12
N GLU A 79 -12.81 40.33 8.98
CA GLU A 79 -12.46 41.17 10.11
C GLU A 79 -13.51 41.08 11.23
N ARG A 80 -14.80 41.06 10.87
CA ARG A 80 -15.84 40.91 11.89
C ARG A 80 -15.65 39.63 12.67
N ASN A 81 -15.45 38.51 11.97
CA ASN A 81 -15.32 37.23 12.65
C ASN A 81 -14.02 37.15 13.44
N THR A 82 -12.95 37.79 12.94
CA THR A 82 -11.71 37.89 13.69
C THR A 82 -11.94 38.53 15.06
N ASP A 83 -12.72 39.62 15.11
CA ASP A 83 -13.02 40.21 16.42
C ASP A 83 -13.68 39.20 17.35
N ALA A 84 -14.67 38.48 16.83
CA ALA A 84 -15.40 37.53 17.65
C ALA A 84 -14.52 36.36 18.06
N ILE A 85 -13.67 35.89 17.16
CA ILE A 85 -12.73 34.84 17.51
C ILE A 85 -11.81 35.31 18.63
N ILE A 86 -11.35 36.55 18.55
CA ILE A 86 -10.44 37.07 19.58
C ILE A 86 -11.14 37.13 20.94
N GLU A 87 -12.43 37.50 20.94
CA GLU A 87 -13.14 37.60 22.21
C GLU A 87 -13.37 36.22 22.84
N GLY A 88 -13.68 35.21 22.02
CA GLY A 88 -13.87 33.87 22.57
C GLY A 88 -12.58 33.31 23.13
N LEU A 89 -11.47 33.56 22.45
CA LEU A 89 -10.18 33.09 22.95
C LEU A 89 -9.82 33.77 24.25
N GLN A 90 -10.11 35.06 24.38
CA GLN A 90 -9.78 35.72 25.63
C GLN A 90 -10.70 35.25 26.74
N ALA A 91 -11.95 34.96 26.41
CA ALA A 91 -12.86 34.48 27.43
C ALA A 91 -12.36 33.16 28.01
N ALA A 92 -11.78 32.31 27.16
CA ALA A 92 -11.31 31.00 27.57
C ALA A 92 -9.90 31.04 28.15
N GLY A 93 -9.31 32.22 28.33
CA GLY A 93 -7.98 32.32 28.86
C GLY A 93 -6.88 31.87 27.93
N ILE A 94 -7.16 31.78 26.63
CA ILE A 94 -6.15 31.45 25.63
C ILE A 94 -5.35 32.71 25.34
N ASP A 95 -4.08 32.72 25.72
CA ASP A 95 -3.21 33.85 25.45
C ASP A 95 -2.36 33.60 24.21
N TRP A 96 -1.85 34.69 23.65
CA TRP A 96 -0.99 34.59 22.50
C TRP A 96 0.08 35.67 22.58
N ASP A 97 1.18 35.44 21.88
CA ASP A 97 2.23 36.43 21.81
C ASP A 97 2.14 37.29 20.55
N VAL A 98 1.40 36.84 19.55
CA VAL A 98 1.13 37.62 18.34
C VAL A 98 -0.18 37.13 17.74
N PHE A 99 -0.95 38.05 17.16
CA PHE A 99 -2.17 37.71 16.43
C PHE A 99 -2.19 38.48 15.11
N VAL A 100 -2.21 37.73 14.01
CA VAL A 100 -2.15 38.29 12.66
C VAL A 100 -3.56 38.32 12.07
N ARG A 101 -4.11 39.52 11.90
CA ARG A 101 -5.44 39.75 11.34
C ARG A 101 -5.45 39.52 9.83
N PRO A 102 -6.63 39.29 9.22
CA PRO A 102 -6.66 38.96 7.79
C PRO A 102 -6.05 40.04 6.90
N SER A 103 -6.04 41.30 7.34
CA SER A 103 -5.58 42.41 6.53
C SER A 103 -4.18 42.87 6.90
N GLU A 104 -3.40 42.03 7.55
CA GLU A 104 -2.03 42.36 7.88
C GLU A 104 -1.30 42.83 6.62
N PRO A 105 -0.79 44.08 6.60
CA PRO A 105 -0.18 44.58 5.36
C PRO A 105 1.08 43.83 4.94
N ALA A 106 1.89 43.33 5.87
CA ALA A 106 3.13 42.66 5.48
C ALA A 106 2.90 41.26 4.95
N TYR A 107 1.67 40.74 4.98
CA TYR A 107 1.45 39.35 4.60
C TYR A 107 1.63 39.11 3.10
N PRO A 108 1.00 39.86 2.18
CA PRO A 108 1.10 39.49 0.76
C PRO A 108 2.53 39.43 0.25
N ALA A 109 3.40 40.36 0.66
CA ALA A 109 4.82 40.25 0.32
C ALA A 109 5.39 38.90 0.74
N MET A 110 5.07 38.44 1.95
CA MET A 110 5.59 37.17 2.42
C MET A 110 5.08 36.02 1.58
N ALA A 111 3.76 35.98 1.32
CA ALA A 111 3.20 34.90 0.53
C ALA A 111 3.81 34.88 -0.87
N THR A 112 3.93 36.06 -1.48
CA THR A 112 4.55 36.16 -2.81
C THR A 112 6.01 35.70 -2.78
N SER A 113 6.74 36.08 -1.74
CA SER A 113 8.13 35.64 -1.66
C SER A 113 8.23 34.12 -1.66
N VAL A 114 7.30 33.43 -0.98
CA VAL A 114 7.36 31.97 -0.91
C VAL A 114 7.07 31.35 -2.28
N PHE A 115 6.07 31.86 -2.98
CA PHE A 115 5.75 31.33 -4.31
C PHE A 115 6.90 31.59 -5.28
N GLU A 116 7.36 32.84 -5.36
CA GLU A 116 8.39 33.17 -6.34
C GLU A 116 9.68 32.39 -6.06
N SER A 117 10.05 32.27 -4.79
CA SER A 117 11.24 31.52 -4.43
C SER A 117 11.09 30.04 -4.77
N LEU A 118 9.89 29.47 -4.64
CA LEU A 118 9.75 28.06 -5.01
C LEU A 118 9.69 27.89 -6.54
N ARG A 119 9.02 28.81 -7.22
CA ARG A 119 8.94 28.74 -8.67
C ARG A 119 10.32 28.86 -9.28
N ASP A 120 11.11 29.84 -8.83
CA ASP A 120 12.42 30.10 -9.41
C ASP A 120 13.41 28.96 -9.15
N ARG A 121 13.31 28.29 -8.00
CA ARG A 121 14.21 27.20 -7.67
C ARG A 121 13.81 25.88 -8.31
N GLY A 122 12.78 25.85 -9.14
CA GLY A 122 12.40 24.64 -9.83
C GLY A 122 11.52 23.68 -9.06
N VAL A 123 10.98 24.09 -7.92
CA VAL A 123 10.13 23.17 -7.14
C VAL A 123 8.73 23.03 -7.72
N LEU A 124 8.26 24.00 -8.51
CA LEU A 124 6.88 24.04 -8.99
C LEU A 124 6.79 23.68 -10.46
N VAL A 125 5.59 23.25 -10.87
CA VAL A 125 5.25 22.95 -12.26
C VAL A 125 3.96 23.66 -12.63
N ARG A 126 3.72 23.75 -13.93
CA ARG A 126 2.49 24.30 -14.42
C ARG A 126 1.86 23.14 -15.16
N ARG A 127 0.63 22.77 -14.82
CA ARG A 127 0.02 21.64 -15.45
C ARG A 127 -1.34 22.01 -16.02
N THR A 128 -1.72 21.37 -17.11
CA THR A 128 -2.98 21.69 -17.78
C THR A 128 -3.81 20.46 -17.86
N GLU A 129 -5.00 20.52 -17.28
CA GLU A 129 -5.84 19.35 -17.23
C GLU A 129 -7.30 19.75 -17.22
N PRO A 130 -8.17 18.78 -17.52
CA PRO A 130 -9.60 19.06 -17.46
C PRO A 130 -10.11 19.23 -16.02
N THR A 131 -10.73 20.36 -15.73
CA THR A 131 -11.17 20.59 -14.36
C THR A 131 -12.64 20.95 -14.31
N ASN A 132 -13.30 20.46 -13.28
CA ASN A 132 -14.73 20.68 -13.08
C ASN A 132 -15.08 22.16 -13.17
N TYR A 133 -16.18 22.44 -13.88
CA TYR A 133 -16.63 23.79 -14.17
C TYR A 133 -18.15 23.81 -14.17
N CYS A 134 -18.74 24.93 -13.80
CA CYS A 134 -20.20 25.09 -13.89
C CYS A 134 -20.51 26.14 -14.96
N GLU A 135 -21.08 25.67 -16.08
CA GLU A 135 -21.45 26.61 -17.14
C GLU A 135 -22.54 27.58 -16.71
N PRO A 136 -23.65 27.15 -16.07
CA PRO A 136 -24.63 28.14 -15.60
C PRO A 136 -24.03 29.18 -14.67
N CYS A 137 -23.28 28.75 -13.66
CA CYS A 137 -22.66 29.70 -12.75
C CYS A 137 -21.50 30.45 -13.41
N GLY A 138 -20.86 29.84 -14.40
CA GLY A 138 -19.75 30.49 -15.06
C GLY A 138 -18.49 30.56 -14.22
N ARG A 139 -18.15 29.48 -13.53
CA ARG A 139 -16.99 29.47 -12.66
C ARG A 139 -16.43 28.06 -12.59
N PHE A 140 -15.14 27.97 -12.34
CA PHE A 140 -14.52 26.70 -12.07
C PHE A 140 -14.94 26.20 -10.70
N LEU A 141 -14.94 24.89 -10.54
CA LEU A 141 -15.48 24.25 -9.35
C LEU A 141 -14.35 23.60 -8.54
N LEU A 142 -13.80 24.35 -7.58
CA LEU A 142 -12.70 23.87 -6.75
C LEU A 142 -12.91 24.40 -5.32
N GLU A 143 -12.05 23.93 -4.41
CA GLU A 143 -12.14 24.18 -2.97
C GLU A 143 -13.59 24.13 -2.48
N ALA A 144 -14.04 25.16 -1.76
CA ALA A 144 -15.38 25.17 -1.17
C ALA A 144 -16.50 25.29 -2.20
N PHE A 145 -16.19 25.58 -3.45
CA PHE A 145 -17.21 25.81 -4.48
C PHE A 145 -17.60 24.54 -5.20
N VAL A 146 -16.97 23.41 -4.91
CA VAL A 146 -17.36 22.12 -5.46
C VAL A 146 -17.83 21.22 -4.32
N ALA A 147 -18.84 20.41 -4.61
CA ALA A 147 -19.31 19.37 -3.71
C ALA A 147 -19.07 18.00 -4.36
N GLY A 148 -18.94 16.98 -3.53
CA GLY A 148 -18.67 15.65 -4.02
C GLY A 148 -18.16 14.77 -2.90
N HIS A 149 -17.75 13.55 -3.29
CA HIS A 149 -17.40 12.48 -2.37
C HIS A 149 -15.91 12.18 -2.42
N CYS A 150 -15.33 11.94 -1.23
CA CYS A 150 -13.93 11.55 -1.12
C CYS A 150 -13.73 10.19 -1.77
N PRO A 151 -12.70 10.02 -2.60
CA PRO A 151 -12.48 8.71 -3.23
C PRO A 151 -12.02 7.64 -2.25
N HIS A 152 -11.44 8.02 -1.11
CA HIS A 152 -10.91 7.05 -0.15
C HIS A 152 -12.00 6.48 0.75
N CYS A 153 -12.79 7.37 1.36
CA CYS A 153 -13.75 6.94 2.38
C CYS A 153 -15.20 7.20 2.00
N GLY A 154 -15.46 7.91 0.90
CA GLY A 154 -16.82 8.14 0.46
C GLY A 154 -17.58 9.25 1.17
N SER A 155 -16.95 9.93 2.13
CA SER A 155 -17.62 11.05 2.79
C SER A 155 -17.92 12.17 1.79
N ASN A 156 -19.01 12.88 2.03
CA ASN A 156 -19.34 14.05 1.24
C ASN A 156 -18.96 15.33 1.97
N GLN A 157 -18.24 15.21 3.09
CA GLN A 157 -17.79 16.38 3.85
C GLN A 157 -16.46 16.86 3.28
N THR A 158 -16.53 17.40 2.08
CA THR A 158 -15.33 17.75 1.33
C THR A 158 -15.34 19.23 0.95
N ALA A 159 -14.13 19.73 0.61
CA ALA A 159 -13.92 21.01 -0.08
C ALA A 159 -12.81 20.78 -1.11
N GLY A 160 -13.19 20.19 -2.25
CA GLY A 160 -12.25 19.84 -3.29
C GLY A 160 -11.32 18.72 -2.86
N ILE A 161 -10.04 19.03 -2.67
CA ILE A 161 -9.06 17.99 -2.33
C ILE A 161 -9.04 17.63 -0.85
N GLU A 162 -9.86 18.27 -0.01
CA GLU A 162 -9.86 18.05 1.44
C GLU A 162 -11.05 17.20 1.86
N CYS A 163 -10.78 16.05 2.48
CA CYS A 163 -11.82 15.24 3.09
C CYS A 163 -11.75 15.42 4.61
N GLU A 164 -12.86 15.88 5.20
CA GLU A 164 -12.89 16.17 6.64
C GLU A 164 -12.77 14.90 7.47
N LEU A 165 -13.18 13.74 6.93
CA LEU A 165 -13.28 12.51 7.70
C LEU A 165 -11.96 11.75 7.77
N CYS A 166 -11.32 11.48 6.64
CA CYS A 166 -10.11 10.67 6.63
C CYS A 166 -8.83 11.48 6.35
N ALA A 167 -8.96 12.71 5.88
CA ALA A 167 -7.84 13.62 5.59
C ALA A 167 -6.85 13.06 4.57
N LEU A 168 -7.15 11.92 3.94
CA LEU A 168 -6.26 11.30 2.97
C LEU A 168 -6.26 12.09 1.66
N PRO A 169 -5.10 12.38 1.07
CA PRO A 169 -5.05 13.31 -0.07
C PRO A 169 -5.48 12.66 -1.38
N TYR A 170 -5.81 13.50 -2.36
CA TYR A 170 -6.19 13.03 -3.69
C TYR A 170 -6.25 14.24 -4.63
N ASP A 171 -6.14 13.96 -5.92
CA ASP A 171 -6.21 15.04 -6.91
C ASP A 171 -7.64 15.57 -7.02
N ASP A 172 -7.76 16.83 -7.45
CA ASP A 172 -9.08 17.42 -7.71
C ASP A 172 -9.93 16.54 -8.62
N ARG A 173 -9.34 16.06 -9.70
CA ARG A 173 -10.04 15.22 -10.67
C ARG A 173 -10.49 13.89 -10.10
N ASP A 174 -10.16 13.58 -8.85
CA ASP A 174 -10.53 12.31 -8.24
C ASP A 174 -11.75 12.42 -7.33
N LEU A 175 -12.19 13.64 -7.01
CA LEU A 175 -13.40 13.82 -6.23
C LEU A 175 -14.57 13.14 -6.92
N VAL A 176 -15.24 12.25 -6.19
CA VAL A 176 -16.30 11.43 -6.77
C VAL A 176 -17.57 12.26 -6.92
N ASP A 177 -18.23 12.16 -8.09
CA ASP A 177 -19.52 12.79 -8.36
C ASP A 177 -19.49 14.30 -8.16
N PRO A 178 -18.60 15.03 -8.81
CA PRO A 178 -18.50 16.47 -8.53
C PRO A 178 -19.75 17.22 -8.96
N SER A 179 -20.02 18.32 -8.25
CA SER A 179 -21.21 19.12 -8.49
C SER A 179 -20.92 20.54 -8.07
N CYS A 180 -21.68 21.46 -8.62
CA CYS A 180 -21.57 22.85 -8.22
C CYS A 180 -22.16 23.00 -6.81
N ALA A 181 -21.32 23.36 -5.85
CA ALA A 181 -21.77 23.56 -4.47
C ALA A 181 -22.75 24.73 -4.34
N THR A 182 -22.84 25.60 -5.34
CA THR A 182 -23.70 26.78 -5.27
C THR A 182 -25.09 26.51 -5.84
N CYS A 183 -25.17 25.95 -7.04
CA CYS A 183 -26.44 25.72 -7.72
C CYS A 183 -26.84 24.24 -7.77
N GLY A 184 -25.98 23.34 -7.30
CA GLY A 184 -26.29 21.93 -7.27
C GLY A 184 -26.06 21.20 -8.57
N ALA A 185 -25.80 21.91 -9.67
CA ALA A 185 -25.69 21.26 -10.97
C ALA A 185 -24.48 20.33 -11.00
N ALA A 186 -24.67 19.15 -11.60
CA ALA A 186 -23.56 18.23 -11.84
C ALA A 186 -22.48 18.91 -12.68
N ALA A 187 -21.23 18.75 -12.26
CA ALA A 187 -20.13 19.43 -12.92
C ALA A 187 -19.94 18.91 -14.34
N THR A 188 -19.57 19.81 -15.23
CA THR A 188 -18.99 19.43 -16.51
C THR A 188 -17.48 19.69 -16.40
N GLN A 189 -16.80 19.95 -17.52
CA GLN A 189 -15.36 20.17 -17.45
C GLN A 189 -14.94 21.29 -18.39
N ARG A 190 -13.72 21.79 -18.16
CA ARG A 190 -13.00 22.77 -18.97
C ARG A 190 -11.52 22.56 -18.70
N PRO A 191 -10.66 22.78 -19.72
CA PRO A 191 -9.23 22.70 -19.41
C PRO A 191 -8.78 23.88 -18.60
N LEU A 192 -7.87 23.64 -17.66
CA LEU A 192 -7.31 24.73 -16.89
C LEU A 192 -5.83 24.51 -16.64
N THR A 193 -5.10 25.60 -16.59
CA THR A 193 -3.67 25.53 -16.33
C THR A 193 -3.38 26.17 -15.00
N ARG A 194 -2.79 25.41 -14.11
CA ARG A 194 -2.45 25.93 -12.80
C ARG A 194 -1.07 25.56 -12.30
N TYR A 195 -0.50 26.37 -11.41
CA TYR A 195 0.73 26.00 -10.75
C TYR A 195 0.48 24.94 -9.70
N PHE A 196 1.37 23.93 -9.65
CA PHE A 196 1.35 22.85 -8.68
C PHE A 196 2.73 22.69 -8.05
N MET A 197 2.77 22.08 -6.86
CA MET A 197 4.03 21.67 -6.23
C MET A 197 4.05 20.17 -6.06
N PRO A 198 4.85 19.43 -6.84
CA PRO A 198 4.86 17.98 -6.68
C PRO A 198 5.40 17.59 -5.32
N LEU A 199 4.74 16.61 -4.70
CA LEU A 199 5.15 16.11 -3.39
C LEU A 199 5.78 14.72 -3.47
N GLU A 200 5.53 13.98 -4.54
CA GLU A 200 6.19 12.70 -4.70
C GLU A 200 7.71 12.79 -4.83
N PRO A 201 8.31 13.81 -5.45
CA PRO A 201 9.77 13.93 -5.37
C PRO A 201 10.25 14.03 -3.94
N LEU A 202 9.45 14.57 -3.03
CA LEU A 202 9.86 14.81 -1.66
C LEU A 202 9.56 13.65 -0.75
N ARG A 203 9.24 12.50 -1.30
CA ARG A 203 8.77 11.40 -0.46
C ARG A 203 9.81 11.03 0.61
N ASP A 204 11.09 10.97 0.21
CA ASP A 204 12.14 10.56 1.15
C ASP A 204 12.32 11.59 2.26
N GLU A 205 12.33 12.88 1.91
CA GLU A 205 12.44 13.94 2.90
C GLU A 205 11.24 13.93 3.87
N LEU A 206 10.03 13.76 3.34
CA LEU A 206 8.84 13.78 4.19
C LEU A 206 8.81 12.55 5.09
N SER A 207 9.13 11.38 4.54
CA SER A 207 9.23 10.18 5.36
C SER A 207 10.20 10.39 6.50
N GLY A 208 11.43 10.80 6.17
CA GLY A 208 12.43 11.00 7.19
C GLY A 208 12.05 12.06 8.20
N TYR A 209 11.48 13.17 7.74
CA TYR A 209 11.04 14.22 8.66
C TYR A 209 10.01 13.69 9.65
N LEU A 210 9.02 12.93 9.15
CA LEU A 210 7.95 12.49 10.03
C LEU A 210 8.41 11.34 10.93
N ARG A 211 9.36 10.52 10.47
CA ARG A 211 9.88 9.45 11.31
C ARG A 211 10.47 10.01 12.60
N GLY A 212 11.17 11.15 12.51
CA GLY A 212 11.76 11.81 13.65
C GLY A 212 10.92 12.86 14.37
N ALA A 213 9.68 13.11 13.92
CA ALA A 213 8.79 13.99 14.65
C ALA A 213 7.99 13.21 15.69
N ALA A 214 7.60 13.92 16.75
CA ALA A 214 6.73 13.34 17.78
C ALA A 214 5.25 13.50 17.41
N MET A 215 4.50 12.41 17.56
CA MET A 215 3.06 12.40 17.30
C MET A 215 2.48 11.13 17.93
N HIS A 216 1.18 11.14 18.19
CA HIS A 216 0.63 9.92 18.75
C HIS A 216 0.41 8.88 17.65
N GLY A 217 0.05 7.66 18.09
CA GLY A 217 -0.04 6.54 17.17
C GLY A 217 -1.14 6.69 16.13
N ARG A 218 -2.26 7.33 16.49
CA ARG A 218 -3.34 7.55 15.53
C ARG A 218 -2.83 8.39 14.35
N LEU A 219 -2.14 9.49 14.65
CA LEU A 219 -1.58 10.30 13.58
C LEU A 219 -0.43 9.58 12.87
N ARG A 220 0.36 8.80 13.60
CA ARG A 220 1.45 8.09 12.95
C ARG A 220 0.90 7.15 11.89
N ALA A 221 -0.12 6.37 12.25
CA ALA A 221 -0.73 5.44 11.32
C ALA A 221 -1.39 6.16 10.15
N TYR A 222 -1.89 7.37 10.37
CA TYR A 222 -2.42 8.16 9.25
C TYR A 222 -1.32 8.50 8.25
N THR A 223 -0.16 8.95 8.75
CA THR A 223 0.97 9.26 7.87
C THR A 223 1.40 8.04 7.05
N GLU A 224 1.26 6.83 7.61
CA GLU A 224 1.65 5.62 6.91
C GLU A 224 0.64 5.27 5.80
N ARG A 225 -0.65 5.46 6.08
CA ARG A 225 -1.65 5.30 5.02
C ARG A 225 -1.42 6.29 3.88
N VAL A 226 -1.13 7.56 4.21
CA VAL A 226 -0.83 8.53 3.17
C VAL A 226 0.36 8.08 2.34
N LEU A 227 1.43 7.64 3.01
CA LEU A 227 2.67 7.29 2.31
C LEU A 227 2.58 5.93 1.63
N ALA A 228 1.52 5.16 1.87
CA ALA A 228 1.28 3.90 1.18
C ALA A 228 0.79 4.08 -0.26
N LYS A 229 0.41 5.30 -0.66
CA LYS A 229 0.02 5.62 -2.02
C LYS A 229 0.89 6.77 -2.51
N THR A 230 0.89 6.99 -3.83
CA THR A 230 1.63 8.13 -4.36
C THR A 230 1.10 9.43 -3.77
N LEU A 231 1.96 10.43 -3.71
CA LEU A 231 1.60 11.69 -3.08
C LEU A 231 1.10 12.66 -4.14
N PRO A 232 -0.15 13.12 -4.06
CA PRO A 232 -0.66 14.07 -5.06
C PRO A 232 0.15 15.35 -5.08
N ASP A 233 0.08 16.04 -6.22
CA ASP A 233 0.65 17.38 -6.29
C ASP A 233 -0.17 18.34 -5.44
N LEU A 234 0.51 19.19 -4.69
CA LEU A 234 -0.16 20.26 -3.95
C LEU A 234 -0.55 21.37 -4.89
N PRO A 235 -1.84 21.71 -5.01
CA PRO A 235 -2.22 22.90 -5.80
C PRO A 235 -1.61 24.17 -5.22
N VAL A 236 -1.09 25.01 -6.10
CA VAL A 236 -0.43 26.25 -5.72
C VAL A 236 -1.24 27.47 -6.13
N SER A 237 -1.78 27.45 -7.35
CA SER A 237 -2.61 28.53 -7.87
C SER A 237 -4.04 28.04 -8.04
N ILE A 238 -4.96 28.99 -8.14
CA ILE A 238 -6.37 28.63 -8.28
C ILE A 238 -7.14 29.87 -8.76
N PRO A 239 -8.05 29.74 -9.72
CA PRO A 239 -8.92 30.87 -10.09
C PRO A 239 -9.87 31.18 -8.95
N ALA A 240 -9.83 32.40 -8.44
CA ALA A 240 -10.74 32.78 -7.38
C ALA A 240 -10.84 34.30 -7.33
N GLU A 241 -11.93 34.79 -6.73
CA GLU A 241 -12.17 36.22 -6.67
C GLU A 241 -11.21 36.93 -5.72
N HIS A 242 -10.74 36.23 -4.69
CA HIS A 242 -9.91 36.85 -3.68
C HIS A 242 -8.67 36.01 -3.47
N GLY A 243 -7.62 36.65 -2.97
CA GLY A 243 -6.39 35.94 -2.69
C GLY A 243 -5.15 36.63 -3.20
N ILE A 244 -3.98 36.16 -2.75
CA ILE A 244 -2.69 36.66 -3.21
C ILE A 244 -2.60 36.34 -4.70
N PRO A 245 -2.37 37.34 -5.54
CA PRO A 245 -2.35 37.12 -6.99
C PRO A 245 -1.20 36.25 -7.47
N ILE A 246 -1.49 35.39 -8.45
CA ILE A 246 -0.47 34.60 -9.13
C ILE A 246 -0.79 34.62 -10.61
N HIS A 247 0.17 35.04 -11.44
CA HIS A 247 0.02 35.00 -12.88
C HIS A 247 0.48 33.64 -13.39
N VAL A 248 -0.39 32.97 -14.13
CA VAL A 248 -0.08 31.67 -14.71
C VAL A 248 0.20 31.86 -16.20
N GLU A 249 1.40 31.45 -16.63
CA GLU A 249 1.86 31.67 -18.00
C GLU A 249 1.35 30.57 -18.92
N ASP A 250 1.07 30.96 -20.16
CA ASP A 250 0.64 30.04 -21.21
C ASP A 250 -0.56 29.22 -20.75
N ALA A 251 -1.58 29.91 -20.25
CA ALA A 251 -2.66 29.27 -19.50
C ALA A 251 -3.87 29.01 -20.38
N SER A 252 -4.30 27.74 -20.40
CA SER A 252 -5.69 27.41 -20.69
C SER A 252 -6.56 27.86 -19.51
N GLY A 253 -7.54 28.73 -19.76
CA GLY A 253 -8.36 29.27 -18.71
C GLY A 253 -7.80 30.58 -18.24
N PRO A 254 -8.36 31.16 -17.18
CA PRO A 254 -7.92 32.50 -16.74
C PRO A 254 -6.45 32.48 -16.39
N ALA A 255 -5.72 33.49 -16.88
CA ALA A 255 -4.31 33.58 -16.58
C ALA A 255 -4.04 34.25 -15.25
N GLU A 256 -4.88 35.19 -14.85
CA GLU A 256 -4.74 35.86 -13.55
C GLU A 256 -5.47 35.02 -12.49
N GLN A 257 -4.70 34.35 -11.63
CA GLN A 257 -5.26 33.49 -10.59
C GLN A 257 -4.81 33.93 -9.21
N ARG A 258 -5.03 33.07 -8.21
CA ARG A 258 -4.72 33.36 -6.82
C ARG A 258 -3.96 32.18 -6.22
N MET A 259 -3.30 32.44 -5.09
CA MET A 259 -2.64 31.39 -4.34
C MET A 259 -3.66 30.53 -3.60
N TYR A 260 -3.64 29.23 -3.84
CA TYR A 260 -4.49 28.32 -3.10
C TYR A 260 -4.14 28.36 -1.61
N SER A 261 -5.17 28.22 -0.77
CA SER A 261 -5.00 28.45 0.67
C SER A 261 -3.98 27.50 1.28
N ALA A 262 -4.02 26.22 0.88
CA ALA A 262 -3.11 25.24 1.47
C ALA A 262 -1.65 25.65 1.31
N PHE A 263 -1.30 26.28 0.18
CA PHE A 263 0.06 26.72 -0.05
C PHE A 263 0.45 27.88 0.86
N GLU A 264 -0.53 28.62 1.38
CA GLU A 264 -0.23 29.77 2.23
C GLU A 264 0.30 29.41 3.61
N LEU A 265 0.16 28.15 4.05
CA LEU A 265 0.44 27.80 5.46
C LEU A 265 1.81 28.29 5.90
N ALA A 266 2.86 27.98 5.14
CA ALA A 266 4.19 28.44 5.49
C ALA A 266 4.24 29.95 5.67
N ALA A 267 3.65 30.70 4.72
CA ALA A 267 3.64 32.15 4.81
C ALA A 267 2.85 32.67 6.01
N ARG A 268 1.77 31.97 6.41
CA ARG A 268 1.02 32.41 7.59
C ARG A 268 1.86 32.30 8.84
N PHE A 269 2.56 31.17 8.98
CA PHE A 269 3.47 30.95 10.10
C PHE A 269 4.55 32.04 10.15
N LEU A 270 5.26 32.24 9.04
CA LEU A 270 6.39 33.14 9.06
C LEU A 270 5.96 34.60 9.23
N THR A 271 4.75 34.97 8.79
CA THR A 271 4.28 36.33 9.06
C THR A 271 4.07 36.53 10.55
N ALA A 272 3.49 35.52 11.22
CA ALA A 272 3.30 35.56 12.67
C ALA A 272 4.65 35.65 13.39
N LEU A 273 5.58 34.76 13.03
CA LEU A 273 6.90 34.80 13.66
C LEU A 273 7.59 36.13 13.39
N ASP A 274 7.45 36.68 12.16
CA ASP A 274 8.08 37.95 11.81
C ASP A 274 7.59 39.07 12.71
N GLY A 275 6.28 39.14 12.95
CA GLY A 275 5.75 40.16 13.83
C GLY A 275 6.15 39.94 15.27
N PHE A 276 6.18 38.68 15.71
CA PHE A 276 6.58 38.39 17.08
C PHE A 276 8.03 38.75 17.33
N ALA A 277 8.92 38.44 16.38
CA ALA A 277 10.36 38.61 16.53
C ALA A 277 10.93 39.87 15.90
N ASP A 278 10.13 40.62 15.13
CA ASP A 278 10.60 41.76 14.34
C ASP A 278 11.75 41.35 13.42
N GLY A 279 11.49 40.33 12.60
CA GLY A 279 12.51 39.76 11.73
C GLY A 279 12.62 38.26 11.89
N TRP A 280 11.80 37.51 11.17
CA TRP A 280 11.61 36.09 11.48
C TRP A 280 12.86 35.28 11.17
N GLU A 281 13.58 35.66 10.11
CA GLU A 281 14.63 34.78 9.61
C GLU A 281 15.90 34.88 10.45
N ALA A 282 16.24 36.08 10.90
CA ALA A 282 17.36 36.22 11.82
C ALA A 282 17.07 35.49 13.12
N TYR A 283 15.86 35.68 13.67
CA TYR A 283 15.45 35.01 14.88
C TYR A 283 15.56 33.49 14.74
N ALA A 284 15.09 32.95 13.61
CA ALA A 284 15.12 31.50 13.39
C ALA A 284 16.55 30.97 13.46
N ARG A 285 17.48 31.64 12.79
CA ARG A 285 18.84 31.14 12.73
C ARG A 285 19.61 31.42 14.01
N GLN A 286 19.31 32.54 14.67
CA GLN A 286 20.07 32.86 15.88
C GLN A 286 19.52 32.11 17.09
N GLU A 287 18.19 31.96 17.20
CA GLU A 287 17.59 31.35 18.39
C GLU A 287 17.26 29.87 18.22
N ASN A 288 17.23 29.35 17.00
CA ASN A 288 16.94 27.95 16.74
C ASN A 288 15.67 27.49 17.49
N PRO A 289 14.51 28.09 17.19
CA PRO A 289 13.30 27.72 17.93
C PRO A 289 12.88 26.29 17.68
N ARG A 290 12.23 25.71 18.67
CA ARG A 290 11.46 24.49 18.47
C ARG A 290 10.04 24.90 18.12
N THR A 291 9.42 24.18 17.20
CA THR A 291 8.07 24.50 16.78
C THR A 291 7.16 23.31 17.05
N VAL A 292 6.01 23.57 17.67
CA VAL A 292 5.04 22.53 18.01
C VAL A 292 3.69 22.89 17.36
N LEU A 293 3.16 21.95 16.56
CA LEU A 293 1.88 22.17 15.88
C LEU A 293 0.73 21.56 16.66
N PHE A 294 -0.39 22.27 16.65
CA PHE A 294 -1.65 21.78 17.19
C PHE A 294 -2.71 21.91 16.10
N PHE A 295 -3.49 20.86 15.89
CA PHE A 295 -4.48 20.91 14.83
C PHE A 295 -5.44 19.75 15.02
N GLY A 296 -6.64 19.87 14.41
CA GLY A 296 -7.56 18.75 14.33
C GLY A 296 -7.29 17.86 13.12
N PHE A 297 -7.87 16.65 13.16
CA PHE A 297 -7.52 15.60 12.21
C PHE A 297 -7.86 15.97 10.76
N ASP A 298 -8.87 16.82 10.53
CA ASP A 298 -9.12 17.27 9.16
C ASP A 298 -7.93 18.05 8.61
N ASN A 299 -7.08 18.58 9.48
CA ASN A 299 -5.90 19.32 9.04
C ASN A 299 -4.66 18.43 8.99
N ALA A 300 -4.82 17.10 9.05
CA ALA A 300 -3.67 16.21 9.21
C ALA A 300 -2.74 16.24 7.99
N PHE A 301 -3.31 16.18 6.78
CA PHE A 301 -2.45 16.26 5.60
C PHE A 301 -1.81 17.64 5.50
N LEU A 302 -2.59 18.69 5.77
CA LEU A 302 -2.07 20.03 5.64
C LEU A 302 -0.90 20.28 6.60
N ARG A 303 -0.93 19.67 7.78
CA ARG A 303 0.08 19.96 8.79
C ARG A 303 1.20 18.93 8.87
N ALA A 304 0.93 17.66 8.55
CA ALA A 304 1.98 16.64 8.50
C ALA A 304 2.66 16.52 7.13
N PHE A 305 2.16 17.17 6.09
CA PHE A 305 2.73 16.98 4.75
C PHE A 305 2.91 18.29 4.00
N ALA A 306 1.81 18.99 3.71
CA ALA A 306 1.88 20.18 2.86
C ALA A 306 2.66 21.29 3.53
N PHE A 307 2.40 21.52 4.83
CA PHE A 307 3.12 22.55 5.59
C PHE A 307 4.62 22.29 5.64
N PRO A 308 5.12 21.15 6.13
CA PRO A 308 6.57 20.94 6.08
C PRO A 308 7.14 20.96 4.67
N ALA A 309 6.44 20.37 3.68
CA ALA A 309 6.97 20.36 2.31
C ALA A 309 7.26 21.77 1.83
N VAL A 310 6.24 22.64 1.88
CA VAL A 310 6.41 24.01 1.42
C VAL A 310 7.42 24.75 2.29
N LEU A 311 7.28 24.66 3.62
CA LEU A 311 8.15 25.42 4.52
C LEU A 311 9.60 25.01 4.37
N GLY A 312 9.85 23.69 4.31
CA GLY A 312 11.22 23.21 4.21
C GLY A 312 11.87 23.51 2.87
N ALA A 313 11.08 23.59 1.80
CA ALA A 313 11.64 23.98 0.52
C ALA A 313 11.91 25.48 0.46
N PHE A 314 11.19 26.28 1.24
CA PHE A 314 11.45 27.71 1.25
C PHE A 314 12.71 28.05 2.05
N THR A 315 12.83 27.52 3.27
CA THR A 315 13.92 27.90 4.15
C THR A 315 14.48 26.83 5.07
N ASP A 316 15.68 27.06 5.57
CA ASP A 316 16.30 26.15 6.52
C ASP A 316 16.67 26.92 7.76
N ALA A 317 16.16 28.13 7.88
CA ALA A 317 16.48 28.96 9.01
C ALA A 317 15.91 28.43 10.30
N LEU A 318 14.95 27.55 10.19
CA LEU A 318 14.37 26.96 11.37
C LEU A 318 14.07 25.52 11.13
N PRO A 319 14.22 24.74 12.18
CA PRO A 319 13.88 23.35 12.04
C PRO A 319 12.39 23.16 11.82
N LEU A 320 12.03 22.10 11.10
CA LEU A 320 10.64 21.79 10.90
C LEU A 320 10.01 21.38 12.22
N PRO A 321 8.68 21.50 12.33
CA PRO A 321 8.08 21.26 13.66
C PRO A 321 8.45 19.90 14.24
N GLU A 322 8.94 19.91 15.48
CA GLU A 322 9.41 18.69 16.12
C GLU A 322 8.29 17.85 16.74
N ALA A 323 7.06 18.36 16.84
CA ALA A 323 5.96 17.60 17.41
C ALA A 323 4.65 18.04 16.76
N LEU A 324 3.77 17.07 16.51
CA LEU A 324 2.46 17.33 15.89
C LEU A 324 1.37 16.85 16.85
N VAL A 325 0.67 17.79 17.49
CA VAL A 325 -0.31 17.46 18.54
C VAL A 325 -1.68 17.51 17.88
N CYS A 326 -2.11 16.35 17.38
CA CYS A 326 -3.35 16.20 16.62
C CYS A 326 -4.49 15.75 17.52
N ASN A 327 -5.68 16.32 17.31
CA ASN A 327 -6.87 15.89 18.03
C ASN A 327 -7.97 15.49 17.05
N ASP A 328 -8.96 14.75 17.56
CA ASP A 328 -10.16 14.47 16.78
C ASP A 328 -11.24 15.51 17.08
N PHE A 329 -12.42 15.34 16.49
CA PHE A 329 -13.48 16.34 16.66
C PHE A 329 -14.24 16.15 17.96
N TYR A 330 -14.43 17.23 18.71
CA TYR A 330 -15.37 17.24 19.82
C TYR A 330 -16.80 17.16 19.28
N LEU A 331 -17.65 16.40 19.97
CA LEU A 331 -19.05 16.27 19.63
C LEU A 331 -19.89 17.05 20.63
N LEU A 332 -21.04 17.52 20.17
CA LEU A 332 -22.04 18.16 21.01
C LEU A 332 -23.29 17.31 20.92
N ASP A 333 -23.70 16.72 22.05
CA ASP A 333 -24.85 15.81 22.08
C ASP A 333 -24.74 14.75 20.99
N GLY A 334 -23.53 14.26 20.75
CA GLY A 334 -23.30 13.18 19.82
C GLY A 334 -23.02 13.59 18.39
N GLU A 335 -23.19 14.87 18.04
CA GLU A 335 -22.94 15.36 16.70
C GLU A 335 -21.82 16.39 16.74
N LYS A 336 -20.96 16.39 15.71
CA LYS A 336 -19.77 17.23 15.77
C LYS A 336 -20.13 18.70 15.93
N PHE A 337 -19.36 19.39 16.75
CA PHE A 337 -19.39 20.85 16.75
C PHE A 337 -19.06 21.32 15.34
N SER A 338 -19.94 22.15 14.79
CA SER A 338 -19.84 22.55 13.39
C SER A 338 -20.27 24.01 13.25
N THR A 339 -19.35 24.86 12.78
CA THR A 339 -19.72 26.23 12.48
C THR A 339 -20.73 26.28 11.33
N GLY A 340 -20.43 25.58 10.24
CA GLY A 340 -21.28 25.57 9.07
C GLY A 340 -22.69 25.12 9.41
N ARG A 341 -22.82 23.87 9.87
CA ARG A 341 -24.09 23.28 10.24
C ARG A 341 -24.76 23.96 11.43
N LYS A 342 -24.13 24.98 12.03
CA LYS A 342 -24.69 25.69 13.17
C LYS A 342 -25.15 24.72 14.28
N HIS A 343 -24.34 23.69 14.52
CA HIS A 343 -24.51 22.81 15.67
C HIS A 343 -23.36 23.12 16.61
N ALA A 344 -23.63 23.94 17.62
CA ALA A 344 -22.54 24.49 18.41
C ALA A 344 -23.07 25.07 19.71
N VAL A 345 -22.20 25.07 20.71
CA VAL A 345 -22.25 25.98 21.84
C VAL A 345 -21.07 26.93 21.66
N TRP A 346 -21.37 28.23 21.58
CA TRP A 346 -20.40 29.23 21.17
C TRP A 346 -19.60 29.71 22.37
N ALA A 347 -18.31 29.97 22.14
CA ALA A 347 -17.41 30.29 23.23
C ALA A 347 -17.80 31.60 23.91
N ARG A 348 -18.13 32.63 23.12
CA ARG A 348 -18.46 33.93 23.72
C ARG A 348 -19.70 33.85 24.60
N GLN A 349 -20.66 33.01 24.22
CA GLN A 349 -21.90 32.91 24.98
C GLN A 349 -21.76 32.05 26.23
N ALA A 350 -20.88 31.03 26.21
CA ALA A 350 -20.90 30.04 27.29
C ALA A 350 -19.75 30.16 28.27
N VAL A 351 -18.67 30.86 27.93
CA VAL A 351 -17.47 30.92 28.78
C VAL A 351 -17.43 32.25 29.53
N THR A 352 -17.38 32.18 30.86
CA THR A 352 -17.35 33.34 31.73
C THR A 352 -16.12 33.29 32.63
N PRO A 353 -15.72 34.41 33.22
CA PRO A 353 -14.64 34.36 34.21
C PRO A 353 -14.90 33.36 35.33
N ALA A 354 -16.16 33.16 35.71
CA ALA A 354 -16.49 32.26 36.80
C ALA A 354 -16.40 30.79 36.41
N ASN A 355 -16.59 30.45 35.13
CA ASN A 355 -16.55 29.03 34.77
C ASN A 355 -15.39 28.67 33.82
N ALA A 356 -14.49 29.60 33.51
CA ALA A 356 -13.42 29.28 32.57
C ALA A 356 -12.55 28.13 33.07
N ASP A 357 -12.17 28.15 34.36
CA ASP A 357 -11.30 27.12 34.91
C ASP A 357 -11.99 25.77 34.88
N GLN A 358 -13.25 25.71 35.31
CA GLN A 358 -13.93 24.42 35.39
C GLN A 358 -14.24 23.89 33.99
N LEU A 359 -14.50 24.77 33.04
CA LEU A 359 -14.79 24.30 31.68
C LEU A 359 -13.52 23.78 31.00
N ARG A 360 -12.41 24.48 31.20
CA ARG A 360 -11.15 23.97 30.66
C ARG A 360 -10.81 22.61 31.28
N LEU A 361 -11.07 22.46 32.58
CA LEU A 361 -10.82 21.18 33.23
C LEU A 361 -11.70 20.10 32.62
N TYR A 362 -12.94 20.44 32.29
CA TYR A 362 -13.84 19.42 31.75
C TYR A 362 -13.53 19.07 30.30
N LEU A 363 -13.20 20.05 29.47
CA LEU A 363 -12.78 19.75 28.09
C LEU A 363 -11.52 18.88 28.11
N ALA A 364 -10.61 19.11 29.05
CA ALA A 364 -9.42 18.27 29.15
C ALA A 364 -9.79 16.87 29.67
N ALA A 365 -10.65 16.79 30.69
CA ALA A 365 -11.11 15.50 31.19
C ALA A 365 -11.76 14.67 30.09
N THR A 366 -12.32 15.33 29.08
CA THR A 366 -12.97 14.67 27.96
C THR A 366 -12.24 14.93 26.64
N SER A 367 -10.94 15.24 26.69
CA SER A 367 -10.21 15.75 25.54
C SER A 367 -10.37 14.79 24.36
N PRO A 368 -10.86 15.25 23.22
CA PRO A 368 -10.98 14.38 22.04
C PRO A 368 -9.62 14.12 21.39
N ASP A 369 -8.71 13.50 22.14
CA ASP A 369 -7.31 13.46 21.69
C ASP A 369 -7.14 12.47 20.54
N VAL A 370 -7.60 11.23 20.70
CA VAL A 370 -7.49 10.21 19.66
C VAL A 370 -8.84 9.63 19.28
N ARG A 371 -9.93 10.15 19.84
CA ARG A 371 -11.29 9.78 19.48
C ARG A 371 -12.15 11.03 19.53
N ARG A 372 -13.22 11.02 18.75
CA ARG A 372 -14.28 12.00 18.93
C ARG A 372 -14.98 11.70 20.24
N ARG A 373 -15.05 12.66 21.14
CA ARG A 373 -15.70 12.45 22.43
C ARG A 373 -16.77 13.51 22.61
N ASP A 374 -17.69 13.25 23.54
CA ASP A 374 -18.95 13.97 23.57
C ASP A 374 -18.99 15.00 24.69
N PHE A 375 -19.50 16.19 24.35
CA PHE A 375 -19.86 17.21 25.32
C PHE A 375 -21.37 17.21 25.45
N THR A 376 -21.87 17.03 26.69
CA THR A 376 -23.24 17.38 27.04
C THR A 376 -23.21 18.32 28.24
N THR A 377 -24.22 19.19 28.31
CA THR A 377 -24.35 20.06 29.47
C THR A 377 -24.53 19.22 30.74
N ARG A 378 -25.16 18.06 30.63
CA ARG A 378 -25.31 17.17 31.77
C ARG A 378 -23.94 16.70 32.26
N GLY A 379 -23.22 15.95 31.42
CA GLY A 379 -21.86 15.51 31.76
C GLY A 379 -21.01 16.60 32.38
N TYR A 380 -21.06 17.83 31.81
CA TYR A 380 -20.28 18.95 32.34
C TYR A 380 -20.76 19.37 33.72
N ALA A 381 -22.07 19.54 33.89
CA ALA A 381 -22.59 19.97 35.19
C ALA A 381 -22.29 18.95 36.28
N GLU A 382 -22.43 17.66 35.98
CA GLU A 382 -22.11 16.64 36.96
C GLU A 382 -20.63 16.68 37.34
N PHE A 383 -19.74 16.87 36.38
CA PHE A 383 -18.32 17.02 36.70
C PHE A 383 -18.10 18.16 37.70
N VAL A 384 -18.67 19.33 37.41
CA VAL A 384 -18.51 20.50 38.29
C VAL A 384 -18.99 20.18 39.71
N THR A 385 -20.24 19.72 39.84
CA THR A 385 -20.82 19.59 41.18
C THR A 385 -20.30 18.35 41.91
N ALA A 386 -20.25 17.20 41.24
CA ALA A 386 -19.82 15.98 41.92
C ALA A 386 -18.31 15.94 42.11
N GLU A 387 -17.53 16.22 41.05
CA GLU A 387 -16.08 16.06 41.14
C GLU A 387 -15.38 17.31 41.64
N LEU A 388 -15.55 18.44 40.93
CA LEU A 388 -14.76 19.63 41.27
C LEU A 388 -15.22 20.23 42.61
N ILE A 389 -16.53 20.36 42.81
CA ILE A 389 -17.04 20.88 44.07
C ILE A 389 -17.09 19.77 45.11
N GLY A 390 -17.83 18.70 44.80
CA GLY A 390 -18.03 17.62 45.75
C GLY A 390 -16.76 16.94 46.22
N ARG A 391 -15.64 17.08 45.49
CA ARG A 391 -14.44 16.37 45.91
C ARG A 391 -13.18 17.21 45.93
N TRP A 392 -12.90 17.99 44.88
CA TRP A 392 -11.72 18.85 44.93
C TRP A 392 -11.93 19.97 45.95
N GLN A 393 -13.02 20.73 45.81
CA GLN A 393 -13.33 21.74 46.82
C GLN A 393 -13.39 21.13 48.21
N ARG A 394 -13.96 19.95 48.33
CA ARG A 394 -14.09 19.30 49.63
C ARG A 394 -12.76 19.03 50.34
N ARG A 395 -11.73 18.70 49.59
CA ARG A 395 -10.45 18.38 50.20
C ARG A 395 -9.81 19.62 50.75
N LEU A 396 -9.97 20.71 50.02
CA LEU A 396 -9.41 21.95 50.45
C LEU A 396 -10.02 22.32 51.77
N ASP A 397 -11.33 22.23 51.84
CA ASP A 397 -12.02 22.58 53.06
C ASP A 397 -11.63 21.65 54.22
N ASP A 398 -11.59 20.34 53.96
CA ASP A 398 -11.27 19.39 55.00
C ASP A 398 -9.86 19.57 55.52
N VAL A 399 -8.91 19.71 54.61
CA VAL A 399 -7.54 19.94 55.07
C VAL A 399 -7.45 21.30 55.77
N GLY A 400 -8.10 22.31 55.21
CA GLY A 400 -7.99 23.65 55.75
C GLY A 400 -8.57 23.74 57.15
N GLY A 401 -9.76 23.20 57.35
CA GLY A 401 -10.40 23.27 58.64
C GLY A 401 -9.71 22.44 59.71
N ARG A 402 -9.08 21.32 59.31
CA ARG A 402 -8.35 20.53 60.29
C ARG A 402 -7.01 21.16 60.61
N VAL A 403 -6.47 21.98 59.73
CA VAL A 403 -5.24 22.68 60.06
C VAL A 403 -5.60 23.75 61.06
N ALA A 404 -6.77 24.32 60.91
CA ALA A 404 -7.20 25.30 61.86
C ALA A 404 -7.49 24.67 63.21
N GLU A 405 -8.25 23.59 63.21
CA GLU A 405 -8.61 22.91 64.43
C GLU A 405 -7.43 22.38 65.23
N HIS A 406 -6.45 21.78 64.58
CA HIS A 406 -5.38 21.12 65.31
C HIS A 406 -4.00 21.78 65.26
N PHE A 407 -3.83 22.78 64.41
CA PHE A 407 -2.53 23.40 64.28
C PHE A 407 -2.65 24.91 64.25
N GLY A 408 -3.74 25.44 64.75
CA GLY A 408 -3.90 26.88 64.84
C GLY A 408 -3.75 27.56 63.51
N GLY A 409 -4.13 26.84 62.44
CA GLY A 409 -4.06 27.34 61.09
C GLY A 409 -2.67 27.52 60.52
N LEU A 410 -1.63 27.08 61.22
CA LEU A 410 -0.27 27.20 60.74
C LEU A 410 0.19 25.88 60.16
N THR A 411 0.94 25.94 59.07
CA THR A 411 1.55 24.77 58.49
C THR A 411 2.63 24.23 59.42
N PRO A 412 2.46 23.04 59.98
CA PRO A 412 3.50 22.48 60.84
C PRO A 412 4.66 21.96 60.02
N GLU A 413 5.74 21.65 60.72
CA GLU A 413 6.95 21.08 60.13
C GLU A 413 6.95 19.57 60.34
N ALA A 414 7.09 18.83 59.25
CA ALA A 414 7.07 17.37 59.30
C ALA A 414 8.03 16.83 60.36
N GLY A 415 7.51 15.92 61.18
CA GLY A 415 8.30 15.16 62.12
C GLY A 415 8.70 13.83 61.53
N GLY A 416 8.42 12.73 62.23
CA GLY A 416 8.79 11.42 61.73
C GLY A 416 7.81 10.86 60.70
N TRP A 417 8.12 9.66 60.21
CA TRP A 417 7.37 8.99 59.15
C TRP A 417 6.92 7.61 59.61
N HIS A 418 5.91 7.08 58.92
CA HIS A 418 5.53 5.67 59.04
C HIS A 418 5.12 5.15 57.66
N ALA A 419 4.58 3.94 57.63
CA ALA A 419 4.30 3.28 56.35
C ALA A 419 3.23 4.02 55.57
N GLU A 420 2.16 4.45 56.24
CA GLU A 420 1.07 5.08 55.51
C GLU A 420 1.51 6.41 54.90
N ALA A 421 2.43 7.11 55.57
CA ALA A 421 2.99 8.33 55.01
C ALA A 421 3.88 8.03 53.81
N GLU A 422 4.73 6.98 53.88
CA GLU A 422 5.48 6.54 52.71
C GLU A 422 4.57 6.35 51.51
N ARG A 423 3.53 5.53 51.67
CA ARG A 423 2.63 5.21 50.58
C ARG A 423 2.01 6.48 49.98
N PHE A 424 1.50 7.37 50.85
CA PHE A 424 0.89 8.59 50.34
C PHE A 424 1.90 9.47 49.62
N TYR A 425 3.09 9.62 50.20
CA TYR A 425 4.13 10.39 49.52
C TYR A 425 4.46 9.79 48.17
N GLY A 426 4.48 8.47 48.08
CA GLY A 426 4.75 7.84 46.81
C GLY A 426 3.66 8.14 45.81
N GLN A 427 2.42 8.22 46.28
CA GLN A 427 1.32 8.60 45.40
C GLN A 427 1.47 10.04 44.94
N ILE A 428 1.85 10.95 45.85
CA ILE A 428 2.15 12.32 45.45
C ILE A 428 3.24 12.35 44.38
N LYS A 429 4.23 11.46 44.48
CA LYS A 429 5.30 11.46 43.48
C LYS A 429 4.80 11.00 42.12
N GLU A 430 3.87 10.03 42.09
CA GLU A 430 3.35 9.52 40.83
C GLU A 430 2.44 10.54 40.13
N PHE A 431 1.66 11.29 40.91
CA PHE A 431 0.85 12.39 40.37
C PHE A 431 1.74 13.49 39.79
N ALA A 432 2.66 14.01 40.59
CA ALA A 432 3.62 15.00 40.10
C ALA A 432 4.35 14.52 38.85
N SER A 433 4.63 13.24 38.76
CA SER A 433 5.38 12.76 37.60
C SER A 433 4.50 12.73 36.37
N CYS A 434 3.28 12.21 36.51
CA CYS A 434 2.32 12.26 35.41
C CYS A 434 2.17 13.68 34.87
N ALA A 435 2.12 14.68 35.76
CA ALA A 435 1.88 16.04 35.28
C ALA A 435 3.08 16.57 34.50
N THR A 436 4.31 16.39 35.00
CA THR A 436 5.48 16.86 34.28
C THR A 436 5.63 16.20 32.92
N LEU A 437 5.26 14.93 32.81
CA LEU A 437 5.46 14.19 31.57
C LEU A 437 4.33 14.43 30.56
N ASP A 438 3.09 14.50 31.00
CA ASP A 438 1.97 14.50 30.07
C ASP A 438 1.58 15.90 29.60
N TYR A 439 2.29 16.92 30.05
CA TYR A 439 2.20 18.24 29.44
C TYR A 439 3.29 18.46 28.40
N LEU A 440 4.21 17.51 28.23
CA LEU A 440 5.30 17.68 27.28
C LEU A 440 4.77 17.77 25.85
N PRO A 441 5.30 18.66 25.03
CA PRO A 441 4.94 18.65 23.61
C PRO A 441 5.05 17.28 22.99
N GLY A 442 6.07 16.52 23.38
CA GLY A 442 6.34 15.24 22.75
C GLY A 442 5.38 14.13 23.12
N ARG A 443 4.55 14.33 24.15
CA ARG A 443 3.56 13.34 24.53
C ARG A 443 2.44 14.00 25.31
N PHE A 444 1.81 14.97 24.67
CA PHE A 444 0.84 15.86 25.29
C PHE A 444 -0.47 15.12 25.52
N LYS A 445 -0.80 14.81 26.77
CA LYS A 445 -2.09 14.19 27.09
C LYS A 445 -2.72 14.81 28.32
N PRO A 446 -3.31 16.01 28.18
CA PRO A 446 -4.00 16.61 29.33
C PRO A 446 -5.07 15.72 29.93
N ARG A 447 -5.73 14.88 29.13
CA ARG A 447 -6.77 14.00 29.66
C ARG A 447 -6.23 13.08 30.76
N ALA A 448 -4.98 12.63 30.62
CA ALA A 448 -4.41 11.77 31.64
C ALA A 448 -4.02 12.56 32.89
N VAL A 449 -3.68 13.84 32.74
CA VAL A 449 -3.40 14.65 33.92
C VAL A 449 -4.66 14.85 34.75
N VAL A 450 -5.80 15.10 34.10
CA VAL A 450 -7.04 15.27 34.86
C VAL A 450 -7.44 13.95 35.52
N ALA A 451 -7.34 12.83 34.79
CA ALA A 451 -7.66 11.55 35.42
C ALA A 451 -6.73 11.25 36.60
N ALA A 452 -5.43 11.61 36.47
CA ALA A 452 -4.52 11.38 37.59
C ALA A 452 -4.86 12.27 38.77
N ALA A 453 -5.37 13.48 38.50
CA ALA A 453 -5.84 14.37 39.56
C ALA A 453 -7.00 13.75 40.29
N CYS A 454 -8.00 13.28 39.56
CA CYS A 454 -9.16 12.71 40.20
C CYS A 454 -8.79 11.50 41.05
N ALA A 455 -7.91 10.64 40.55
CA ALA A 455 -7.50 9.49 41.33
C ALA A 455 -6.68 9.94 42.53
N PHE A 456 -5.93 11.03 42.37
CA PHE A 456 -5.10 11.53 43.46
C PHE A 456 -5.94 12.13 44.58
N ILE A 457 -6.98 12.90 44.23
CA ILE A 457 -7.94 13.38 45.23
C ILE A 457 -8.42 12.22 46.10
N ARG A 458 -8.75 11.09 45.47
CA ARG A 458 -9.21 9.93 46.23
C ARG A 458 -8.10 9.37 47.10
N GLN A 459 -6.86 9.37 46.60
CA GLN A 459 -5.77 8.95 47.46
C GLN A 459 -5.63 9.89 48.65
N ALA A 460 -5.80 11.18 48.42
CA ALA A 460 -5.77 12.15 49.51
C ALA A 460 -6.95 11.97 50.46
N GLU A 461 -8.10 11.52 49.96
CA GLU A 461 -9.21 11.24 50.86
C GLU A 461 -8.87 10.08 51.81
N ASP A 462 -8.22 9.04 51.30
CA ASP A 462 -7.75 7.95 52.16
C ASP A 462 -6.81 8.47 53.22
N PHE A 463 -5.83 9.28 52.81
CA PHE A 463 -4.83 9.76 53.76
C PHE A 463 -5.44 10.66 54.82
N ALA A 464 -6.53 11.35 54.52
CA ALA A 464 -7.20 12.14 55.55
C ALA A 464 -7.59 11.27 56.73
N GLU A 465 -8.02 10.02 56.47
CA GLU A 465 -8.31 9.09 57.55
C GLU A 465 -7.06 8.79 58.37
N VAL A 466 -5.91 8.68 57.70
CA VAL A 466 -4.65 8.43 58.39
C VAL A 466 -4.29 9.63 59.26
N SER A 467 -4.42 10.82 58.69
CA SER A 467 -4.15 12.05 59.42
C SER A 467 -5.08 12.21 60.62
N ALA A 468 -6.36 11.88 60.45
CA ALA A 468 -7.33 12.03 61.52
C ALA A 468 -6.99 11.16 62.73
N ASP A 469 -6.35 10.01 62.50
CA ASP A 469 -6.09 9.06 63.57
C ASP A 469 -4.71 9.20 64.18
N ALA A 470 -3.85 10.08 63.66
CA ALA A 470 -2.55 10.26 64.30
C ALA A 470 -2.72 10.84 65.71
N THR A 471 -1.80 10.50 66.59
CA THR A 471 -1.87 10.97 67.97
C THR A 471 -1.72 12.49 68.01
N PRO A 472 -2.65 13.23 68.59
CA PRO A 472 -2.49 14.69 68.64
C PRO A 472 -1.18 15.07 69.31
N GLY A 473 -0.56 16.14 68.81
CA GLY A 473 0.68 16.64 69.35
C GLY A 473 1.93 15.95 68.88
N SER A 474 1.82 14.78 68.26
CA SER A 474 3.00 13.99 67.90
C SER A 474 3.65 14.52 66.63
N GLY A 475 4.89 14.05 66.40
CA GLY A 475 5.59 14.37 65.17
C GLY A 475 4.96 13.75 63.93
N ILE A 476 4.44 12.52 64.05
CA ILE A 476 3.80 11.88 62.90
C ILE A 476 2.53 12.64 62.52
N ALA A 477 1.80 13.15 63.51
CA ALA A 477 0.64 13.99 63.24
C ALA A 477 1.04 15.23 62.43
N ARG A 478 2.19 15.83 62.74
CA ARG A 478 2.68 16.94 61.93
C ARG A 478 2.99 16.46 60.51
N THR A 479 3.63 15.29 60.38
CA THR A 479 3.98 14.78 59.05
C THR A 479 2.73 14.62 58.18
N CYS A 480 1.70 13.99 58.74
CA CYS A 480 0.46 13.78 58.00
C CYS A 480 -0.12 15.09 57.49
N ALA A 481 -0.11 16.12 58.34
CA ALA A 481 -0.67 17.41 57.93
C ALA A 481 0.23 18.08 56.89
N ALA A 482 1.55 18.04 57.09
CA ALA A 482 2.47 18.59 56.11
C ALA A 482 2.30 17.91 54.76
N LEU A 483 2.14 16.59 54.76
CA LEU A 483 1.88 15.86 53.53
C LEU A 483 0.55 16.25 52.91
N GLU A 484 -0.51 16.42 53.71
CA GLU A 484 -1.80 16.81 53.15
C GLU A 484 -1.68 18.17 52.45
N LEU A 485 -0.91 19.07 53.04
CA LEU A 485 -0.66 20.36 52.40
C LEU A 485 0.18 20.18 51.14
N MET A 486 1.27 19.41 51.25
CA MET A 486 2.11 19.13 50.10
C MET A 486 1.29 18.61 48.94
N ALA A 487 0.29 17.77 49.22
CA ALA A 487 -0.55 17.22 48.17
C ALA A 487 -1.37 18.31 47.49
N LEU A 488 -1.92 19.24 48.26
CA LEU A 488 -2.71 20.32 47.65
C LEU A 488 -1.81 21.24 46.85
N ARG A 489 -0.57 21.46 47.32
CA ARG A 489 0.41 22.22 46.56
C ARG A 489 0.70 21.55 45.21
N THR A 490 0.79 20.22 45.22
CA THR A 490 1.07 19.46 44.00
C THR A 490 -0.15 19.47 43.07
N LEU A 491 -1.37 19.47 43.61
CA LEU A 491 -2.55 19.61 42.76
C LEU A 491 -2.55 20.95 42.04
N ALA A 492 -2.30 22.04 42.77
CA ALA A 492 -2.24 23.35 42.16
C ALA A 492 -1.17 23.41 41.09
N MET A 493 0.02 22.86 41.39
CA MET A 493 1.04 22.70 40.36
C MET A 493 0.50 21.95 39.15
N ALA A 494 -0.16 20.80 39.39
CA ALA A 494 -0.48 19.90 38.30
C ALA A 494 -1.61 20.40 37.40
N VAL A 495 -2.58 21.13 37.97
CA VAL A 495 -3.72 21.60 37.18
C VAL A 495 -3.59 23.04 36.69
N TRP A 496 -2.54 23.75 37.11
CA TRP A 496 -2.34 25.13 36.68
C TRP A 496 -2.39 25.33 35.17
N PRO A 497 -1.77 24.50 34.34
CA PRO A 497 -1.88 24.75 32.89
C PRO A 497 -3.31 24.70 32.35
N LEU A 498 -4.21 23.95 32.99
CA LEU A 498 -5.60 23.83 32.59
C LEU A 498 -6.53 24.77 33.36
N ALA A 499 -6.28 25.00 34.65
CA ALA A 499 -7.09 25.88 35.48
C ALA A 499 -6.19 26.89 36.16
N PRO A 500 -5.66 27.86 35.40
CA PRO A 500 -4.62 28.73 35.96
C PRO A 500 -5.13 29.62 37.07
N GLU A 501 -6.39 30.06 37.04
CA GLU A 501 -6.88 30.87 38.14
C GLU A 501 -7.07 30.03 39.40
N PHE A 502 -7.64 28.83 39.26
CA PHE A 502 -7.77 27.93 40.41
C PHE A 502 -6.40 27.57 40.98
N GLY A 503 -5.44 27.24 40.11
CA GLY A 503 -4.10 26.92 40.59
C GLY A 503 -3.46 28.09 41.32
N ARG A 504 -3.61 29.30 40.77
CA ARG A 504 -2.98 30.46 41.37
C ARG A 504 -3.59 30.77 42.75
N ARG A 505 -4.88 30.54 42.91
CA ARG A 505 -5.54 30.84 44.18
C ARG A 505 -5.14 29.85 45.26
N VAL A 506 -5.07 28.56 44.92
CA VAL A 506 -4.59 27.57 45.88
C VAL A 506 -3.13 27.83 46.22
N ALA A 507 -2.33 28.17 45.21
CA ALA A 507 -0.93 28.53 45.43
C ALA A 507 -0.79 29.64 46.47
N ALA A 508 -1.56 30.71 46.31
CA ALA A 508 -1.42 31.86 47.20
C ALA A 508 -1.91 31.53 48.60
N ALA A 509 -2.93 30.67 48.73
CA ALA A 509 -3.29 30.18 50.06
C ALA A 509 -2.16 29.37 50.69
N LEU A 510 -1.30 28.75 49.88
CA LEU A 510 -0.13 28.06 50.40
C LEU A 510 1.09 28.96 50.47
N GLY A 511 0.93 30.24 50.15
CA GLY A 511 1.96 31.21 50.36
C GLY A 511 2.96 31.31 49.24
N GLU A 512 2.54 31.04 48.00
CA GLU A 512 3.45 31.07 46.86
C GLU A 512 2.78 31.74 45.67
N ASP A 513 3.52 32.65 45.03
CA ASP A 513 3.04 33.35 43.86
C ASP A 513 3.18 32.51 42.59
N THR A 514 4.10 31.54 42.58
CA THR A 514 4.30 30.65 41.44
C THR A 514 4.67 29.29 41.98
N ILE A 515 4.29 28.24 41.26
CA ILE A 515 4.75 26.90 41.57
C ILE A 515 5.45 26.33 40.36
N ALA A 516 6.71 25.95 40.53
CA ALA A 516 7.43 25.27 39.47
C ALA A 516 6.74 23.95 39.13
N LEU A 517 6.64 23.67 37.82
CA LEU A 517 6.17 22.39 37.32
C LEU A 517 7.36 21.43 37.26
N GLU A 518 7.38 20.44 38.16
CA GLU A 518 8.57 19.63 38.38
C GLU A 518 8.16 18.30 39.01
N PRO A 519 9.01 17.28 38.89
CA PRO A 519 8.65 15.94 39.44
C PRO A 519 8.76 15.84 40.96
N THR A 520 9.51 16.74 41.61
CA THR A 520 9.75 16.65 43.05
C THR A 520 8.67 17.43 43.82
N PRO A 521 7.87 16.76 44.65
CA PRO A 521 6.93 17.49 45.50
C PRO A 521 7.67 18.34 46.53
N ARG A 522 7.04 19.45 46.94
CA ARG A 522 7.66 20.36 47.87
C ARG A 522 6.78 20.56 49.10
N TRP A 523 7.42 20.74 50.25
CA TRP A 523 6.68 21.07 51.47
C TRP A 523 6.10 22.46 51.38
N VAL A 524 4.97 22.68 52.04
CA VAL A 524 4.53 24.04 52.31
C VAL A 524 5.38 24.61 53.43
N ARG A 525 5.83 25.86 53.27
CA ARG A 525 6.66 26.54 54.25
C ARG A 525 6.03 26.46 55.65
N PRO A 526 6.73 25.89 56.63
CA PRO A 526 6.15 25.81 57.99
C PRO A 526 5.74 27.18 58.49
N ASP A 527 4.66 27.21 59.25
CA ASP A 527 4.06 28.39 59.88
C ASP A 527 3.26 29.21 58.86
N THR A 528 3.21 28.80 57.60
CA THR A 528 2.34 29.46 56.64
C THR A 528 0.90 29.35 57.08
N GLU A 529 0.25 30.50 57.26
CA GLU A 529 -1.18 30.48 57.59
C GLU A 529 -1.97 29.92 56.42
N ILE A 530 -2.85 28.96 56.70
CA ILE A 530 -3.59 28.21 55.68
C ILE A 530 -5.06 28.64 55.73
N LYS A 531 -5.51 29.38 54.73
CA LYS A 531 -6.93 29.68 54.58
C LYS A 531 -7.27 29.55 53.10
N PHE A 532 -8.06 28.53 52.78
CA PHE A 532 -8.53 28.32 51.43
C PHE A 532 -9.88 28.98 51.25
N ALA A 533 -10.14 29.45 50.03
CA ALA A 533 -11.46 29.93 49.68
C ALA A 533 -12.41 28.75 49.55
N THR A 534 -13.69 29.01 49.76
CA THR A 534 -14.66 27.93 49.74
C THR A 534 -15.41 27.84 48.44
N ASP A 535 -15.10 28.68 47.46
CA ASP A 535 -15.97 28.91 46.31
C ASP A 535 -15.15 29.09 45.03
N HIS A 536 -14.17 28.21 44.81
CA HIS A 536 -13.34 28.29 43.60
C HIS A 536 -14.17 28.05 42.35
N PHE A 537 -15.12 27.13 42.41
CA PHE A 537 -15.93 26.76 41.27
C PHE A 537 -17.36 27.20 41.50
N SER A 538 -18.07 27.41 40.39
CA SER A 538 -19.41 27.97 40.48
C SER A 538 -20.39 27.04 39.77
N PRO A 539 -21.38 26.50 40.46
CA PRO A 539 -22.40 25.62 39.87
C PRO A 539 -23.58 26.40 39.30
N ARG B 9 13.58 -16.82 55.69
CA ARG B 9 12.80 -17.05 56.92
C ARG B 9 11.32 -17.32 56.61
N PRO B 10 10.75 -18.37 57.20
CA PRO B 10 9.33 -18.65 56.96
C PRO B 10 8.45 -17.64 57.69
N VAL B 11 7.25 -17.42 57.15
CA VAL B 11 6.26 -16.53 57.76
C VAL B 11 5.08 -17.37 58.26
N LEU B 12 4.75 -17.22 59.54
CA LEU B 12 3.54 -17.80 60.11
C LEU B 12 2.45 -16.73 60.18
N LEU B 13 1.28 -17.01 59.61
CA LEU B 13 0.18 -16.06 59.65
C LEU B 13 -0.84 -16.55 60.68
N LEU B 14 -1.14 -15.71 61.66
CA LEU B 14 -2.01 -16.10 62.77
C LEU B 14 -3.19 -15.15 62.89
N PRO B 15 -4.26 -15.41 62.13
CA PRO B 15 -5.52 -14.69 62.38
C PRO B 15 -6.11 -15.13 63.71
N SER B 16 -7.07 -14.35 64.20
CA SER B 16 -7.77 -14.76 65.40
C SER B 16 -8.42 -16.13 65.21
N PHE B 17 -8.40 -16.94 66.25
CA PHE B 17 -9.15 -18.20 66.27
C PHE B 17 -10.61 -17.87 66.53
N PRO B 18 -11.53 -18.09 65.58
CA PRO B 18 -12.92 -17.69 65.81
C PRO B 18 -13.57 -18.55 66.89
N THR B 19 -14.39 -17.92 67.71
CA THR B 19 -15.11 -18.62 68.78
C THR B 19 -16.13 -19.60 68.19
N PRO B 20 -16.10 -20.88 68.58
CA PRO B 20 -17.00 -21.87 68.02
C PRO B 20 -18.39 -21.89 68.67
N ASN B 21 -19.00 -20.70 68.79
CA ASN B 21 -20.37 -20.55 69.27
C ASN B 21 -21.33 -20.24 68.14
N GLY B 22 -20.91 -20.42 66.89
CA GLY B 22 -21.72 -20.00 65.77
C GLY B 22 -20.92 -20.10 64.48
N GLU B 23 -21.60 -19.70 63.41
CA GLU B 23 -21.08 -19.68 62.05
C GLU B 23 -20.33 -18.38 61.79
N LEU B 24 -19.53 -18.39 60.73
CA LEU B 24 -18.86 -17.18 60.28
C LEU B 24 -19.78 -16.35 59.39
N HIS B 25 -19.71 -15.04 59.56
CA HIS B 25 -20.40 -14.09 58.71
C HIS B 25 -19.38 -13.28 57.90
N LEU B 26 -19.91 -12.50 56.94
CA LEU B 26 -19.03 -11.76 56.03
C LEU B 26 -18.10 -10.81 56.78
N GLY B 27 -18.57 -10.25 57.90
CA GLY B 27 -17.71 -9.42 58.73
C GLY B 27 -16.43 -10.13 59.11
N HIS B 28 -16.55 -11.33 59.69
CA HIS B 28 -15.40 -12.20 59.94
C HIS B 28 -14.50 -12.30 58.72
N LEU B 29 -15.11 -12.58 57.57
CA LEU B 29 -14.34 -12.77 56.35
C LEU B 29 -13.55 -11.52 56.02
N SER B 30 -14.24 -10.37 55.97
CA SER B 30 -13.63 -9.12 55.55
C SER B 30 -12.49 -8.67 56.46
N GLY B 31 -12.42 -9.21 57.67
CA GLY B 31 -11.37 -8.85 58.60
C GLY B 31 -10.19 -9.81 58.53
N PRO B 32 -9.87 -10.49 59.63
CA PRO B 32 -8.56 -11.20 59.68
C PRO B 32 -8.47 -12.41 58.79
N PHE B 33 -9.59 -13.00 58.38
CA PHE B 33 -9.47 -14.25 57.63
C PHE B 33 -9.12 -14.00 56.16
N LEU B 34 -9.79 -13.06 55.48
CA LEU B 34 -9.35 -12.73 54.13
C LEU B 34 -8.00 -12.02 54.14
N ASN B 35 -7.76 -11.13 55.11
CA ASN B 35 -6.45 -10.49 55.21
C ASN B 35 -5.35 -11.53 55.31
N ALA B 36 -5.50 -12.47 56.27
CA ALA B 36 -4.52 -13.52 56.48
C ALA B 36 -4.31 -14.36 55.23
N ASP B 37 -5.41 -14.78 54.58
CA ASP B 37 -5.28 -15.64 53.42
C ASP B 37 -4.67 -14.89 52.24
N ALA B 38 -5.09 -13.63 52.02
CA ALA B 38 -4.49 -12.88 50.92
C ALA B 38 -3.03 -12.59 51.19
N CYS B 39 -2.67 -12.36 52.45
CA CYS B 39 -1.26 -12.17 52.77
C CYS B 39 -0.48 -13.46 52.56
N ARG B 40 -1.08 -14.62 52.91
CA ARG B 40 -0.43 -15.91 52.69
C ARG B 40 -0.18 -16.14 51.21
N ARG B 41 -1.22 -15.98 50.37
CA ARG B 41 -1.06 -16.17 48.93
C ARG B 41 -0.04 -15.20 48.34
N ALA B 42 -0.09 -13.92 48.76
CA ALA B 42 0.89 -12.95 48.26
C ALA B 42 2.32 -13.40 48.54
N LEU B 43 2.58 -13.89 49.75
CA LEU B 43 3.93 -14.31 50.11
C LEU B 43 4.36 -15.53 49.29
N LEU B 44 3.47 -16.52 49.14
CA LEU B 44 3.78 -17.66 48.27
C LEU B 44 4.08 -17.22 46.84
N ALA B 45 3.22 -16.36 46.28
CA ALA B 45 3.47 -15.87 44.92
C ALA B 45 4.76 -15.10 44.81
N ALA B 46 5.22 -14.48 45.89
CA ALA B 46 6.51 -13.77 45.87
C ALA B 46 7.68 -14.68 46.19
N GLY B 47 7.44 -15.98 46.30
CA GLY B 47 8.51 -16.93 46.52
C GLY B 47 8.92 -17.14 47.96
N GLU B 48 8.14 -16.65 48.91
CA GLU B 48 8.45 -16.83 50.32
C GLU B 48 7.78 -18.08 50.86
N ARG B 49 8.26 -18.53 52.02
CA ARG B 49 7.61 -19.62 52.74
C ARG B 49 6.57 -19.01 53.68
N ALA B 50 5.31 -19.44 53.55
CA ALA B 50 4.24 -18.80 54.30
C ALA B 50 3.20 -19.84 54.67
N HIS B 51 2.76 -19.83 55.93
CA HIS B 51 1.86 -20.83 56.44
C HIS B 51 0.86 -20.18 57.38
N LEU B 52 -0.41 -20.52 57.21
CA LEU B 52 -1.49 -19.96 58.02
C LEU B 52 -1.86 -20.95 59.11
N LEU B 53 -1.92 -20.48 60.35
CA LEU B 53 -2.24 -21.30 61.50
C LEU B 53 -3.63 -20.93 62.01
N LEU B 54 -4.49 -21.92 62.18
CA LEU B 54 -5.88 -21.67 62.48
C LEU B 54 -6.37 -22.67 63.50
N GLY B 55 -7.54 -22.37 64.05
CA GLY B 55 -8.22 -23.29 64.93
C GLY B 55 -9.42 -22.61 65.55
N THR B 56 -10.21 -23.43 66.25
CA THR B 56 -11.26 -22.98 67.16
C THR B 56 -11.00 -23.46 68.58
N VAL B 57 -9.80 -24.00 68.85
CA VAL B 57 -9.47 -24.53 70.17
C VAL B 57 -9.41 -23.40 71.19
N GLY B 58 -9.61 -23.77 72.45
CA GLY B 58 -9.72 -22.83 73.56
C GLY B 58 -11.07 -22.95 74.26
N HIS B 59 -11.19 -22.21 75.34
CA HIS B 59 -12.42 -22.16 76.11
C HIS B 59 -12.90 -20.72 76.20
N GLN B 60 -14.14 -20.48 75.83
CA GLN B 60 -14.77 -19.17 75.97
C GLN B 60 -16.08 -19.34 76.73
N SER B 61 -16.40 -18.37 77.58
CA SER B 61 -17.68 -18.44 78.28
C SER B 61 -18.85 -18.42 77.31
N GLN B 62 -18.67 -17.78 76.14
CA GLN B 62 -19.74 -17.75 75.15
C GLN B 62 -20.06 -19.15 74.63
N VAL B 63 -19.06 -20.03 74.55
CA VAL B 63 -19.33 -21.37 74.02
C VAL B 63 -20.10 -22.18 75.05
N SER B 64 -19.66 -22.16 76.31
CA SER B 64 -20.36 -22.92 77.36
C SER B 64 -21.77 -22.38 77.59
N ALA B 65 -21.93 -21.05 77.56
CA ALA B 65 -23.27 -20.46 77.60
C ALA B 65 -24.13 -20.97 76.45
N ALA B 66 -23.60 -20.95 75.22
CA ALA B 66 -24.33 -21.48 74.08
C ALA B 66 -24.65 -22.96 74.24
N ALA B 67 -23.77 -23.71 74.91
CA ALA B 67 -24.01 -25.13 75.11
C ALA B 67 -25.12 -25.38 76.12
N GLU B 68 -25.22 -24.55 77.16
CA GLU B 68 -26.34 -24.65 78.08
C GLU B 68 -27.66 -24.34 77.37
N ALA B 69 -27.72 -23.18 76.71
CA ALA B 69 -28.96 -22.73 76.08
C ALA B 69 -29.36 -23.65 74.93
N GLU B 70 -28.40 -24.15 74.17
CA GLU B 70 -28.70 -25.13 73.15
C GLU B 70 -28.96 -26.51 73.72
N GLY B 71 -28.65 -26.73 74.99
CA GLY B 71 -28.91 -28.01 75.63
C GLY B 71 -28.11 -29.15 75.07
N LEU B 72 -26.77 -29.05 75.16
CA LEU B 72 -25.84 -30.12 74.83
C LEU B 72 -24.47 -29.70 75.35
N SER B 73 -23.51 -30.64 75.29
CA SER B 73 -22.26 -30.45 76.01
C SER B 73 -21.36 -29.42 75.32
N PHE B 74 -20.48 -28.79 76.12
CA PHE B 74 -19.48 -27.87 75.60
C PHE B 74 -18.82 -28.46 74.36
N HIS B 75 -18.32 -29.69 74.48
CA HIS B 75 -17.54 -30.29 73.41
C HIS B 75 -18.37 -30.55 72.15
N GLU B 76 -19.67 -30.80 72.29
CA GLU B 76 -20.46 -31.14 71.11
C GLU B 76 -20.86 -29.90 70.32
N LEU B 77 -21.33 -28.86 71.00
CA LEU B 77 -21.62 -27.61 70.30
C LEU B 77 -20.36 -27.06 69.63
N ALA B 78 -19.27 -26.98 70.39
CA ALA B 78 -18.03 -26.40 69.86
C ALA B 78 -17.53 -27.16 68.65
N GLU B 79 -17.62 -28.50 68.68
CA GLU B 79 -17.18 -29.27 67.52
C GLU B 79 -18.16 -29.11 66.35
N ARG B 80 -19.46 -29.07 66.64
CA ARG B 80 -20.45 -28.86 65.59
C ARG B 80 -20.23 -27.52 64.91
N ASN B 81 -20.10 -26.46 65.70
CA ASN B 81 -19.86 -25.15 65.12
C ASN B 81 -18.54 -25.12 64.35
N THR B 82 -17.56 -25.88 64.81
CA THR B 82 -16.28 -25.92 64.11
C THR B 82 -16.46 -26.45 62.69
N ASP B 83 -17.30 -27.47 62.50
CA ASP B 83 -17.58 -27.97 61.16
C ASP B 83 -18.21 -26.88 60.31
N ALA B 84 -19.08 -26.07 60.90
CA ALA B 84 -19.70 -24.98 60.15
C ALA B 84 -18.67 -23.91 59.77
N ILE B 85 -17.78 -23.57 60.70
CA ILE B 85 -16.73 -22.59 60.45
C ILE B 85 -15.80 -23.07 59.34
N ILE B 86 -15.37 -24.33 59.41
CA ILE B 86 -14.54 -24.89 58.35
C ILE B 86 -15.24 -24.80 57.01
N GLU B 87 -16.52 -25.20 56.96
CA GLU B 87 -17.27 -25.11 55.70
C GLU B 87 -17.32 -23.68 55.20
N GLY B 88 -17.53 -22.72 56.10
CA GLY B 88 -17.53 -21.33 55.70
C GLY B 88 -16.17 -20.88 55.16
N LEU B 89 -15.09 -21.27 55.84
CA LEU B 89 -13.77 -20.87 55.37
C LEU B 89 -13.44 -21.49 54.00
N GLN B 90 -13.81 -22.75 53.79
CA GLN B 90 -13.51 -23.38 52.50
C GLN B 90 -14.33 -22.75 51.38
N ALA B 91 -15.58 -22.38 51.66
CA ALA B 91 -16.41 -21.78 50.62
C ALA B 91 -15.80 -20.48 50.13
N ALA B 92 -15.27 -19.67 51.04
CA ALA B 92 -14.59 -18.42 50.75
C ALA B 92 -13.15 -18.61 50.29
N GLY B 93 -12.66 -19.84 50.24
CA GLY B 93 -11.30 -20.08 49.80
C GLY B 93 -10.24 -19.65 50.79
N ILE B 94 -10.55 -19.66 52.07
CA ILE B 94 -9.55 -19.39 53.11
C ILE B 94 -8.87 -20.72 53.44
N ASP B 95 -7.59 -20.83 53.12
CA ASP B 95 -6.82 -22.05 53.33
C ASP B 95 -5.96 -21.94 54.58
N TRP B 96 -5.62 -23.09 55.13
CA TRP B 96 -4.79 -23.14 56.33
C TRP B 96 -3.83 -24.30 56.21
N ASP B 97 -2.77 -24.26 57.02
CA ASP B 97 -1.77 -25.30 57.09
C ASP B 97 -1.96 -26.22 58.28
N VAL B 98 -2.75 -25.79 59.28
CA VAL B 98 -3.11 -26.60 60.43
C VAL B 98 -4.39 -26.01 61.00
N PHE B 99 -5.25 -26.88 61.53
CA PHE B 99 -6.50 -26.45 62.14
C PHE B 99 -6.65 -27.20 63.45
N VAL B 100 -6.58 -26.48 64.57
CA VAL B 100 -6.68 -27.06 65.90
C VAL B 100 -8.16 -27.05 66.32
N ARG B 101 -8.80 -28.21 66.28
CA ARG B 101 -10.19 -28.35 66.68
C ARG B 101 -10.33 -28.27 68.20
N PRO B 102 -11.54 -27.99 68.71
CA PRO B 102 -11.71 -27.83 70.17
C PRO B 102 -11.20 -29.00 71.00
N SER B 103 -11.47 -30.24 70.59
CA SER B 103 -11.05 -31.40 71.38
C SER B 103 -9.67 -31.93 70.99
N GLU B 104 -8.77 -31.04 70.58
CA GLU B 104 -7.37 -31.41 70.37
C GLU B 104 -6.77 -31.94 71.67
N PRO B 105 -6.39 -33.22 71.71
CA PRO B 105 -5.96 -33.80 73.01
C PRO B 105 -4.63 -33.27 73.51
N ALA B 106 -3.79 -32.69 72.66
CA ALA B 106 -2.51 -32.16 73.13
C ALA B 106 -2.63 -30.77 73.74
N TYR B 107 -3.76 -30.09 73.53
CA TYR B 107 -3.91 -28.72 73.99
C TYR B 107 -3.83 -28.57 75.50
N PRO B 108 -4.56 -29.35 76.32
CA PRO B 108 -4.50 -29.14 77.77
C PRO B 108 -3.12 -29.25 78.35
N ALA B 109 -2.26 -30.09 77.78
CA ALA B 109 -0.88 -30.16 78.26
C ALA B 109 -0.11 -28.90 77.89
N MET B 110 -0.31 -28.37 76.67
CA MET B 110 0.39 -27.15 76.29
C MET B 110 -0.04 -25.99 77.18
N ALA B 111 -1.36 -25.81 77.35
CA ALA B 111 -1.85 -24.72 78.17
C ALA B 111 -1.33 -24.82 79.61
N THR B 112 -1.34 -26.02 80.17
CA THR B 112 -0.86 -26.21 81.53
C THR B 112 0.63 -25.91 81.63
N SER B 113 1.42 -26.37 80.66
CA SER B 113 2.85 -26.16 80.77
C SER B 113 3.23 -24.70 80.67
N VAL B 114 2.42 -23.89 79.96
CA VAL B 114 2.66 -22.45 79.94
C VAL B 114 2.36 -21.83 81.29
N PHE B 115 1.21 -22.19 81.86
CA PHE B 115 0.89 -21.70 83.21
C PHE B 115 1.98 -22.06 84.20
N GLU B 116 2.46 -23.31 84.16
CA GLU B 116 3.34 -23.78 85.22
C GLU B 116 4.70 -23.11 85.17
N SER B 117 5.26 -22.89 83.95
CA SER B 117 6.56 -22.23 83.87
C SER B 117 6.46 -20.76 84.25
N LEU B 118 5.41 -20.08 83.79
CA LEU B 118 5.21 -18.69 84.20
C LEU B 118 5.05 -18.60 85.71
N ARG B 119 4.24 -19.51 86.29
CA ARG B 119 4.11 -19.53 87.74
C ARG B 119 5.45 -19.76 88.44
N ASP B 120 6.25 -20.70 87.94
CA ASP B 120 7.53 -21.02 88.57
C ASP B 120 8.58 -19.95 88.37
N ARG B 121 8.51 -19.21 87.27
CA ARG B 121 9.43 -18.10 87.09
C ARG B 121 9.02 -16.90 87.93
N GLY B 122 7.95 -17.01 88.70
CA GLY B 122 7.52 -15.88 89.50
C GLY B 122 6.93 -14.71 88.72
N VAL B 123 6.38 -14.93 87.52
CA VAL B 123 5.71 -13.83 86.84
C VAL B 123 4.19 -13.84 87.05
N LEU B 124 3.65 -14.82 87.75
CA LEU B 124 2.24 -14.79 88.12
C LEU B 124 2.11 -14.44 89.59
N VAL B 125 0.93 -13.94 89.97
CA VAL B 125 0.65 -13.66 91.38
C VAL B 125 -0.78 -14.06 91.69
N ARG B 126 -1.00 -14.45 92.94
CA ARG B 126 -2.35 -14.63 93.45
C ARG B 126 -2.76 -13.37 94.22
N ARG B 127 -4.00 -12.95 94.01
CA ARG B 127 -4.55 -11.82 94.74
C ARG B 127 -5.97 -12.15 95.18
N THR B 128 -6.34 -11.66 96.35
CA THR B 128 -7.68 -11.76 96.88
C THR B 128 -8.28 -10.38 96.91
N GLU B 129 -9.39 -10.19 96.21
CA GLU B 129 -10.05 -8.90 96.15
C GLU B 129 -11.56 -9.09 96.15
N PRO B 130 -12.31 -8.07 96.56
CA PRO B 130 -13.79 -8.14 96.43
C PRO B 130 -14.16 -8.28 94.96
N THR B 131 -14.92 -9.32 94.67
CA THR B 131 -15.22 -9.71 93.30
C THR B 131 -16.72 -9.73 93.09
N ASN B 132 -17.16 -9.23 91.93
CA ASN B 132 -18.60 -9.09 91.69
C ASN B 132 -19.29 -10.45 91.77
N TYR B 133 -20.45 -10.48 92.40
CA TYR B 133 -21.11 -11.74 92.72
C TYR B 133 -22.61 -11.53 92.57
N CYS B 134 -23.32 -12.56 92.09
CA CYS B 134 -24.76 -12.55 92.00
C CYS B 134 -25.32 -13.55 93.01
N GLU B 135 -26.03 -13.06 94.03
CA GLU B 135 -26.61 -13.99 94.99
C GLU B 135 -27.73 -14.82 94.38
N PRO B 136 -28.72 -14.25 93.69
CA PRO B 136 -29.80 -15.12 93.15
C PRO B 136 -29.25 -16.26 92.29
N CYS B 137 -28.23 -15.98 91.46
CA CYS B 137 -27.60 -17.01 90.64
C CYS B 137 -26.55 -17.85 91.39
N GLY B 138 -26.03 -17.36 92.52
CA GLY B 138 -25.01 -18.07 93.27
C GLY B 138 -23.69 -18.23 92.54
N ARG B 139 -23.15 -17.16 91.93
CA ARG B 139 -21.92 -17.28 91.16
C ARG B 139 -21.18 -15.96 91.13
N PHE B 140 -19.85 -16.03 90.94
CA PHE B 140 -19.09 -14.82 90.69
C PHE B 140 -19.40 -14.31 89.29
N LEU B 141 -19.30 -13.01 89.13
CA LEU B 141 -19.64 -12.34 87.87
C LEU B 141 -18.34 -11.89 87.20
N LEU B 142 -17.84 -12.65 86.25
CA LEU B 142 -16.65 -12.27 85.50
C LEU B 142 -16.87 -12.63 84.04
N GLU B 143 -15.96 -12.17 83.18
CA GLU B 143 -16.07 -12.24 81.72
C GLU B 143 -17.49 -11.93 81.25
N ALA B 144 -18.00 -12.80 80.38
CA ALA B 144 -19.29 -12.55 79.76
C ALA B 144 -20.45 -12.77 80.71
N PHE B 145 -20.20 -13.28 81.92
CA PHE B 145 -21.24 -13.42 82.92
C PHE B 145 -21.53 -12.12 83.66
N VAL B 146 -20.68 -11.10 83.53
CA VAL B 146 -20.95 -9.81 84.16
C VAL B 146 -21.27 -8.80 83.05
N ALA B 147 -22.18 -7.89 83.37
CA ALA B 147 -22.52 -6.75 82.53
C ALA B 147 -22.20 -5.49 83.29
N GLY B 148 -21.97 -4.41 82.54
CA GLY B 148 -21.63 -3.14 83.14
C GLY B 148 -21.04 -2.18 82.12
N HIS B 149 -20.54 -1.07 82.63
CA HIS B 149 -20.15 0.06 81.81
C HIS B 149 -18.63 0.23 81.80
N CYS B 150 -18.06 0.36 80.61
CA CYS B 150 -16.63 0.58 80.49
C CYS B 150 -16.24 1.85 81.25
N PRO B 151 -15.22 1.77 82.12
CA PRO B 151 -14.86 2.92 82.94
C PRO B 151 -14.22 4.06 82.14
N HIS B 152 -13.76 3.77 80.94
CA HIS B 152 -13.19 4.78 80.09
C HIS B 152 -14.27 5.44 79.23
N CYS B 153 -15.03 4.68 78.48
CA CYS B 153 -15.99 5.25 77.53
C CYS B 153 -17.50 5.14 77.81
N GLY B 154 -17.89 4.38 78.83
CA GLY B 154 -19.28 4.24 79.17
C GLY B 154 -20.09 3.21 78.43
N SER B 155 -19.51 2.63 77.41
CA SER B 155 -20.21 1.63 76.63
C SER B 155 -20.52 0.41 77.46
N ASN B 156 -21.65 -0.20 77.19
CA ASN B 156 -22.06 -1.39 77.91
C ASN B 156 -21.70 -2.64 77.15
N GLN B 157 -21.11 -2.48 76.00
CA GLN B 157 -20.68 -3.62 75.22
C GLN B 157 -19.44 -4.15 75.88
N THR B 158 -19.63 -4.75 77.03
CA THR B 158 -18.50 -5.19 77.80
C THR B 158 -18.52 -6.63 78.18
N ALA B 159 -17.35 -7.23 78.35
CA ALA B 159 -17.26 -8.58 78.85
C ALA B 159 -16.20 -8.55 79.91
N GLY B 160 -16.57 -8.12 81.10
CA GLY B 160 -15.61 -8.02 82.17
C GLY B 160 -14.58 -6.95 81.92
N ILE B 161 -13.37 -7.35 81.57
CA ILE B 161 -12.28 -6.41 81.37
C ILE B 161 -12.16 -5.86 79.97
N GLU B 162 -12.99 -6.31 79.07
CA GLU B 162 -12.88 -5.89 77.68
C GLU B 162 -14.05 -5.05 77.15
N CYS B 163 -13.72 -3.94 76.53
CA CYS B 163 -14.73 -3.08 75.92
C CYS B 163 -14.60 -3.17 74.42
N GLU B 164 -15.68 -3.53 73.75
CA GLU B 164 -15.63 -3.72 72.30
C GLU B 164 -15.44 -2.40 71.57
N LEU B 165 -15.83 -1.32 72.20
CA LEU B 165 -15.69 -0.02 71.59
C LEU B 165 -14.30 0.67 71.81
N CYS B 166 -13.91 0.94 73.07
CA CYS B 166 -12.60 1.57 73.35
C CYS B 166 -11.46 0.61 73.21
N ALA B 167 -11.65 -0.63 73.63
CA ALA B 167 -10.56 -1.60 73.66
C ALA B 167 -9.55 -1.21 74.72
N LEU B 168 -9.82 -0.14 75.44
CA LEU B 168 -8.94 0.23 76.53
C LEU B 168 -9.08 -0.74 77.67
N PRO B 169 -7.96 -1.22 78.15
CA PRO B 169 -7.99 -2.21 79.21
C PRO B 169 -8.35 -1.64 80.59
N TYR B 170 -8.91 -2.48 81.45
CA TYR B 170 -9.25 -2.06 82.81
C TYR B 170 -9.35 -3.24 83.77
N ASP B 171 -9.18 -2.99 85.05
CA ASP B 171 -9.35 -4.01 86.06
C ASP B 171 -10.83 -4.37 86.27
N ASP B 172 -11.11 -5.63 86.58
CA ASP B 172 -12.46 -6.08 86.82
C ASP B 172 -13.18 -5.24 87.86
N ARG B 173 -12.45 -4.80 88.86
CA ARG B 173 -13.02 -4.01 89.93
C ARG B 173 -13.40 -2.60 89.50
N ASP B 174 -13.08 -2.24 88.27
CA ASP B 174 -13.37 -0.90 87.80
C ASP B 174 -14.55 -0.88 86.83
N LEU B 175 -15.13 -2.03 86.52
CA LEU B 175 -16.33 -2.05 85.70
C LEU B 175 -17.38 -1.26 86.42
N VAL B 176 -18.06 -0.40 85.69
CA VAL B 176 -19.03 0.47 86.34
C VAL B 176 -20.43 -0.11 86.27
N ASP B 177 -21.17 -0.02 87.37
CA ASP B 177 -22.52 -0.56 87.47
C ASP B 177 -22.58 -2.05 87.18
N PRO B 178 -21.73 -2.82 87.86
CA PRO B 178 -21.71 -4.27 87.59
C PRO B 178 -23.05 -4.96 87.86
N SER B 179 -23.44 -5.84 86.98
CA SER B 179 -24.70 -6.55 87.14
C SER B 179 -24.58 -7.93 86.50
N CYS B 180 -25.45 -8.83 86.91
CA CYS B 180 -25.45 -10.20 86.40
C CYS B 180 -25.94 -10.23 84.96
N ALA B 181 -25.13 -10.78 84.05
CA ALA B 181 -25.51 -10.89 82.64
C ALA B 181 -26.54 -11.98 82.38
N THR B 182 -26.79 -12.84 83.37
CA THR B 182 -27.81 -13.88 83.25
C THR B 182 -29.18 -13.32 83.63
N CYS B 183 -29.30 -12.84 84.89
CA CYS B 183 -30.57 -12.46 85.48
C CYS B 183 -30.75 -10.96 85.63
N GLY B 184 -29.70 -10.15 85.48
CA GLY B 184 -29.83 -8.72 85.54
C GLY B 184 -29.73 -8.11 86.93
N ALA B 185 -29.59 -8.93 87.98
CA ALA B 185 -29.46 -8.39 89.33
C ALA B 185 -28.19 -7.57 89.48
N ALA B 186 -28.29 -6.50 90.27
CA ALA B 186 -27.12 -5.71 90.60
C ALA B 186 -26.13 -6.56 91.38
N ALA B 187 -24.84 -6.40 91.05
CA ALA B 187 -23.82 -7.22 91.69
C ALA B 187 -23.69 -6.86 93.17
N THR B 188 -23.42 -7.87 93.99
CA THR B 188 -22.74 -7.67 95.26
C THR B 188 -21.27 -8.06 95.08
N GLN B 189 -20.52 -8.12 96.19
CA GLN B 189 -19.11 -8.50 96.18
C GLN B 189 -18.80 -9.51 97.27
N ARG B 190 -17.98 -10.49 96.91
CA ARG B 190 -17.49 -11.48 97.83
C ARG B 190 -16.00 -11.63 97.57
N PRO B 191 -15.20 -11.87 98.59
CA PRO B 191 -13.76 -12.05 98.36
C PRO B 191 -13.50 -13.28 97.50
N LEU B 192 -12.53 -13.16 96.60
CA LEU B 192 -12.10 -14.25 95.72
C LEU B 192 -10.61 -14.14 95.45
N THR B 193 -9.91 -15.28 95.50
CA THR B 193 -8.50 -15.36 95.15
C THR B 193 -8.38 -15.94 93.75
N ARG B 194 -7.56 -15.29 92.90
CA ARG B 194 -7.29 -15.78 91.56
C ARG B 194 -5.83 -15.51 91.19
N TYR B 195 -5.37 -16.22 90.15
CA TYR B 195 -4.09 -15.91 89.54
C TYR B 195 -4.22 -14.76 88.55
N PHE B 196 -3.25 -13.84 88.58
CA PHE B 196 -3.14 -12.75 87.61
C PHE B 196 -1.72 -12.73 87.08
N MET B 197 -1.55 -12.13 85.91
CA MET B 197 -0.21 -11.81 85.40
C MET B 197 -0.06 -10.30 85.27
N PRO B 198 0.70 -9.67 86.17
CA PRO B 198 0.95 -8.23 86.06
C PRO B 198 1.60 -7.89 84.73
N LEU B 199 1.09 -6.84 84.09
CA LEU B 199 1.66 -6.32 82.86
C LEU B 199 2.46 -5.06 83.08
N GLU B 200 2.08 -4.26 84.09
CA GLU B 200 2.81 -3.03 84.39
C GLU B 200 4.31 -3.25 84.59
N PRO B 201 4.80 -4.28 85.29
CA PRO B 201 6.25 -4.47 85.38
C PRO B 201 6.91 -4.74 84.03
N LEU B 202 6.15 -5.13 83.01
CA LEU B 202 6.71 -5.33 81.69
C LEU B 202 6.51 -4.12 80.78
N ARG B 203 6.22 -2.94 81.35
CA ARG B 203 5.93 -1.75 80.58
C ARG B 203 7.01 -1.46 79.54
N ASP B 204 8.29 -1.52 79.95
CA ASP B 204 9.37 -1.13 79.05
C ASP B 204 9.58 -2.18 77.97
N GLU B 205 9.50 -3.45 78.34
CA GLU B 205 9.60 -4.52 77.35
C GLU B 205 8.51 -4.39 76.29
N LEU B 206 7.26 -4.16 76.71
CA LEU B 206 6.13 -4.07 75.79
C LEU B 206 6.20 -2.80 74.93
N SER B 207 6.62 -1.67 75.52
CA SER B 207 6.84 -0.47 74.72
C SER B 207 7.92 -0.70 73.67
N GLY B 208 9.06 -1.25 74.08
CA GLY B 208 10.11 -1.57 73.12
C GLY B 208 9.64 -2.50 72.01
N TYR B 209 8.97 -3.60 72.39
CA TYR B 209 8.44 -4.51 71.38
C TYR B 209 7.54 -3.76 70.39
N LEU B 210 6.54 -3.03 70.90
CA LEU B 210 5.58 -2.41 70.00
C LEU B 210 6.24 -1.36 69.11
N ARG B 211 7.26 -0.67 69.62
CA ARG B 211 7.95 0.31 68.80
C ARG B 211 8.59 -0.32 67.57
N GLY B 212 9.08 -1.56 67.70
CA GLY B 212 9.68 -2.24 66.57
C GLY B 212 8.72 -3.00 65.70
N ALA B 213 7.45 -3.11 66.11
CA ALA B 213 6.49 -3.84 65.31
C ALA B 213 5.84 -2.92 64.27
N ALA B 214 5.47 -3.52 63.15
CA ALA B 214 4.74 -2.82 62.11
C ALA B 214 3.24 -2.83 62.44
N MET B 215 2.60 -1.67 62.32
CA MET B 215 1.15 -1.53 62.43
C MET B 215 0.77 -0.16 61.86
N HIS B 216 -0.52 0.03 61.59
CA HIS B 216 -0.90 1.32 61.03
C HIS B 216 -1.11 2.35 62.13
N GLY B 217 -1.22 3.62 61.72
CA GLY B 217 -1.23 4.73 62.67
C GLY B 217 -2.37 4.65 63.65
N ARG B 218 -3.49 4.06 63.23
CA ARG B 218 -4.63 3.88 64.10
C ARG B 218 -4.30 2.93 65.26
N LEU B 219 -3.78 1.74 64.95
CA LEU B 219 -3.38 0.83 66.02
C LEU B 219 -2.27 1.44 66.87
N ARG B 220 -1.32 2.11 66.22
CA ARG B 220 -0.23 2.78 66.93
C ARG B 220 -0.78 3.77 67.95
N ALA B 221 -1.77 4.56 67.53
CA ALA B 221 -2.37 5.57 68.41
C ALA B 221 -3.10 4.89 69.56
N TYR B 222 -3.74 3.76 69.28
CA TYR B 222 -4.32 2.95 70.33
C TYR B 222 -3.26 2.53 71.35
N THR B 223 -2.17 1.93 70.89
CA THR B 223 -1.18 1.45 71.84
C THR B 223 -0.64 2.59 72.71
N GLU B 224 -0.49 3.79 72.14
CA GLU B 224 -0.02 4.92 72.94
C GLU B 224 -1.07 5.35 73.95
N ARG B 225 -2.36 5.27 73.61
CA ARG B 225 -3.38 5.55 74.59
C ARG B 225 -3.39 4.51 75.71
N VAL B 226 -3.09 3.25 75.40
CA VAL B 226 -3.01 2.23 76.44
C VAL B 226 -1.83 2.51 77.37
N LEU B 227 -0.65 2.72 76.80
CA LEU B 227 0.57 2.93 77.60
C LEU B 227 0.56 4.24 78.40
N ALA B 228 -0.38 5.16 78.11
CA ALA B 228 -0.52 6.39 78.87
C ALA B 228 -1.14 6.17 80.25
N LYS B 229 -1.66 4.99 80.54
CA LYS B 229 -2.15 4.66 81.87
C LYS B 229 -1.42 3.42 82.37
N THR B 230 -1.63 3.16 83.65
CA THR B 230 -1.19 1.90 84.23
C THR B 230 -1.73 0.74 83.43
N LEU B 231 -0.87 -0.22 83.13
CA LEU B 231 -1.33 -1.45 82.51
C LEU B 231 -2.02 -2.30 83.57
N PRO B 232 -3.28 -2.68 83.40
CA PRO B 232 -3.90 -3.60 84.35
C PRO B 232 -3.36 -5.02 84.19
N ASP B 233 -3.48 -5.78 85.28
CA ASP B 233 -3.12 -7.19 85.29
C ASP B 233 -3.94 -7.99 84.28
N LEU B 234 -3.33 -9.04 83.73
CA LEU B 234 -4.06 -10.01 82.93
C LEU B 234 -4.56 -11.12 83.85
N PRO B 235 -5.87 -11.32 84.00
CA PRO B 235 -6.35 -12.47 84.78
C PRO B 235 -5.85 -13.77 84.15
N VAL B 236 -5.45 -14.71 85.00
CA VAL B 236 -4.98 -16.01 84.55
C VAL B 236 -5.98 -17.11 84.89
N SER B 237 -6.61 -17.03 86.05
CA SER B 237 -7.55 -18.05 86.48
C SER B 237 -8.89 -17.38 86.77
N ILE B 238 -9.92 -18.20 86.77
CA ILE B 238 -11.29 -17.74 86.92
C ILE B 238 -12.15 -18.94 87.34
N PRO B 239 -13.12 -18.77 88.24
CA PRO B 239 -14.08 -19.86 88.49
C PRO B 239 -15.01 -20.03 87.29
N ALA B 240 -15.17 -21.27 86.85
CA ALA B 240 -15.96 -21.56 85.66
C ALA B 240 -16.26 -23.04 85.62
N GLU B 241 -17.26 -23.41 84.81
CA GLU B 241 -17.68 -24.80 84.69
C GLU B 241 -16.80 -25.59 83.73
N HIS B 242 -16.15 -24.94 82.76
CA HIS B 242 -15.32 -25.65 81.80
C HIS B 242 -14.01 -24.91 81.61
N GLY B 243 -13.00 -25.67 81.20
CA GLY B 243 -11.71 -25.11 80.87
C GLY B 243 -10.58 -25.89 81.50
N ILE B 244 -9.36 -25.48 81.16
CA ILE B 244 -8.15 -26.06 81.71
C ILE B 244 -8.13 -25.77 83.21
N PRO B 245 -8.03 -26.79 84.05
CA PRO B 245 -8.18 -26.56 85.49
C PRO B 245 -6.93 -25.91 86.05
N ILE B 246 -7.15 -25.06 87.05
CA ILE B 246 -6.08 -24.42 87.81
C ILE B 246 -6.45 -24.50 89.29
N HIS B 247 -5.54 -25.02 90.10
CA HIS B 247 -5.72 -25.03 91.54
C HIS B 247 -5.17 -23.74 92.13
N VAL B 248 -5.97 -23.04 92.92
CA VAL B 248 -5.58 -21.80 93.58
C VAL B 248 -5.41 -22.12 95.06
N GLU B 249 -4.18 -22.27 95.53
CA GLU B 249 -3.98 -22.62 96.93
C GLU B 249 -4.33 -21.45 97.85
N ASP B 250 -4.90 -21.80 99.01
CA ASP B 250 -5.22 -20.84 100.07
C ASP B 250 -6.22 -19.80 99.58
N ALA B 251 -7.15 -20.24 98.75
CA ALA B 251 -8.06 -19.32 98.08
C ALA B 251 -9.22 -18.97 98.99
N SER B 252 -9.49 -17.68 99.15
CA SER B 252 -10.84 -17.26 99.48
C SER B 252 -11.71 -17.57 98.28
N GLY B 253 -12.85 -18.23 98.50
CA GLY B 253 -13.69 -18.67 97.41
C GLY B 253 -13.23 -20.02 96.91
N PRO B 254 -13.77 -20.45 95.77
CA PRO B 254 -13.41 -21.77 95.22
C PRO B 254 -11.93 -21.88 94.87
N ALA B 255 -11.28 -22.93 95.39
CA ALA B 255 -9.88 -23.16 95.05
C ALA B 255 -9.72 -23.82 93.67
N GLU B 256 -10.70 -24.56 93.20
CA GLU B 256 -10.58 -25.25 91.91
C GLU B 256 -11.16 -24.35 90.82
N GLN B 257 -10.27 -23.73 90.04
CA GLN B 257 -10.66 -22.72 89.06
C GLN B 257 -10.26 -23.18 87.66
N ARG B 258 -10.49 -22.32 86.69
CA ARG B 258 -10.17 -22.61 85.31
C ARG B 258 -9.27 -21.52 84.77
N MET B 259 -8.67 -21.81 83.63
CA MET B 259 -7.80 -20.86 82.98
C MET B 259 -8.64 -19.85 82.20
N TYR B 260 -8.37 -18.57 82.42
CA TYR B 260 -9.09 -17.54 81.69
C TYR B 260 -8.72 -17.54 80.21
N SER B 261 -9.73 -17.36 79.35
CA SER B 261 -9.55 -17.57 77.91
C SER B 261 -8.43 -16.71 77.34
N ALA B 262 -8.31 -15.45 77.79
CA ALA B 262 -7.29 -14.57 77.22
C ALA B 262 -5.87 -15.03 77.55
N PHE B 263 -5.67 -15.75 78.67
CA PHE B 263 -4.33 -16.22 78.99
C PHE B 263 -3.91 -17.34 78.07
N GLU B 264 -4.88 -18.01 77.44
CA GLU B 264 -4.68 -19.16 76.57
C GLU B 264 -4.08 -18.80 75.19
N LEU B 265 -4.07 -17.53 74.77
CA LEU B 265 -3.68 -17.24 73.38
C LEU B 265 -2.31 -17.83 73.03
N ALA B 266 -1.34 -17.71 73.94
CA ALA B 266 0.01 -18.20 73.63
C ALA B 266 0.00 -19.71 73.40
N ALA B 267 -0.74 -20.45 74.23
CA ALA B 267 -0.82 -21.90 74.09
C ALA B 267 -1.60 -22.32 72.86
N ARG B 268 -2.62 -21.55 72.48
CA ARG B 268 -3.33 -21.86 71.23
C ARG B 268 -2.37 -21.76 70.05
N PHE B 269 -1.54 -20.71 70.05
CA PHE B 269 -0.60 -20.51 68.96
C PHE B 269 0.43 -21.63 68.92
N LEU B 270 1.02 -21.95 70.08
CA LEU B 270 2.06 -22.98 70.13
C LEU B 270 1.50 -24.38 69.88
N THR B 271 0.27 -24.67 70.32
CA THR B 271 -0.37 -25.93 69.94
C THR B 271 -0.50 -26.04 68.41
N ALA B 272 -0.87 -24.96 67.73
CA ALA B 272 -1.02 -25.02 66.27
C ALA B 272 0.35 -25.15 65.60
N LEU B 273 1.32 -24.34 66.02
CA LEU B 273 2.69 -24.48 65.51
C LEU B 273 3.22 -25.90 65.72
N ASP B 274 2.97 -26.46 66.91
CA ASP B 274 3.47 -27.80 67.24
C ASP B 274 2.86 -28.85 66.30
N GLY B 275 1.56 -28.74 66.01
CA GLY B 275 0.93 -29.66 65.08
C GLY B 275 1.34 -29.45 63.64
N PHE B 276 1.69 -28.22 63.27
CA PHE B 276 2.20 -27.94 61.93
C PHE B 276 3.63 -28.47 61.75
N ALA B 277 4.50 -28.23 62.72
CA ALA B 277 5.91 -28.57 62.57
C ALA B 277 6.30 -29.92 63.14
N ASP B 278 5.44 -30.53 63.98
CA ASP B 278 5.78 -31.76 64.70
C ASP B 278 6.96 -31.51 65.65
N GLY B 279 6.80 -30.48 66.49
CA GLY B 279 7.84 -30.01 67.37
C GLY B 279 8.03 -28.50 67.26
N TRP B 280 7.22 -27.73 67.99
CA TRP B 280 7.21 -26.28 67.79
C TRP B 280 8.55 -25.68 68.15
N GLU B 281 9.17 -26.15 69.23
CA GLU B 281 10.33 -25.46 69.78
C GLU B 281 11.56 -25.64 68.91
N ALA B 282 11.76 -26.86 68.42
CA ALA B 282 12.87 -27.10 67.50
C ALA B 282 12.66 -26.33 66.21
N TYR B 283 11.43 -26.33 65.70
CA TYR B 283 11.12 -25.54 64.50
C TYR B 283 11.42 -24.06 64.74
N ALA B 284 10.99 -23.54 65.88
CA ALA B 284 11.17 -22.13 66.18
C ALA B 284 12.66 -21.79 66.21
N ARG B 285 13.44 -22.60 66.93
CA ARG B 285 14.86 -22.33 67.09
C ARG B 285 15.64 -22.54 65.80
N GLN B 286 15.22 -23.50 64.95
CA GLN B 286 15.97 -23.76 63.73
C GLN B 286 15.58 -22.79 62.61
N GLU B 287 14.30 -22.42 62.52
CA GLU B 287 13.81 -21.68 61.36
C GLU B 287 13.73 -20.17 61.57
N ASN B 288 13.67 -19.72 62.83
CA ASN B 288 13.56 -18.31 63.16
C ASN B 288 12.38 -17.66 62.45
N PRO B 289 11.17 -18.19 62.61
CA PRO B 289 10.06 -17.74 61.77
C PRO B 289 9.63 -16.33 62.12
N ARG B 290 9.08 -15.65 61.12
CA ARG B 290 8.42 -14.37 61.30
C ARG B 290 6.94 -14.65 61.55
N THR B 291 6.36 -14.00 62.56
CA THR B 291 4.95 -14.21 62.87
C THR B 291 4.17 -12.92 62.61
N VAL B 292 3.00 -13.05 61.99
CA VAL B 292 2.14 -11.92 61.62
C VAL B 292 0.75 -12.18 62.21
N LEU B 293 0.23 -11.23 63.00
CA LEU B 293 -1.10 -11.34 63.59
C LEU B 293 -2.12 -10.57 62.76
N PHE B 294 -3.34 -11.13 62.66
CA PHE B 294 -4.47 -10.45 62.03
C PHE B 294 -5.63 -10.56 63.00
N PHE B 295 -6.27 -9.43 63.31
CA PHE B 295 -7.31 -9.42 64.32
C PHE B 295 -8.17 -8.18 64.15
N GLY B 296 -9.44 -8.29 64.60
CA GLY B 296 -10.27 -7.13 64.72
C GLY B 296 -9.93 -6.31 65.96
N PHE B 297 -10.37 -5.05 65.92
CA PHE B 297 -9.94 -4.05 66.91
C PHE B 297 -10.37 -4.41 68.32
N ASP B 298 -11.47 -5.17 68.48
CA ASP B 298 -11.85 -5.60 69.83
C ASP B 298 -10.80 -6.54 70.44
N ASN B 299 -9.96 -7.16 69.61
CA ASN B 299 -8.86 -7.97 70.07
C ASN B 299 -7.53 -7.20 70.15
N ALA B 300 -7.57 -5.86 70.15
CA ALA B 300 -6.34 -5.09 70.08
C ALA B 300 -5.49 -5.26 71.35
N PHE B 301 -6.11 -5.13 72.52
CA PHE B 301 -5.30 -5.28 73.74
C PHE B 301 -4.81 -6.70 73.89
N LEU B 302 -5.64 -7.68 73.53
CA LEU B 302 -5.21 -9.07 73.64
C LEU B 302 -4.02 -9.37 72.73
N ARG B 303 -4.01 -8.83 71.51
CA ARG B 303 -3.02 -9.28 70.54
C ARG B 303 -1.77 -8.44 70.57
N ALA B 304 -1.86 -7.19 71.02
CA ALA B 304 -0.70 -6.31 71.05
C ALA B 304 -0.06 -6.22 72.42
N PHE B 305 -0.77 -6.61 73.49
CA PHE B 305 -0.20 -6.54 74.83
C PHE B 305 -0.18 -7.91 75.51
N ALA B 306 -1.34 -8.56 75.65
CA ALA B 306 -1.43 -9.74 76.48
C ALA B 306 -0.72 -10.92 75.82
N PHE B 307 -0.92 -11.08 74.52
CA PHE B 307 -0.28 -12.19 73.81
C PHE B 307 1.24 -12.09 73.84
N PRO B 308 1.86 -10.99 73.41
CA PRO B 308 3.34 -10.92 73.51
C PRO B 308 3.85 -11.00 74.95
N ALA B 309 3.12 -10.47 75.93
CA ALA B 309 3.59 -10.60 77.31
C ALA B 309 3.67 -12.08 77.71
N VAL B 310 2.65 -12.87 77.38
CA VAL B 310 2.66 -14.27 77.82
C VAL B 310 3.68 -15.05 77.03
N LEU B 311 3.64 -14.97 75.71
CA LEU B 311 4.54 -15.75 74.87
C LEU B 311 5.99 -15.41 75.18
N GLY B 312 6.30 -14.11 75.29
CA GLY B 312 7.67 -13.71 75.57
C GLY B 312 8.15 -14.16 76.93
N ALA B 313 7.25 -14.17 77.93
CA ALA B 313 7.65 -14.68 79.23
C ALA B 313 7.80 -16.19 79.23
N PHE B 314 7.13 -16.90 78.31
CA PHE B 314 7.23 -18.36 78.27
C PHE B 314 8.47 -18.84 77.53
N THR B 315 8.86 -18.18 76.44
CA THR B 315 9.89 -18.75 75.59
C THR B 315 10.56 -17.64 74.79
N ASP B 316 11.84 -17.86 74.46
CA ASP B 316 12.55 -17.00 73.51
C ASP B 316 12.89 -17.75 72.23
N ALA B 317 12.37 -18.95 72.06
CA ALA B 317 12.60 -19.73 70.84
C ALA B 317 12.05 -19.06 69.59
N LEU B 318 11.09 -18.13 69.74
CA LEU B 318 10.32 -17.48 68.69
C LEU B 318 10.48 -15.98 68.84
N PRO B 319 10.77 -15.23 67.77
CA PRO B 319 10.60 -13.78 67.88
C PRO B 319 9.11 -13.44 68.03
N LEU B 320 8.82 -12.41 68.81
CA LEU B 320 7.47 -11.92 68.93
C LEU B 320 6.97 -11.42 67.57
N PRO B 321 5.65 -11.35 67.38
CA PRO B 321 5.11 -11.03 66.04
C PRO B 321 5.59 -9.68 65.53
N GLU B 322 6.14 -9.69 64.31
CA GLU B 322 6.76 -8.52 63.73
C GLU B 322 5.76 -7.54 63.11
N ALA B 323 4.51 -7.94 62.97
CA ALA B 323 3.53 -7.11 62.29
C ALA B 323 2.16 -7.43 62.88
N LEU B 324 1.40 -6.39 63.19
CA LEU B 324 0.05 -6.51 63.71
C LEU B 324 -0.90 -5.90 62.68
N VAL B 325 -1.75 -6.72 62.07
CA VAL B 325 -2.62 -6.24 61.01
C VAL B 325 -4.03 -6.19 61.59
N CYS B 326 -4.43 -5.01 62.04
CA CYS B 326 -5.68 -4.80 62.77
C CYS B 326 -6.71 -4.13 61.87
N ASN B 327 -7.93 -4.66 61.89
CA ASN B 327 -9.06 -4.13 61.13
C ASN B 327 -10.15 -3.61 62.06
N ASP B 328 -11.02 -2.76 61.52
CA ASP B 328 -12.21 -2.33 62.22
C ASP B 328 -13.38 -3.24 61.84
N PHE B 329 -14.57 -2.94 62.36
CA PHE B 329 -15.70 -3.83 62.14
C PHE B 329 -16.39 -3.51 60.81
N TYR B 330 -16.61 -4.55 60.01
CA TYR B 330 -17.50 -4.47 58.85
C TYR B 330 -18.94 -4.33 59.30
N LEU B 331 -19.68 -3.42 58.66
CA LEU B 331 -21.10 -3.23 58.95
C LEU B 331 -21.97 -3.86 57.88
N LEU B 332 -23.14 -4.32 58.29
CA LEU B 332 -24.20 -4.77 57.39
C LEU B 332 -25.33 -3.76 57.43
N ASP B 333 -25.60 -3.12 56.29
CA ASP B 333 -26.58 -2.05 56.19
C ASP B 333 -26.45 -1.07 57.35
N GLY B 334 -25.22 -0.55 57.51
CA GLY B 334 -24.92 0.45 58.51
C GLY B 334 -24.82 -0.05 59.94
N GLU B 335 -25.08 -1.34 60.20
CA GLU B 335 -24.98 -1.92 61.52
C GLU B 335 -24.00 -3.09 61.50
N LYS B 336 -23.17 -3.18 62.53
CA LYS B 336 -22.06 -4.13 62.50
C LYS B 336 -22.54 -5.57 62.46
N PHE B 337 -21.90 -6.38 61.62
CA PHE B 337 -22.11 -7.82 61.65
C PHE B 337 -21.90 -8.32 63.07
N SER B 338 -22.86 -9.10 63.56
CA SER B 338 -22.79 -9.59 64.93
C SER B 338 -23.53 -10.92 65.01
N THR B 339 -22.80 -11.95 65.43
CA THR B 339 -23.46 -13.22 65.73
C THR B 339 -24.42 -13.05 66.91
N GLY B 340 -23.99 -12.29 67.92
CA GLY B 340 -24.83 -12.06 69.09
C GLY B 340 -26.09 -11.28 68.78
N ARG B 341 -25.96 -10.17 68.03
CA ARG B 341 -27.10 -9.34 67.66
C ARG B 341 -27.94 -9.95 66.55
N LYS B 342 -27.63 -11.17 66.10
CA LYS B 342 -28.36 -11.86 65.04
C LYS B 342 -28.45 -11.02 63.76
N HIS B 343 -27.48 -10.14 63.55
CA HIS B 343 -27.42 -9.26 62.39
C HIS B 343 -26.21 -9.68 61.55
N ALA B 344 -26.45 -10.49 60.52
CA ALA B 344 -25.34 -11.03 59.76
C ALA B 344 -25.80 -11.56 58.41
N VAL B 345 -24.85 -11.63 57.48
CA VAL B 345 -24.95 -12.46 56.29
C VAL B 345 -23.93 -13.58 56.47
N TRP B 346 -24.41 -14.82 56.54
CA TRP B 346 -23.57 -15.96 56.89
C TRP B 346 -22.80 -16.48 55.68
N ALA B 347 -21.55 -16.86 55.91
CA ALA B 347 -20.66 -17.26 54.82
C ALA B 347 -21.18 -18.51 54.11
N ARG B 348 -21.59 -19.53 54.87
CA ARG B 348 -22.02 -20.78 54.24
C ARG B 348 -23.24 -20.59 53.35
N GLN B 349 -24.07 -19.59 53.65
CA GLN B 349 -25.26 -19.33 52.86
C GLN B 349 -24.98 -18.44 51.65
N ALA B 350 -24.08 -17.47 51.77
CA ALA B 350 -23.91 -16.45 50.75
C ALA B 350 -22.76 -16.72 49.79
N VAL B 351 -21.81 -17.60 50.14
CA VAL B 351 -20.60 -17.80 49.35
C VAL B 351 -20.67 -19.14 48.63
N THR B 352 -20.44 -19.10 47.32
CA THR B 352 -20.44 -20.23 46.41
C THR B 352 -19.17 -20.17 45.58
N PRO B 353 -18.79 -21.27 44.94
CA PRO B 353 -17.65 -21.20 44.01
C PRO B 353 -17.86 -20.19 42.90
N ALA B 354 -19.12 -19.92 42.52
CA ALA B 354 -19.35 -19.01 41.41
C ALA B 354 -19.08 -17.56 41.79
N ASN B 355 -19.21 -17.21 43.07
CA ASN B 355 -19.07 -15.81 43.48
C ASN B 355 -17.96 -15.57 44.51
N ALA B 356 -17.19 -16.59 44.88
CA ALA B 356 -16.22 -16.39 45.95
C ALA B 356 -15.19 -15.34 45.56
N ASP B 357 -14.72 -15.40 44.30
CA ASP B 357 -13.71 -14.44 43.86
C ASP B 357 -14.25 -13.01 43.87
N GLN B 358 -15.45 -12.80 43.32
CA GLN B 358 -15.96 -11.44 43.25
C GLN B 358 -16.34 -10.91 44.62
N LEU B 359 -16.71 -11.81 45.54
CA LEU B 359 -17.05 -11.39 46.90
C LEU B 359 -15.80 -11.00 47.66
N ARG B 360 -14.76 -11.85 47.61
CA ARG B 360 -13.46 -11.49 48.15
C ARG B 360 -12.99 -10.15 47.60
N LEU B 361 -13.08 -9.97 46.28
CA LEU B 361 -12.67 -8.70 45.68
C LEU B 361 -13.46 -7.54 46.26
N TYR B 362 -14.76 -7.72 46.46
CA TYR B 362 -15.57 -6.61 46.97
C TYR B 362 -15.21 -6.29 48.42
N LEU B 363 -15.09 -7.32 49.26
CA LEU B 363 -14.68 -7.12 50.64
C LEU B 363 -13.37 -6.36 50.72
N ALA B 364 -12.40 -6.70 49.87
CA ALA B 364 -11.16 -5.93 49.79
C ALA B 364 -11.43 -4.51 49.34
N ALA B 365 -12.31 -4.33 48.36
CA ALA B 365 -12.64 -3.00 47.87
C ALA B 365 -13.20 -2.13 48.99
N THR B 366 -13.89 -2.75 49.94
CA THR B 366 -14.51 -2.03 51.05
C THR B 366 -13.88 -2.42 52.39
N SER B 367 -12.63 -2.90 52.37
CA SER B 367 -11.94 -3.41 53.55
C SER B 367 -12.10 -2.47 54.74
N PRO B 368 -12.68 -2.92 55.85
CA PRO B 368 -12.72 -2.06 57.03
C PRO B 368 -11.37 -2.02 57.75
N ASP B 369 -10.38 -1.42 57.07
CA ASP B 369 -9.00 -1.51 57.56
C ASP B 369 -8.77 -0.57 58.73
N VAL B 370 -9.09 0.72 58.57
CA VAL B 370 -8.95 1.72 59.63
C VAL B 370 -10.26 2.42 59.94
N ARG B 371 -11.35 1.94 59.39
CA ARG B 371 -12.65 2.53 59.61
C ARG B 371 -13.67 1.46 59.49
N ARG B 372 -14.82 1.64 60.12
CA ARG B 372 -15.89 0.72 59.96
C ARG B 372 -16.50 1.01 58.61
N ARG B 373 -16.54 0.04 57.74
CA ARG B 373 -17.04 0.28 56.42
C ARG B 373 -18.27 -0.57 56.18
N ASP B 374 -19.08 -0.19 55.22
CA ASP B 374 -20.36 -0.85 55.05
C ASP B 374 -20.58 -1.77 53.88
N PHE B 375 -21.33 -2.80 54.12
CA PHE B 375 -21.66 -3.74 53.09
C PHE B 375 -23.14 -3.68 52.79
N THR B 376 -23.48 -3.47 51.54
CA THR B 376 -24.87 -3.52 51.14
C THR B 376 -24.99 -4.46 49.99
N THR B 377 -26.04 -5.25 49.98
CA THR B 377 -26.28 -6.09 48.82
C THR B 377 -26.23 -5.26 47.54
N ARG B 378 -26.72 -4.01 47.59
CA ARG B 378 -26.73 -3.18 46.40
C ARG B 378 -25.32 -2.81 45.98
N GLY B 379 -24.53 -2.26 46.91
CA GLY B 379 -23.15 -1.89 46.59
C GLY B 379 -22.35 -3.06 46.07
N TYR B 380 -22.57 -4.25 46.62
CA TYR B 380 -21.92 -5.45 46.10
C TYR B 380 -22.39 -5.73 44.67
N ALA B 381 -23.68 -5.59 44.41
CA ALA B 381 -24.23 -5.91 43.09
C ALA B 381 -23.71 -4.95 42.01
N GLU B 382 -23.68 -3.64 42.30
CA GLU B 382 -23.13 -2.68 41.33
C GLU B 382 -21.64 -2.92 41.07
N PHE B 383 -20.90 -3.35 42.08
CA PHE B 383 -19.49 -3.64 41.89
C PHE B 383 -19.30 -4.81 40.93
N VAL B 384 -20.02 -5.91 41.15
CA VAL B 384 -19.88 -7.06 40.26
C VAL B 384 -20.24 -6.68 38.82
N THR B 385 -21.43 -6.12 38.62
CA THR B 385 -21.94 -5.96 37.26
C THR B 385 -21.23 -4.81 36.52
N ALA B 386 -21.16 -3.63 37.15
CA ALA B 386 -20.57 -2.47 36.48
C ALA B 386 -19.03 -2.55 36.38
N GLU B 387 -18.36 -3.04 37.44
CA GLU B 387 -16.90 -3.02 37.49
C GLU B 387 -16.30 -4.34 36.99
N LEU B 388 -16.57 -5.44 37.70
CA LEU B 388 -15.94 -6.72 37.37
C LEU B 388 -16.41 -7.25 36.02
N ILE B 389 -17.72 -7.32 35.80
CA ILE B 389 -18.22 -7.75 34.50
C ILE B 389 -18.06 -6.62 33.48
N GLY B 390 -18.51 -5.42 33.82
CA GLY B 390 -18.58 -4.31 32.87
C GLY B 390 -17.24 -3.73 32.45
N ARG B 391 -16.21 -3.87 33.26
CA ARG B 391 -14.93 -3.35 32.78
C ARG B 391 -13.80 -4.36 32.83
N TRP B 392 -13.71 -5.19 33.88
CA TRP B 392 -12.63 -6.17 33.92
C TRP B 392 -12.83 -7.24 32.84
N GLN B 393 -14.00 -7.89 32.84
CA GLN B 393 -14.31 -8.89 31.82
C GLN B 393 -14.33 -8.29 30.42
N ARG B 394 -14.87 -7.09 30.27
CA ARG B 394 -14.89 -6.45 28.96
C ARG B 394 -13.48 -6.20 28.43
N ARG B 395 -12.52 -5.92 29.32
CA ARG B 395 -11.13 -5.80 28.89
C ARG B 395 -10.59 -7.14 28.38
N LEU B 396 -10.92 -8.25 29.08
CA LEU B 396 -10.48 -9.56 28.62
C LEU B 396 -11.03 -9.88 27.24
N ASP B 397 -12.35 -9.70 27.06
CA ASP B 397 -12.99 -9.91 25.76
C ASP B 397 -12.37 -9.03 24.67
N ASP B 398 -12.12 -7.76 24.98
CA ASP B 398 -11.64 -6.83 23.95
C ASP B 398 -10.21 -7.18 23.52
N VAL B 399 -9.30 -7.33 24.49
CA VAL B 399 -7.93 -7.76 24.19
C VAL B 399 -7.95 -9.11 23.48
N GLY B 400 -8.77 -10.04 23.96
CA GLY B 400 -8.85 -11.33 23.30
C GLY B 400 -9.31 -11.21 21.86
N GLY B 401 -10.30 -10.35 21.61
CA GLY B 401 -10.81 -10.20 20.27
C GLY B 401 -9.81 -9.60 19.31
N ARG B 402 -9.03 -8.62 19.79
CA ARG B 402 -8.03 -7.97 18.94
C ARG B 402 -6.92 -8.95 18.57
N VAL B 403 -6.50 -9.80 19.53
CA VAL B 403 -5.44 -10.76 19.26
C VAL B 403 -5.88 -11.74 18.19
N ALA B 404 -7.12 -12.22 18.27
CA ALA B 404 -7.66 -13.11 17.25
C ALA B 404 -7.76 -12.43 15.89
N GLU B 405 -8.11 -11.14 15.88
CA GLU B 405 -8.37 -10.45 14.62
C GLU B 405 -7.08 -10.04 13.92
N HIS B 406 -6.19 -9.34 14.63
CA HIS B 406 -4.98 -8.85 13.97
C HIS B 406 -3.81 -9.80 14.09
N PHE B 407 -3.94 -10.88 14.85
CA PHE B 407 -2.80 -11.78 15.05
C PHE B 407 -3.17 -13.25 14.99
N GLY B 408 -4.42 -13.58 14.64
CA GLY B 408 -4.82 -14.96 14.56
C GLY B 408 -4.87 -15.69 15.87
N GLY B 409 -4.95 -14.96 16.98
CA GLY B 409 -4.99 -15.57 18.30
C GLY B 409 -3.62 -15.85 18.92
N LEU B 410 -2.54 -15.50 18.24
CA LEU B 410 -1.19 -15.79 18.70
C LEU B 410 -0.52 -14.54 19.28
N THR B 411 -0.04 -14.64 20.51
CA THR B 411 0.75 -13.60 21.14
C THR B 411 1.89 -13.19 20.21
N PRO B 412 2.00 -11.93 19.83
CA PRO B 412 3.15 -11.48 19.05
C PRO B 412 4.31 -11.12 19.96
N GLU B 413 5.48 -10.99 19.35
CA GLU B 413 6.65 -10.43 20.00
C GLU B 413 6.69 -8.92 19.78
N ALA B 414 7.03 -8.18 20.83
CA ALA B 414 7.12 -6.72 20.72
C ALA B 414 8.13 -6.31 19.65
N GLY B 415 7.79 -5.23 18.97
CA GLY B 415 8.68 -4.58 18.05
C GLY B 415 9.14 -3.26 18.63
N GLY B 416 9.09 -2.19 17.84
CA GLY B 416 9.50 -0.89 18.33
C GLY B 416 8.52 -0.33 19.34
N TRP B 417 8.90 0.81 19.92
CA TRP B 417 8.11 1.49 20.93
C TRP B 417 7.82 2.92 20.50
N HIS B 418 6.71 3.46 20.98
CA HIS B 418 6.43 4.88 20.84
C HIS B 418 6.02 5.47 22.20
N ALA B 419 5.74 6.77 22.21
CA ALA B 419 5.47 7.46 23.48
C ALA B 419 4.30 6.82 24.24
N GLU B 420 3.23 6.45 23.54
CA GLU B 420 2.07 5.90 24.23
C GLU B 420 2.37 4.52 24.81
N ALA B 421 3.27 3.79 24.18
CA ALA B 421 3.66 2.50 24.73
C ALA B 421 4.49 2.70 25.99
N GLU B 422 5.46 3.63 25.91
CA GLU B 422 6.23 4.00 27.08
C GLU B 422 5.33 4.41 28.24
N ARG B 423 4.33 5.27 27.98
CA ARG B 423 3.45 5.74 29.05
C ARG B 423 2.71 4.57 29.69
N PHE B 424 2.14 3.70 28.86
CA PHE B 424 1.33 2.60 29.39
C PHE B 424 2.19 1.61 30.16
N TYR B 425 3.35 1.26 29.63
CA TYR B 425 4.26 0.40 30.38
C TYR B 425 4.60 1.01 31.73
N GLY B 426 4.78 2.33 31.77
CA GLY B 426 4.97 3.00 33.03
C GLY B 426 3.80 2.80 33.96
N GLN B 427 2.59 2.76 33.41
CA GLN B 427 1.43 2.53 34.24
C GLN B 427 1.38 1.07 34.72
N ILE B 428 1.91 0.14 33.91
CA ILE B 428 1.97 -1.25 34.35
C ILE B 428 2.88 -1.39 35.55
N LYS B 429 4.08 -0.78 35.48
CA LYS B 429 5.01 -0.86 36.59
C LYS B 429 4.41 -0.26 37.86
N GLU B 430 3.63 0.82 37.71
CA GLU B 430 3.03 1.45 38.88
C GLU B 430 2.02 0.51 39.54
N PHE B 431 1.20 -0.16 38.73
CA PHE B 431 0.28 -1.15 39.27
C PHE B 431 1.05 -2.31 39.91
N ALA B 432 2.04 -2.85 39.18
CA ALA B 432 2.85 -3.95 39.71
C ALA B 432 3.44 -3.58 41.05
N SER B 433 4.02 -2.38 41.17
CA SER B 433 4.69 -2.02 42.40
C SER B 433 3.70 -1.85 43.55
N CYS B 434 2.51 -1.30 43.29
CA CYS B 434 1.49 -1.20 44.34
C CYS B 434 1.14 -2.59 44.87
N ALA B 435 0.95 -3.56 43.97
CA ALA B 435 0.56 -4.89 44.42
C ALA B 435 1.64 -5.52 45.28
N THR B 436 2.89 -5.38 44.86
CA THR B 436 3.98 -6.00 45.62
C THR B 436 4.10 -5.40 47.01
N LEU B 437 3.91 -4.07 47.12
CA LEU B 437 4.14 -3.38 48.38
C LEU B 437 2.97 -3.55 49.33
N ASP B 438 1.75 -3.36 48.84
CA ASP B 438 0.59 -3.29 49.73
C ASP B 438 0.03 -4.65 50.12
N TYR B 439 0.64 -5.74 49.67
CA TYR B 439 0.38 -7.06 50.23
C TYR B 439 1.37 -7.44 51.32
N LEU B 440 2.43 -6.66 51.52
CA LEU B 440 3.43 -6.97 52.53
C LEU B 440 2.81 -6.93 53.92
N PRO B 441 3.17 -7.84 54.82
CA PRO B 441 2.69 -7.75 56.21
C PRO B 441 2.90 -6.39 56.86
N GLY B 442 4.05 -5.74 56.60
CA GLY B 442 4.35 -4.48 57.25
C GLY B 442 3.63 -3.25 56.72
N ARG B 443 2.78 -3.39 55.69
CA ARG B 443 1.97 -2.26 55.21
C ARG B 443 0.79 -2.80 54.40
N PHE B 444 -0.03 -3.63 55.04
CA PHE B 444 -1.02 -4.46 54.35
C PHE B 444 -2.27 -3.64 54.04
N LYS B 445 -2.50 -3.33 52.76
CA LYS B 445 -3.67 -2.56 52.37
C LYS B 445 -4.24 -3.11 51.06
N PRO B 446 -4.90 -4.26 51.12
CA PRO B 446 -5.54 -4.79 49.90
C PRO B 446 -6.56 -3.84 49.28
N ARG B 447 -7.23 -3.01 50.10
CA ARG B 447 -8.15 -2.04 49.54
C ARG B 447 -7.46 -1.14 48.53
N ALA B 448 -6.17 -0.85 48.76
CA ALA B 448 -5.38 -0.04 47.85
C ALA B 448 -5.04 -0.79 46.56
N VAL B 449 -4.84 -2.11 46.65
CA VAL B 449 -4.58 -2.90 45.44
C VAL B 449 -5.81 -2.93 44.54
N VAL B 450 -7.00 -3.17 45.12
CA VAL B 450 -8.21 -3.19 44.29
C VAL B 450 -8.44 -1.83 43.66
N ALA B 451 -8.26 -0.76 44.45
CA ALA B 451 -8.37 0.59 43.90
C ALA B 451 -7.41 0.78 42.75
N ALA B 452 -6.16 0.34 42.91
CA ALA B 452 -5.18 0.48 41.84
C ALA B 452 -5.56 -0.40 40.65
N ALA B 453 -6.14 -1.57 40.91
CA ALA B 453 -6.55 -2.43 39.81
C ALA B 453 -7.64 -1.76 38.97
N CYS B 454 -8.63 -1.14 39.63
CA CYS B 454 -9.71 -0.51 38.86
C CYS B 454 -9.18 0.66 38.03
N ALA B 455 -8.29 1.47 38.61
CA ALA B 455 -7.64 2.53 37.85
C ALA B 455 -6.81 1.96 36.71
N PHE B 456 -6.11 0.85 36.95
CA PHE B 456 -5.29 0.26 35.90
C PHE B 456 -6.16 -0.21 34.75
N ILE B 457 -7.34 -0.77 35.05
CA ILE B 457 -8.25 -1.20 34.00
C ILE B 457 -8.64 -0.03 33.11
N ARG B 458 -8.91 1.15 33.72
CA ARG B 458 -9.19 2.34 32.92
C ARG B 458 -7.97 2.77 32.13
N GLN B 459 -6.76 2.62 32.69
CA GLN B 459 -5.60 2.96 31.89
C GLN B 459 -5.40 1.97 30.75
N ALA B 460 -5.83 0.72 30.96
CA ALA B 460 -5.81 -0.26 29.90
C ALA B 460 -6.89 0.03 28.85
N GLU B 461 -8.01 0.64 29.26
CA GLU B 461 -9.00 1.04 28.28
C GLU B 461 -8.46 2.13 27.38
N ASP B 462 -7.77 3.12 27.96
CA ASP B 462 -7.12 4.14 27.14
C ASP B 462 -6.17 3.52 26.14
N PHE B 463 -5.39 2.53 26.58
CA PHE B 463 -4.38 1.98 25.70
C PHE B 463 -4.99 1.09 24.64
N ALA B 464 -6.16 0.53 24.92
CA ALA B 464 -6.94 -0.15 23.87
C ALA B 464 -7.09 0.72 22.63
N GLU B 465 -7.47 2.00 22.81
CA GLU B 465 -7.59 2.91 21.68
C GLU B 465 -6.27 3.04 20.93
N VAL B 466 -5.15 3.08 21.66
CA VAL B 466 -3.84 3.18 21.00
C VAL B 466 -3.53 1.90 20.26
N SER B 467 -3.81 0.75 20.88
CA SER B 467 -3.52 -0.53 20.24
C SER B 467 -4.38 -0.73 19.00
N ALA B 468 -5.66 -0.33 19.07
CA ALA B 468 -6.56 -0.46 17.93
C ALA B 468 -6.16 0.41 16.76
N ASP B 469 -5.45 1.51 17.00
CA ASP B 469 -5.14 2.46 15.93
C ASP B 469 -3.79 2.20 15.27
N ALA B 470 -2.92 1.35 15.83
CA ALA B 470 -1.63 1.13 15.18
C ALA B 470 -1.83 0.46 13.83
N THR B 471 -0.90 0.70 12.91
CA THR B 471 -1.02 0.07 11.58
C THR B 471 -0.99 -1.44 11.71
N PRO B 472 -2.00 -2.17 11.23
CA PRO B 472 -1.97 -3.63 11.30
C PRO B 472 -0.70 -4.20 10.70
N GLY B 473 -0.16 -5.23 11.34
CA GLY B 473 1.05 -5.88 10.90
C GLY B 473 2.34 -5.18 11.25
N SER B 474 2.29 -3.99 11.83
CA SER B 474 3.52 -3.26 12.07
C SER B 474 4.14 -3.67 13.41
N GLY B 475 5.43 -3.37 13.55
CA GLY B 475 6.11 -3.64 14.81
C GLY B 475 5.45 -2.97 15.99
N ILE B 476 5.02 -1.71 15.81
CA ILE B 476 4.35 -0.99 16.89
C ILE B 476 3.04 -1.68 17.26
N ALA B 477 2.29 -2.12 16.26
CA ALA B 477 1.06 -2.87 16.55
C ALA B 477 1.35 -4.13 17.36
N ARG B 478 2.48 -4.79 17.07
CA ARG B 478 2.89 -5.96 17.84
C ARG B 478 3.27 -5.58 19.28
N THR B 479 3.97 -4.47 19.45
CA THR B 479 4.28 -4.00 20.80
C THR B 479 3.01 -3.69 21.58
N CYS B 480 2.05 -3.01 20.93
CA CYS B 480 0.81 -2.61 21.60
C CYS B 480 0.01 -3.82 22.07
N ALA B 481 -0.12 -4.83 21.21
CA ALA B 481 -0.81 -6.04 21.64
C ALA B 481 -0.01 -6.78 22.71
N ALA B 482 1.32 -6.82 22.56
CA ALA B 482 2.15 -7.43 23.59
C ALA B 482 1.94 -6.74 24.94
N LEU B 483 1.82 -5.42 24.92
CA LEU B 483 1.63 -4.67 26.15
C LEU B 483 0.27 -4.96 26.75
N GLU B 484 -0.75 -5.07 25.93
CA GLU B 484 -2.07 -5.36 26.47
C GLU B 484 -2.09 -6.71 27.19
N LEU B 485 -1.40 -7.71 26.64
CA LEU B 485 -1.36 -9.02 27.28
C LEU B 485 -0.55 -8.98 28.57
N MET B 486 0.62 -8.33 28.53
CA MET B 486 1.39 -8.14 29.75
C MET B 486 0.57 -7.45 30.84
N ALA B 487 -0.33 -6.52 30.44
CA ALA B 487 -1.22 -5.87 31.40
C ALA B 487 -2.15 -6.88 32.05
N LEU B 488 -2.78 -7.73 31.24
CA LEU B 488 -3.68 -8.74 31.79
C LEU B 488 -2.92 -9.75 32.63
N ARG B 489 -1.68 -10.07 32.24
CA ARG B 489 -0.85 -10.90 33.09
C ARG B 489 -0.61 -10.22 34.43
N THR B 490 -0.34 -8.92 34.40
CA THR B 490 -0.03 -8.18 35.62
C THR B 490 -1.25 -8.05 36.52
N LEU B 491 -2.44 -7.86 35.91
CA LEU B 491 -3.70 -7.91 36.64
C LEU B 491 -3.87 -9.26 37.33
N ALA B 492 -3.67 -10.36 36.59
CA ALA B 492 -3.79 -11.69 37.19
C ALA B 492 -2.85 -11.85 38.38
N MET B 493 -1.58 -11.47 38.19
CA MET B 493 -0.61 -11.42 39.29
C MET B 493 -1.15 -10.61 40.47
N ALA B 494 -1.62 -9.38 40.21
CA ALA B 494 -1.90 -8.47 41.30
C ALA B 494 -3.15 -8.86 42.08
N VAL B 495 -4.12 -9.52 41.44
CA VAL B 495 -5.39 -9.84 42.10
C VAL B 495 -5.45 -11.29 42.58
N TRP B 496 -4.59 -12.18 42.06
CA TRP B 496 -4.51 -13.56 42.52
C TRP B 496 -4.65 -13.73 44.04
N PRO B 497 -3.91 -13.00 44.89
CA PRO B 497 -4.12 -13.19 46.33
C PRO B 497 -5.54 -12.94 46.81
N LEU B 498 -6.29 -12.06 46.14
CA LEU B 498 -7.67 -11.81 46.53
C LEU B 498 -8.67 -12.67 45.79
N ALA B 499 -8.43 -12.93 44.50
CA ALA B 499 -9.32 -13.72 43.65
C ALA B 499 -8.49 -14.83 43.00
N PRO B 500 -8.11 -15.86 43.77
CA PRO B 500 -7.17 -16.85 43.23
C PRO B 500 -7.70 -17.64 42.04
N GLU B 501 -9.00 -17.93 41.98
CA GLU B 501 -9.50 -18.67 40.83
C GLU B 501 -9.51 -17.79 39.59
N PHE B 502 -10.01 -16.55 39.70
CA PHE B 502 -9.92 -15.61 38.58
C PHE B 502 -8.49 -15.43 38.12
N GLY B 503 -7.56 -15.22 39.05
CA GLY B 503 -6.16 -15.05 38.69
C GLY B 503 -5.59 -16.27 38.03
N ARG B 504 -5.91 -17.46 38.56
CA ARG B 504 -5.40 -18.70 37.96
C ARG B 504 -5.93 -18.88 36.54
N ARG B 505 -7.23 -18.68 36.35
CA ARG B 505 -7.81 -18.86 35.02
C ARG B 505 -7.19 -17.92 34.02
N VAL B 506 -7.04 -16.64 34.38
CA VAL B 506 -6.46 -15.69 33.44
C VAL B 506 -5.01 -16.05 33.16
N ALA B 507 -4.29 -16.47 34.19
CA ALA B 507 -2.89 -16.82 34.01
C ALA B 507 -2.76 -18.04 33.10
N ALA B 508 -3.65 -19.01 33.27
CA ALA B 508 -3.62 -20.20 32.42
C ALA B 508 -3.80 -19.82 30.96
N ALA B 509 -4.82 -19.00 30.67
CA ALA B 509 -5.06 -18.52 29.30
C ALA B 509 -3.88 -17.74 28.77
N LEU B 510 -3.05 -17.20 29.64
CA LEU B 510 -1.79 -16.58 29.24
C LEU B 510 -0.65 -17.58 29.20
N GLY B 511 -0.97 -18.87 29.37
CA GLY B 511 0.03 -19.91 29.22
C GLY B 511 0.98 -20.06 30.38
N GLU B 512 0.58 -19.69 31.59
CA GLU B 512 1.45 -19.81 32.75
C GLU B 512 0.70 -20.47 33.89
N ASP B 513 1.29 -21.53 34.44
CA ASP B 513 0.69 -22.25 35.55
C ASP B 513 0.79 -21.47 36.85
N THR B 514 1.82 -20.62 36.96
CA THR B 514 1.97 -19.74 38.10
C THR B 514 2.47 -18.39 37.60
N ILE B 515 2.18 -17.34 38.38
CA ILE B 515 2.67 -16.00 38.11
C ILE B 515 3.34 -15.48 39.38
N ALA B 516 4.62 -15.15 39.29
CA ALA B 516 5.31 -14.57 40.43
C ALA B 516 4.75 -13.18 40.75
N LEU B 517 4.52 -12.93 42.04
CA LEU B 517 4.20 -11.58 42.50
C LEU B 517 5.49 -10.78 42.58
N GLU B 518 5.62 -9.76 41.76
CA GLU B 518 6.91 -9.15 41.53
C GLU B 518 6.72 -7.78 40.87
N PRO B 519 7.67 -6.85 41.05
CA PRO B 519 7.48 -5.50 40.51
C PRO B 519 7.88 -5.33 39.05
N THR B 520 8.60 -6.28 38.46
CA THR B 520 8.94 -6.24 37.04
C THR B 520 7.83 -6.91 36.25
N PRO B 521 7.10 -6.20 35.37
CA PRO B 521 6.11 -6.89 34.54
C PRO B 521 6.82 -7.71 33.47
N ARG B 522 6.17 -8.78 33.04
CA ARG B 522 6.76 -9.73 32.09
C ARG B 522 5.84 -9.92 30.89
N TRP B 523 6.46 -10.12 29.73
CA TRP B 523 5.70 -10.43 28.53
C TRP B 523 5.02 -11.79 28.66
N VAL B 524 3.86 -11.91 28.01
CA VAL B 524 3.33 -13.22 27.69
C VAL B 524 4.19 -13.83 26.60
N ARG B 525 4.49 -15.12 26.72
CA ARG B 525 5.41 -15.78 25.80
C ARG B 525 4.90 -15.64 24.36
N PRO B 526 5.68 -15.09 23.44
CA PRO B 526 5.20 -14.96 22.06
C PRO B 526 4.89 -16.32 21.49
N ASP B 527 3.80 -16.38 20.73
CA ASP B 527 3.15 -17.53 20.09
C ASP B 527 2.19 -18.22 21.05
N THR B 528 1.97 -17.68 22.23
CA THR B 528 0.96 -18.24 23.12
C THR B 528 -0.43 -17.96 22.56
N GLU B 529 -1.24 -19.00 22.41
CA GLU B 529 -2.59 -18.85 21.87
C GLU B 529 -3.54 -18.30 22.92
N ILE B 530 -4.24 -17.20 22.59
CA ILE B 530 -5.00 -16.43 23.57
C ILE B 530 -6.48 -16.74 23.42
N LYS B 531 -7.05 -17.45 24.40
CA LYS B 531 -8.49 -17.68 24.45
C LYS B 531 -8.97 -17.46 25.89
N PHE B 532 -9.60 -16.31 26.14
CA PHE B 532 -10.10 -15.94 27.46
C PHE B 532 -11.54 -16.37 27.61
N ALA B 533 -11.88 -16.83 28.81
CA ALA B 533 -13.28 -17.17 29.11
C ALA B 533 -14.16 -15.93 29.03
N THR B 534 -15.46 -16.16 28.86
CA THR B 534 -16.48 -15.13 28.74
C THR B 534 -17.25 -14.90 30.04
N ASP B 535 -17.20 -15.84 30.96
CA ASP B 535 -18.11 -15.88 32.10
C ASP B 535 -17.32 -16.07 33.40
N HIS B 536 -16.34 -15.19 33.65
CA HIS B 536 -15.53 -15.32 34.87
C HIS B 536 -16.37 -15.02 36.12
N PHE B 537 -17.13 -13.93 36.09
CA PHE B 537 -17.95 -13.51 37.21
C PHE B 537 -19.41 -13.81 36.93
N SER B 538 -20.18 -13.93 38.01
CA SER B 538 -21.57 -14.38 37.91
C SER B 538 -22.49 -13.39 38.60
N PRO B 539 -23.49 -12.83 37.92
CA PRO B 539 -24.51 -11.96 38.52
C PRO B 539 -25.36 -12.66 39.60
N GLY C 8 -20.52 3.48 -18.70
CA GLY C 8 -19.90 2.18 -18.93
C GLY C 8 -19.58 1.46 -17.63
N ARG C 9 -19.59 0.13 -17.68
CA ARG C 9 -19.30 -0.66 -16.49
C ARG C 9 -17.83 -0.54 -16.09
N PRO C 10 -17.54 -0.41 -14.80
CA PRO C 10 -16.15 -0.41 -14.36
C PRO C 10 -15.53 -1.81 -14.47
N VAL C 11 -14.22 -1.83 -14.66
CA VAL C 11 -13.47 -3.08 -14.85
C VAL C 11 -12.60 -3.30 -13.62
N LEU C 12 -12.74 -4.46 -13.02
CA LEU C 12 -11.84 -4.92 -11.98
C LEU C 12 -10.78 -5.80 -12.61
N LEU C 13 -9.51 -5.48 -12.39
CA LEU C 13 -8.39 -6.32 -12.78
C LEU C 13 -7.84 -7.02 -11.54
N LEU C 14 -7.80 -8.35 -11.59
CA LEU C 14 -7.45 -9.18 -10.45
C LEU C 14 -6.35 -10.14 -10.86
N PRO C 15 -5.09 -9.73 -10.75
CA PRO C 15 -3.99 -10.68 -10.88
C PRO C 15 -3.86 -11.52 -9.62
N SER C 16 -3.14 -12.64 -9.75
CA SER C 16 -2.88 -13.48 -8.60
C SER C 16 -2.26 -12.68 -7.46
N PHE C 17 -2.73 -12.94 -6.24
CA PHE C 17 -2.10 -12.41 -5.03
C PHE C 17 -0.85 -13.23 -4.77
N PRO C 18 0.34 -12.66 -4.90
CA PRO C 18 1.55 -13.47 -4.76
C PRO C 18 1.77 -13.92 -3.32
N THR C 19 2.37 -15.09 -3.17
CA THR C 19 2.61 -15.68 -1.86
C THR C 19 3.73 -14.94 -1.15
N PRO C 20 3.52 -14.43 0.07
CA PRO C 20 4.56 -13.63 0.74
C PRO C 20 5.62 -14.46 1.45
N ASN C 21 6.06 -15.54 0.80
CA ASN C 21 7.22 -16.30 1.24
C ASN C 21 8.51 -15.79 0.59
N GLY C 22 8.46 -14.63 -0.05
CA GLY C 22 9.63 -14.08 -0.71
C GLY C 22 9.25 -12.81 -1.45
N GLU C 23 10.21 -12.28 -2.21
CA GLU C 23 9.99 -11.10 -3.03
C GLU C 23 9.89 -11.49 -4.51
N LEU C 24 9.58 -10.51 -5.35
CA LEU C 24 9.21 -10.80 -6.73
C LEU C 24 10.43 -10.88 -7.63
N HIS C 25 10.39 -11.81 -8.58
CA HIS C 25 11.38 -11.86 -9.65
C HIS C 25 10.77 -11.39 -10.97
N LEU C 26 11.62 -11.30 -11.99
CA LEU C 26 11.18 -10.82 -13.30
C LEU C 26 10.12 -11.74 -13.89
N GLY C 27 10.15 -13.02 -13.53
CA GLY C 27 9.10 -13.92 -13.98
C GLY C 27 7.71 -13.45 -13.57
N HIS C 28 7.53 -13.19 -12.26
CA HIS C 28 6.27 -12.65 -11.76
C HIS C 28 5.83 -11.43 -12.57
N LEU C 29 6.74 -10.47 -12.77
CA LEU C 29 6.40 -9.26 -13.52
C LEU C 29 5.97 -9.61 -14.93
N SER C 30 6.75 -10.44 -15.62
CA SER C 30 6.43 -10.84 -16.99
C SER C 30 5.07 -11.54 -17.10
N GLY C 31 4.52 -12.02 -15.99
CA GLY C 31 3.29 -12.77 -16.05
C GLY C 31 2.10 -11.90 -15.72
N PRO C 32 1.40 -12.25 -14.64
CA PRO C 32 0.11 -11.60 -14.38
C PRO C 32 0.23 -10.13 -14.05
N PHE C 33 1.36 -9.66 -13.53
CA PHE C 33 1.38 -8.30 -12.97
C PHE C 33 1.59 -7.22 -14.04
N LEU C 34 2.54 -7.40 -14.96
CA LEU C 34 2.63 -6.47 -16.08
C LEU C 34 1.41 -6.59 -16.98
N ASN C 35 0.88 -7.81 -17.15
CA ASN C 35 -0.32 -7.96 -17.96
C ASN C 35 -1.46 -7.15 -17.36
N ALA C 36 -1.66 -7.28 -16.05
CA ALA C 36 -2.81 -6.62 -15.42
C ALA C 36 -2.65 -5.11 -15.44
N ASP C 37 -1.44 -4.64 -15.13
CA ASP C 37 -1.20 -3.20 -15.06
C ASP C 37 -1.30 -2.56 -16.45
N ALA C 38 -0.82 -3.26 -17.49
CA ALA C 38 -0.93 -2.73 -18.86
C ALA C 38 -2.37 -2.74 -19.33
N CYS C 39 -3.10 -3.80 -18.99
CA CYS C 39 -4.52 -3.84 -19.33
C CYS C 39 -5.25 -2.72 -18.63
N ARG C 40 -4.89 -2.46 -17.37
CA ARG C 40 -5.47 -1.37 -16.61
C ARG C 40 -5.18 -0.02 -17.29
N ARG C 41 -3.90 0.23 -17.58
CA ARG C 41 -3.53 1.48 -18.22
C ARG C 41 -4.26 1.67 -19.54
N ALA C 42 -4.42 0.60 -20.30
CA ALA C 42 -5.03 0.75 -21.61
C ALA C 42 -6.52 1.05 -21.48
N LEU C 43 -7.18 0.46 -20.49
CA LEU C 43 -8.58 0.77 -20.25
C LEU C 43 -8.75 2.24 -19.89
N LEU C 44 -7.90 2.77 -19.01
CA LEU C 44 -8.01 4.18 -18.65
C LEU C 44 -7.73 5.07 -19.86
N ALA C 45 -6.76 4.69 -20.69
CA ALA C 45 -6.44 5.48 -21.86
C ALA C 45 -7.58 5.45 -22.88
N ALA C 46 -8.34 4.36 -22.92
CA ALA C 46 -9.54 4.28 -23.76
C ALA C 46 -10.77 4.89 -23.09
N GLY C 47 -10.63 5.55 -21.94
CA GLY C 47 -11.74 6.24 -21.33
C GLY C 47 -12.65 5.40 -20.47
N GLU C 48 -12.17 4.27 -19.95
CA GLU C 48 -12.98 3.42 -19.09
C GLU C 48 -12.53 3.55 -17.65
N ARG C 49 -13.41 3.11 -16.76
CA ARG C 49 -13.08 3.01 -15.35
C ARG C 49 -12.41 1.66 -15.12
N ALA C 50 -11.20 1.67 -14.59
CA ALA C 50 -10.46 0.43 -14.38
C ALA C 50 -9.80 0.47 -13.02
N HIS C 51 -9.90 -0.64 -12.31
CA HIS C 51 -9.30 -0.75 -10.99
C HIS C 51 -8.55 -2.05 -10.78
N LEU C 52 -7.29 -1.94 -10.37
CA LEU C 52 -6.49 -3.13 -10.09
C LEU C 52 -6.54 -3.56 -8.63
N LEU C 53 -7.02 -4.76 -8.39
CA LEU C 53 -7.11 -5.26 -7.05
C LEU C 53 -5.96 -6.20 -6.79
N LEU C 54 -5.22 -5.97 -5.71
CA LEU C 54 -4.03 -6.75 -5.40
C LEU C 54 -4.00 -7.09 -3.91
N GLY C 55 -2.99 -7.87 -3.53
CA GLY C 55 -2.86 -8.29 -2.15
C GLY C 55 -1.88 -9.43 -2.02
N THR C 56 -1.45 -9.65 -0.79
CA THR C 56 -0.70 -10.83 -0.41
C THR C 56 -1.40 -11.58 0.71
N VAL C 57 -2.68 -11.26 0.94
CA VAL C 57 -3.43 -11.86 2.03
C VAL C 57 -3.73 -13.32 1.71
N GLY C 58 -3.82 -14.13 2.76
CA GLY C 58 -4.16 -15.53 2.60
C GLY C 58 -3.13 -16.45 3.23
N HIS C 59 -3.59 -17.60 3.71
CA HIS C 59 -2.66 -18.58 4.24
C HIS C 59 -2.13 -19.42 3.10
N GLN C 60 -0.88 -19.85 3.25
CA GLN C 60 -0.23 -20.82 2.39
C GLN C 60 0.83 -21.53 3.22
N SER C 61 0.95 -22.85 3.03
CA SER C 61 1.96 -23.63 3.74
C SER C 61 3.35 -23.04 3.58
N GLN C 62 3.69 -22.56 2.38
CA GLN C 62 5.04 -22.06 2.11
C GLN C 62 5.41 -20.91 3.03
N VAL C 63 4.43 -20.08 3.42
CA VAL C 63 4.75 -18.96 4.30
C VAL C 63 5.00 -19.46 5.73
N SER C 64 4.19 -20.43 6.18
CA SER C 64 4.45 -21.04 7.49
C SER C 64 5.85 -21.64 7.53
N ALA C 65 6.19 -22.46 6.53
CA ALA C 65 7.50 -23.10 6.50
C ALA C 65 8.64 -22.10 6.39
N ALA C 66 8.44 -21.00 5.65
CA ALA C 66 9.44 -19.95 5.65
C ALA C 66 9.58 -19.33 7.04
N ALA C 67 8.44 -19.06 7.69
CA ALA C 67 8.47 -18.38 8.98
C ALA C 67 9.25 -19.20 10.02
N GLU C 68 9.00 -20.51 10.04
CA GLU C 68 9.70 -21.38 11.01
C GLU C 68 11.19 -21.44 10.71
N ALA C 69 11.56 -21.59 9.44
CA ALA C 69 12.97 -21.64 9.06
C ALA C 69 13.70 -20.39 9.51
N GLU C 70 13.07 -19.23 9.36
CA GLU C 70 13.69 -17.95 9.73
C GLU C 70 13.44 -17.57 11.18
N GLY C 71 12.79 -18.41 11.96
CA GLY C 71 12.58 -18.13 13.37
C GLY C 71 11.66 -16.95 13.65
N LEU C 72 10.61 -16.79 12.87
CA LEU C 72 9.77 -15.60 12.86
C LEU C 72 8.31 -16.04 12.86
N SER C 73 7.43 -15.17 13.35
CA SER C 73 6.01 -15.49 13.30
C SER C 73 5.50 -15.46 11.87
N PHE C 74 4.39 -16.16 11.62
CA PHE C 74 3.78 -16.14 10.29
C PHE C 74 3.47 -14.73 9.84
N HIS C 75 2.98 -13.90 10.76
CA HIS C 75 2.57 -12.56 10.36
C HIS C 75 3.77 -11.67 10.10
N GLU C 76 4.79 -11.73 10.95
CA GLU C 76 5.94 -10.86 10.73
C GLU C 76 6.64 -11.19 9.42
N LEU C 77 6.80 -12.49 9.13
CA LEU C 77 7.45 -12.89 7.88
C LEU C 77 6.59 -12.49 6.67
N ALA C 78 5.29 -12.75 6.75
CA ALA C 78 4.40 -12.35 5.67
C ALA C 78 4.46 -10.83 5.47
N GLU C 79 4.40 -10.07 6.56
CA GLU C 79 4.38 -8.61 6.42
C GLU C 79 5.70 -8.09 5.88
N ARG C 80 6.84 -8.68 6.28
CA ARG C 80 8.15 -8.25 5.78
C ARG C 80 8.26 -8.48 4.28
N ASN C 81 7.86 -9.66 3.81
CA ASN C 81 7.95 -9.93 2.38
C ASN C 81 6.94 -9.10 1.59
N THR C 82 5.82 -8.75 2.21
CA THR C 82 4.87 -7.89 1.53
C THR C 82 5.46 -6.50 1.27
N ASP C 83 6.25 -5.97 2.22
CA ASP C 83 6.99 -4.72 1.96
C ASP C 83 7.86 -4.86 0.73
N ALA C 84 8.65 -5.94 0.67
CA ALA C 84 9.52 -6.17 -0.48
C ALA C 84 8.71 -6.29 -1.76
N ILE C 85 7.62 -7.06 -1.71
CA ILE C 85 6.78 -7.25 -2.89
C ILE C 85 6.20 -5.92 -3.35
N ILE C 86 5.66 -5.12 -2.42
CA ILE C 86 5.13 -3.81 -2.79
C ILE C 86 6.23 -2.92 -3.38
N GLU C 87 7.46 -3.07 -2.88
CA GLU C 87 8.58 -2.28 -3.36
C GLU C 87 8.92 -2.66 -4.80
N GLY C 88 8.96 -3.96 -5.07
CA GLY C 88 9.21 -4.43 -6.43
C GLY C 88 8.13 -4.01 -7.40
N LEU C 89 6.86 -4.11 -6.97
CA LEU C 89 5.76 -3.68 -7.83
C LEU C 89 5.89 -2.19 -8.20
N GLN C 90 6.18 -1.34 -7.21
CA GLN C 90 6.25 0.09 -7.47
C GLN C 90 7.45 0.45 -8.34
N ALA C 91 8.58 -0.22 -8.13
CA ALA C 91 9.74 0.02 -8.99
C ALA C 91 9.39 -0.23 -10.46
N ALA C 92 8.55 -1.22 -10.71
CA ALA C 92 8.15 -1.57 -12.07
C ALA C 92 6.94 -0.78 -12.56
N GLY C 93 6.42 0.14 -11.76
CA GLY C 93 5.26 0.91 -12.16
C GLY C 93 3.96 0.15 -12.19
N ILE C 94 3.85 -0.88 -11.38
CA ILE C 94 2.62 -1.63 -11.27
C ILE C 94 1.78 -0.96 -10.22
N ASP C 95 0.68 -0.39 -10.66
CA ASP C 95 -0.17 0.35 -9.75
C ASP C 95 -1.42 -0.38 -9.38
N TRP C 96 -1.93 -0.09 -8.20
CA TRP C 96 -3.12 -0.74 -7.71
C TRP C 96 -4.04 0.19 -6.97
N ASP C 97 -5.31 -0.13 -6.97
CA ASP C 97 -6.27 0.62 -6.18
C ASP C 97 -6.42 0.07 -4.76
N VAL C 98 -6.29 -1.25 -4.58
CA VAL C 98 -6.33 -1.88 -3.26
C VAL C 98 -5.14 -2.82 -3.13
N PHE C 99 -4.57 -2.88 -1.94
CA PHE C 99 -3.60 -3.92 -1.62
C PHE C 99 -3.95 -4.53 -0.26
N VAL C 100 -4.47 -5.76 -0.27
CA VAL C 100 -4.81 -6.44 0.96
C VAL C 100 -3.55 -7.09 1.55
N ARG C 101 -3.10 -6.54 2.65
CA ARG C 101 -1.96 -7.01 3.42
C ARG C 101 -2.31 -8.29 4.18
N PRO C 102 -1.31 -9.07 4.59
CA PRO C 102 -1.60 -10.34 5.28
C PRO C 102 -2.33 -10.19 6.61
N SER C 103 -2.16 -9.08 7.34
CA SER C 103 -2.85 -8.94 8.63
C SER C 103 -4.21 -8.27 8.52
N GLU C 104 -4.78 -8.14 7.31
CA GLU C 104 -6.07 -7.47 7.17
C GLU C 104 -7.13 -8.14 8.05
N PRO C 105 -7.69 -7.42 9.03
CA PRO C 105 -8.59 -8.08 10.00
C PRO C 105 -9.91 -8.53 9.39
N ALA C 106 -10.39 -7.88 8.34
CA ALA C 106 -11.62 -8.34 7.72
C ALA C 106 -11.45 -9.63 6.93
N TYR C 107 -10.21 -10.05 6.63
CA TYR C 107 -10.05 -11.21 5.76
C TYR C 107 -10.51 -12.50 6.41
N PRO C 108 -10.12 -12.84 7.65
CA PRO C 108 -10.64 -14.10 8.22
C PRO C 108 -12.17 -14.12 8.30
N ALA C 109 -12.79 -12.99 8.66
CA ALA C 109 -14.25 -12.94 8.73
C ALA C 109 -14.90 -13.14 7.35
N MET C 110 -14.32 -12.57 6.28
CA MET C 110 -14.91 -12.80 4.97
C MET C 110 -14.75 -14.25 4.54
N ALA C 111 -13.59 -14.86 4.82
CA ALA C 111 -13.39 -16.26 4.46
C ALA C 111 -14.35 -17.15 5.23
N THR C 112 -14.44 -16.94 6.55
CA THR C 112 -15.42 -17.64 7.37
C THR C 112 -16.83 -17.43 6.83
N SER C 113 -17.17 -16.18 6.53
CA SER C 113 -18.53 -15.89 6.11
C SER C 113 -18.87 -16.59 4.79
N VAL C 114 -17.91 -16.70 3.86
CA VAL C 114 -18.17 -17.45 2.64
C VAL C 114 -18.38 -18.93 2.97
N PHE C 115 -17.47 -19.50 3.76
CA PHE C 115 -17.60 -20.90 4.16
C PHE C 115 -18.95 -21.17 4.82
N GLU C 116 -19.32 -20.35 5.81
CA GLU C 116 -20.53 -20.61 6.60
C GLU C 116 -21.77 -20.49 5.74
N SER C 117 -21.77 -19.58 4.76
CA SER C 117 -22.90 -19.46 3.87
C SER C 117 -23.01 -20.66 2.93
N LEU C 118 -21.88 -21.13 2.40
CA LEU C 118 -21.93 -22.31 1.55
C LEU C 118 -22.24 -23.57 2.36
N ARG C 119 -21.65 -23.70 3.56
CA ARG C 119 -21.99 -24.83 4.43
C ARG C 119 -23.49 -24.85 4.75
N ASP C 120 -24.01 -23.74 5.28
CA ASP C 120 -25.39 -23.74 5.76
C ASP C 120 -26.39 -23.97 4.63
N ARG C 121 -26.08 -23.52 3.41
CA ARG C 121 -26.93 -23.73 2.25
C ARG C 121 -26.74 -25.11 1.61
N GLY C 122 -25.83 -25.94 2.10
CA GLY C 122 -25.64 -27.27 1.54
C GLY C 122 -24.75 -27.36 0.32
N VAL C 123 -24.15 -26.24 -0.10
CA VAL C 123 -23.21 -26.29 -1.22
C VAL C 123 -21.99 -27.13 -0.86
N LEU C 124 -21.53 -26.96 0.35
CA LEU C 124 -20.43 -27.77 0.81
C LEU C 124 -20.97 -29.06 1.34
N VAL C 125 -20.13 -30.07 1.41
CA VAL C 125 -20.54 -31.36 1.88
C VAL C 125 -19.50 -31.90 2.83
N ARG C 126 -19.95 -32.64 3.83
CA ARG C 126 -19.03 -33.29 4.74
C ARG C 126 -18.90 -34.71 4.26
N ARG C 127 -17.67 -35.13 4.03
CA ARG C 127 -17.45 -36.45 3.56
C ARG C 127 -16.38 -37.07 4.40
N THR C 128 -16.58 -38.32 4.76
CA THR C 128 -15.58 -39.06 5.50
C THR C 128 -15.02 -40.12 4.59
N GLU C 129 -13.73 -40.07 4.35
CA GLU C 129 -13.11 -41.01 3.45
C GLU C 129 -11.80 -41.51 3.96
N PRO C 130 -11.42 -42.70 3.55
CA PRO C 130 -10.11 -43.18 3.92
C PRO C 130 -9.08 -42.27 3.34
N THR C 131 -8.11 -41.88 4.14
CA THR C 131 -7.11 -40.95 3.68
C THR C 131 -5.75 -41.38 4.13
N ASN C 132 -4.74 -40.92 3.42
CA ASN C 132 -3.39 -41.32 3.73
C ASN C 132 -2.92 -40.82 5.06
N TYR C 133 -2.17 -41.67 5.73
CA TYR C 133 -1.74 -41.35 7.05
C TYR C 133 -0.47 -42.09 7.33
N CYS C 134 0.38 -41.51 8.14
CA CYS C 134 1.58 -42.20 8.55
C CYS C 134 1.46 -42.39 10.03
N GLU C 135 1.32 -43.64 10.42
CA GLU C 135 1.17 -43.96 11.83
C GLU C 135 2.48 -43.72 12.57
N PRO C 136 3.59 -44.15 11.97
CA PRO C 136 4.83 -43.82 12.64
C PRO C 136 4.94 -42.35 12.97
N CYS C 137 4.42 -41.46 12.13
CA CYS C 137 4.60 -40.05 12.40
C CYS C 137 3.39 -39.36 12.99
N GLY C 138 2.30 -40.09 13.16
CA GLY C 138 1.08 -39.51 13.69
C GLY C 138 0.49 -38.37 12.91
N ARG C 139 0.43 -38.52 11.60
CA ARG C 139 -0.03 -37.43 10.77
C ARG C 139 -0.71 -37.85 9.48
N PHE C 140 -1.71 -37.09 9.07
CA PHE C 140 -2.39 -37.37 7.83
C PHE C 140 -1.53 -36.82 6.70
N LEU C 141 -1.36 -37.61 5.67
CA LEU C 141 -0.51 -37.21 4.57
C LEU C 141 -1.26 -36.45 3.51
N LEU C 142 -1.28 -35.14 3.64
CA LEU C 142 -1.96 -34.30 2.68
C LEU C 142 -1.09 -33.09 2.40
N GLU C 143 -1.37 -32.38 1.32
CA GLU C 143 -0.55 -31.24 0.91
C GLU C 143 0.92 -31.66 0.86
N ALA C 144 1.78 -30.90 1.51
CA ALA C 144 3.21 -31.17 1.45
C ALA C 144 3.70 -32.16 2.46
N PHE C 145 2.83 -32.96 3.02
CA PHE C 145 3.26 -33.98 3.95
C PHE C 145 3.14 -35.31 3.24
N VAL C 146 2.66 -35.25 2.00
CA VAL C 146 2.53 -36.46 1.22
C VAL C 146 3.36 -36.45 -0.04
N ALA C 147 3.76 -37.62 -0.50
CA ALA C 147 4.52 -37.74 -1.72
C ALA C 147 3.89 -38.78 -2.59
N GLY C 148 3.94 -38.55 -3.88
CA GLY C 148 3.41 -39.50 -4.81
C GLY C 148 3.54 -39.11 -6.24
N HIS C 149 2.87 -39.84 -7.11
CA HIS C 149 2.91 -39.52 -8.49
C HIS C 149 1.56 -39.11 -8.95
N CYS C 150 1.55 -38.20 -9.90
CA CYS C 150 0.30 -37.75 -10.42
C CYS C 150 -0.37 -38.84 -11.21
N PRO C 151 -1.66 -39.02 -10.99
CA PRO C 151 -2.40 -40.04 -11.71
C PRO C 151 -2.53 -39.79 -13.21
N HIS C 152 -2.28 -38.58 -13.67
CA HIS C 152 -2.41 -38.27 -15.08
C HIS C 152 -1.09 -38.44 -15.83
N CYS C 153 -0.04 -37.82 -15.34
CA CYS C 153 1.23 -37.85 -16.03
C CYS C 153 2.31 -38.69 -15.38
N GLY C 154 2.23 -38.89 -14.06
CA GLY C 154 3.20 -39.70 -13.36
C GLY C 154 4.27 -38.91 -12.68
N SER C 155 4.24 -37.59 -12.81
CA SER C 155 5.27 -36.76 -12.25
C SER C 155 5.27 -36.91 -10.75
N ASN C 156 6.44 -36.74 -10.15
CA ASN C 156 6.56 -36.84 -8.72
C ASN C 156 6.43 -35.50 -8.09
N GLN C 157 6.47 -34.45 -8.90
CA GLN C 157 6.43 -33.10 -8.38
C GLN C 157 5.04 -32.84 -7.93
N THR C 158 4.68 -33.41 -6.81
CA THR C 158 3.31 -33.31 -6.38
C THR C 158 3.21 -32.70 -5.01
N ALA C 159 2.03 -32.22 -4.67
CA ALA C 159 1.80 -31.69 -3.35
C ALA C 159 0.37 -31.99 -3.07
N GLY C 160 0.06 -33.27 -3.02
CA GLY C 160 -1.29 -33.70 -2.76
C GLY C 160 -2.09 -33.77 -4.02
N ILE C 161 -3.05 -32.87 -4.17
CA ILE C 161 -3.95 -32.93 -5.31
C ILE C 161 -3.45 -32.10 -6.47
N GLU C 162 -2.21 -31.67 -6.38
CA GLU C 162 -1.68 -30.78 -7.40
C GLU C 162 -0.44 -31.30 -8.13
N CYS C 163 -0.45 -31.18 -9.45
CA CYS C 163 0.71 -31.57 -10.24
C CYS C 163 1.37 -30.33 -10.76
N GLU C 164 2.63 -30.45 -11.11
CA GLU C 164 3.36 -29.32 -11.63
C GLU C 164 3.59 -29.50 -13.11
N LEU C 165 3.07 -30.57 -13.68
CA LEU C 165 3.22 -30.80 -15.11
C LEU C 165 1.87 -30.79 -15.81
N CYS C 166 0.97 -31.68 -15.43
CA CYS C 166 -0.38 -31.69 -16.03
C CYS C 166 -1.19 -30.49 -15.69
N ALA C 167 -1.22 -30.12 -14.42
CA ALA C 167 -2.11 -29.06 -13.96
C ALA C 167 -3.50 -29.62 -14.06
N LEU C 168 -3.58 -30.91 -14.36
CA LEU C 168 -4.86 -31.56 -14.44
C LEU C 168 -5.24 -31.96 -13.06
N PRO C 169 -6.49 -31.76 -12.72
CA PRO C 169 -6.88 -32.02 -11.34
C PRO C 169 -7.08 -33.48 -10.95
N TYR C 170 -6.92 -33.80 -9.67
CA TYR C 170 -7.18 -35.14 -9.19
C TYR C 170 -7.60 -35.16 -7.73
N ASP C 171 -8.21 -36.24 -7.28
CA ASP C 171 -8.57 -36.38 -5.87
C ASP C 171 -7.40 -36.92 -5.10
N ASP C 172 -7.33 -36.62 -3.81
CA ASP C 172 -6.23 -37.05 -2.99
C ASP C 172 -6.08 -38.56 -3.04
N ARG C 173 -7.18 -39.28 -3.14
CA ARG C 173 -7.14 -40.74 -3.21
C ARG C 173 -6.43 -41.25 -4.44
N ASP C 174 -6.40 -40.45 -5.49
CA ASP C 174 -5.79 -40.88 -6.73
C ASP C 174 -4.27 -40.65 -6.84
N LEU C 175 -3.66 -39.98 -5.88
CA LEU C 175 -2.23 -39.84 -5.93
C LEU C 175 -1.64 -41.20 -5.83
N VAL C 176 -0.89 -41.61 -6.83
CA VAL C 176 -0.35 -42.96 -6.85
C VAL C 176 0.91 -43.10 -6.02
N ASP C 177 1.10 -44.27 -5.42
CA ASP C 177 2.29 -44.54 -4.61
C ASP C 177 2.50 -43.54 -3.47
N PRO C 178 1.48 -43.34 -2.65
CA PRO C 178 1.57 -42.32 -1.59
C PRO C 178 2.54 -42.67 -0.50
N SER C 179 3.39 -41.73 -0.13
CA SER C 179 4.38 -41.94 0.91
C SER C 179 4.46 -40.73 1.80
N CYS C 180 5.05 -40.89 2.96
CA CYS C 180 5.16 -39.78 3.91
C CYS C 180 6.39 -38.94 3.60
N ALA C 181 6.17 -37.68 3.31
CA ALA C 181 7.27 -36.82 2.94
C ALA C 181 8.23 -36.60 4.07
N THR C 182 7.82 -36.88 5.29
CA THR C 182 8.66 -36.65 6.45
C THR C 182 9.54 -37.84 6.79
N CYS C 183 8.99 -39.04 6.79
CA CYS C 183 9.77 -40.22 7.11
C CYS C 183 9.98 -41.15 5.93
N GLY C 184 9.42 -40.82 4.79
CA GLY C 184 9.58 -41.63 3.61
C GLY C 184 8.73 -42.86 3.57
N ALA C 185 8.12 -43.22 4.68
CA ALA C 185 7.38 -44.46 4.71
C ALA C 185 6.18 -44.50 3.83
N ALA C 186 5.84 -45.68 3.38
CA ALA C 186 4.68 -45.85 2.55
C ALA C 186 3.49 -45.56 3.39
N ALA C 187 2.41 -45.17 2.76
CA ALA C 187 1.28 -44.73 3.54
C ALA C 187 0.21 -45.72 3.91
N THR C 188 -0.33 -45.52 5.10
CA THR C 188 -1.43 -46.30 5.55
C THR C 188 -2.61 -45.40 5.34
N GLN C 189 -3.73 -45.80 5.88
CA GLN C 189 -4.91 -44.98 5.76
C GLN C 189 -5.65 -44.89 7.07
N ARG C 190 -6.38 -43.81 7.24
CA ARG C 190 -7.16 -43.62 8.41
C ARG C 190 -8.31 -42.76 7.98
N PRO C 191 -9.50 -43.10 8.45
CA PRO C 191 -10.69 -42.33 8.08
C PRO C 191 -10.54 -40.86 8.41
N LEU C 192 -10.96 -39.97 7.51
CA LEU C 192 -10.93 -38.52 7.77
C LEU C 192 -12.20 -37.85 7.35
N THR C 193 -12.74 -37.04 8.21
CA THR C 193 -13.90 -36.28 7.84
C THR C 193 -13.46 -34.87 7.46
N ARG C 194 -13.81 -34.43 6.27
CA ARG C 194 -13.45 -33.11 5.81
C ARG C 194 -14.54 -32.45 5.04
N TYR C 195 -14.50 -31.13 4.97
CA TYR C 195 -15.44 -30.41 4.14
C TYR C 195 -14.94 -30.37 2.70
N PHE C 196 -15.85 -30.45 1.75
CA PHE C 196 -15.50 -30.44 0.35
C PHE C 196 -16.51 -29.67 -0.47
N MET C 197 -16.10 -29.14 -1.60
CA MET C 197 -17.03 -28.49 -2.50
C MET C 197 -17.08 -29.26 -3.80
N PRO C 198 -18.14 -30.03 -3.98
CA PRO C 198 -18.28 -30.76 -5.24
C PRO C 198 -18.35 -29.85 -6.48
N LEU C 199 -17.68 -30.24 -7.56
CA LEU C 199 -17.70 -29.45 -8.79
C LEU C 199 -18.43 -30.15 -9.92
N GLU C 200 -18.29 -31.46 -9.99
CA GLU C 200 -19.00 -32.24 -11.00
C GLU C 200 -20.48 -31.89 -11.11
N PRO C 201 -21.16 -31.71 -9.97
CA PRO C 201 -22.56 -31.30 -10.03
C PRO C 201 -22.75 -29.94 -10.69
N LEU C 202 -21.68 -29.16 -10.85
CA LEU C 202 -21.75 -27.88 -11.53
C LEU C 202 -21.13 -27.93 -12.93
N ARG C 203 -21.04 -29.10 -13.50
CA ARG C 203 -20.44 -29.26 -14.80
C ARG C 203 -21.01 -28.35 -15.87
N ASP C 204 -22.31 -28.28 -15.97
CA ASP C 204 -22.92 -27.52 -17.04
C ASP C 204 -22.79 -26.03 -16.82
N GLU C 205 -22.91 -25.59 -15.59
CA GLU C 205 -22.73 -24.21 -15.29
C GLU C 205 -21.29 -23.78 -15.59
N LEU C 206 -20.33 -24.63 -15.24
CA LEU C 206 -18.94 -24.31 -15.48
C LEU C 206 -18.64 -24.33 -16.96
N SER C 207 -19.14 -25.34 -17.66
CA SER C 207 -18.94 -25.44 -19.10
C SER C 207 -19.49 -24.24 -19.82
N GLY C 208 -20.66 -23.80 -19.41
CA GLY C 208 -21.27 -22.63 -20.03
C GLY C 208 -20.49 -21.38 -19.77
N TYR C 209 -20.10 -21.17 -18.53
CA TYR C 209 -19.32 -20.00 -18.18
C TYR C 209 -18.05 -19.94 -18.98
N LEU C 210 -17.36 -21.06 -19.05
CA LEU C 210 -16.09 -21.04 -19.71
C LEU C 210 -16.25 -20.83 -21.21
N ARG C 211 -17.34 -21.30 -21.77
CA ARG C 211 -17.55 -21.17 -23.20
C ARG C 211 -17.83 -19.72 -23.55
N GLY C 212 -18.49 -19.01 -22.65
CA GLY C 212 -18.80 -17.62 -22.87
C GLY C 212 -17.70 -16.71 -22.40
N ALA C 213 -16.67 -17.28 -21.83
CA ALA C 213 -15.56 -16.48 -21.39
C ALA C 213 -14.44 -16.40 -22.41
N ALA C 214 -13.71 -15.32 -22.35
CA ALA C 214 -12.60 -15.14 -23.26
C ALA C 214 -11.31 -15.71 -22.72
N MET C 215 -10.64 -16.49 -23.54
CA MET C 215 -9.37 -17.06 -23.18
C MET C 215 -8.67 -17.46 -24.45
N HIS C 216 -7.37 -17.63 -24.39
CA HIS C 216 -6.68 -18.10 -25.56
C HIS C 216 -6.87 -19.61 -25.74
N GLY C 217 -6.58 -20.10 -26.92
CA GLY C 217 -6.77 -21.50 -27.23
C GLY C 217 -6.02 -22.52 -26.41
N ARG C 218 -4.82 -22.15 -25.95
CA ARG C 218 -4.06 -23.04 -25.08
C ARG C 218 -4.82 -23.24 -23.77
N LEU C 219 -5.38 -22.17 -23.23
CA LEU C 219 -6.19 -22.31 -22.03
C LEU C 219 -7.49 -23.10 -22.26
N ARG C 220 -8.20 -22.78 -23.33
CA ARG C 220 -9.44 -23.48 -23.62
C ARG C 220 -9.21 -24.97 -23.81
N ALA C 221 -8.12 -25.34 -24.46
CA ALA C 221 -7.81 -26.75 -24.63
C ALA C 221 -7.56 -27.41 -23.29
N TYR C 222 -6.86 -26.73 -22.40
CA TYR C 222 -6.68 -27.24 -21.06
C TYR C 222 -8.03 -27.49 -20.42
N THR C 223 -8.94 -26.53 -20.53
CA THR C 223 -10.22 -26.66 -19.90
C THR C 223 -10.96 -27.89 -20.40
N GLU C 224 -10.75 -28.23 -21.67
CA GLU C 224 -11.40 -29.37 -22.25
C GLU C 224 -10.81 -30.66 -21.73
N ARG C 225 -9.52 -30.66 -21.43
CA ARG C 225 -8.91 -31.84 -20.84
C ARG C 225 -9.46 -32.04 -19.44
N VAL C 226 -9.63 -30.95 -18.69
CA VAL C 226 -10.21 -31.06 -17.38
C VAL C 226 -11.63 -31.60 -17.49
N LEU C 227 -12.41 -31.05 -18.41
CA LEU C 227 -13.80 -31.45 -18.54
C LEU C 227 -14.00 -32.82 -19.16
N ALA C 228 -12.96 -33.36 -19.76
CA ALA C 228 -13.03 -34.66 -20.35
C ALA C 228 -13.09 -35.72 -19.27
N LYS C 229 -12.71 -35.34 -18.07
CA LYS C 229 -12.77 -36.26 -16.98
C LYS C 229 -13.71 -35.74 -15.92
N THR C 230 -14.00 -36.55 -14.94
CA THR C 230 -14.91 -36.15 -13.90
C THR C 230 -14.26 -35.03 -13.10
N LEU C 231 -15.02 -33.98 -12.84
CA LEU C 231 -14.50 -32.86 -12.08
C LEU C 231 -14.32 -33.27 -10.65
N PRO C 232 -13.09 -33.13 -10.16
CA PRO C 232 -12.81 -33.56 -8.82
C PRO C 232 -13.34 -32.58 -7.82
N ASP C 233 -13.56 -33.04 -6.61
CA ASP C 233 -14.07 -32.19 -5.56
C ASP C 233 -13.00 -31.28 -5.05
N LEU C 234 -13.39 -30.08 -4.66
CA LEU C 234 -12.45 -29.14 -4.08
C LEU C 234 -12.44 -29.33 -2.57
N PRO C 235 -11.32 -29.74 -1.97
CA PRO C 235 -11.26 -29.77 -0.49
C PRO C 235 -11.44 -28.38 0.07
N VAL C 236 -12.26 -28.26 1.11
CA VAL C 236 -12.50 -27.00 1.78
C VAL C 236 -11.69 -26.90 3.07
N SER C 237 -11.50 -28.01 3.78
CA SER C 237 -10.82 -28.05 5.07
C SER C 237 -9.72 -29.09 5.06
N ILE C 238 -8.71 -28.88 5.90
CA ILE C 238 -7.63 -29.84 6.09
C ILE C 238 -7.11 -29.73 7.52
N PRO C 239 -6.65 -30.82 8.13
CA PRO C 239 -5.95 -30.69 9.41
C PRO C 239 -4.60 -30.03 9.19
N ALA C 240 -4.33 -28.96 9.95
CA ALA C 240 -3.05 -28.26 9.86
C ALA C 240 -2.87 -27.44 11.11
N GLU C 241 -1.64 -26.95 11.29
CA GLU C 241 -1.33 -26.14 12.45
C GLU C 241 -1.71 -24.67 12.27
N HIS C 242 -1.93 -24.21 11.04
CA HIS C 242 -2.15 -22.80 10.79
C HIS C 242 -3.21 -22.62 9.71
N GLY C 243 -3.91 -21.49 9.76
CA GLY C 243 -4.94 -21.19 8.80
C GLY C 243 -6.21 -20.71 9.47
N ILE C 244 -7.17 -20.35 8.64
CA ILE C 244 -8.52 -20.00 9.08
C ILE C 244 -9.13 -21.24 9.74
N PRO C 245 -9.51 -21.18 11.02
CA PRO C 245 -10.01 -22.39 11.68
C PRO C 245 -11.37 -22.78 11.13
N ILE C 246 -11.58 -24.09 10.99
CA ILE C 246 -12.87 -24.66 10.60
C ILE C 246 -13.12 -25.85 11.51
N HIS C 247 -14.28 -25.85 12.16
CA HIS C 247 -14.71 -26.96 12.99
C HIS C 247 -15.46 -27.98 12.13
N VAL C 248 -15.04 -29.23 12.21
CA VAL C 248 -15.70 -30.34 11.52
C VAL C 248 -16.36 -31.19 12.60
N GLU C 249 -17.69 -31.13 12.70
CA GLU C 249 -18.37 -31.75 13.84
C GLU C 249 -18.53 -33.26 13.66
N ASP C 250 -18.34 -33.98 14.77
CA ASP C 250 -18.46 -35.44 14.82
C ASP C 250 -17.54 -36.10 13.80
N ALA C 251 -16.36 -35.52 13.64
CA ALA C 251 -15.45 -35.91 12.57
C ALA C 251 -14.65 -37.15 12.96
N SER C 252 -14.46 -38.04 11.98
CA SER C 252 -13.37 -38.99 12.05
C SER C 252 -12.06 -38.23 11.90
N GLY C 253 -11.17 -38.36 12.85
CA GLY C 253 -10.00 -37.51 12.90
C GLY C 253 -10.29 -36.22 13.62
N PRO C 254 -9.34 -35.27 13.58
CA PRO C 254 -9.50 -34.03 14.33
C PRO C 254 -10.72 -33.25 13.86
N ALA C 255 -11.52 -32.80 14.82
CA ALA C 255 -12.63 -31.91 14.51
C ALA C 255 -12.19 -30.47 14.27
N GLU C 256 -11.02 -30.09 14.78
CA GLU C 256 -10.50 -28.73 14.64
C GLU C 256 -9.56 -28.69 13.44
N GLN C 257 -10.06 -28.21 12.31
CA GLN C 257 -9.26 -28.16 11.10
C GLN C 257 -9.03 -26.71 10.70
N ARG C 258 -8.39 -26.56 9.55
CA ARG C 258 -8.13 -25.26 8.95
C ARG C 258 -8.75 -25.22 7.56
N MET C 259 -8.97 -24.00 7.06
CA MET C 259 -9.41 -23.87 5.69
C MET C 259 -8.26 -24.18 4.73
N TYR C 260 -8.54 -24.99 3.72
CA TYR C 260 -7.57 -25.28 2.67
C TYR C 260 -7.30 -24.02 1.86
N SER C 261 -6.03 -23.66 1.70
CA SER C 261 -5.68 -22.38 1.07
C SER C 261 -6.27 -22.26 -0.33
N ALA C 262 -6.37 -23.36 -1.06
CA ALA C 262 -6.94 -23.30 -2.41
C ALA C 262 -8.42 -22.95 -2.42
N PHE C 263 -9.09 -22.93 -1.26
CA PHE C 263 -10.50 -22.56 -1.22
C PHE C 263 -10.69 -21.06 -1.02
N GLU C 264 -9.62 -20.33 -0.70
CA GLU C 264 -9.72 -18.95 -0.23
C GLU C 264 -9.91 -17.91 -1.33
N LEU C 265 -9.72 -18.27 -2.62
CA LEU C 265 -9.55 -17.24 -3.65
C LEU C 265 -10.75 -16.31 -3.74
N ALA C 266 -11.96 -16.87 -3.66
CA ALA C 266 -13.16 -16.02 -3.64
C ALA C 266 -13.11 -15.02 -2.49
N ALA C 267 -12.75 -15.47 -1.28
CA ALA C 267 -12.70 -14.56 -0.14
C ALA C 267 -11.65 -13.46 -0.34
N ARG C 268 -10.50 -13.82 -0.92
CA ARG C 268 -9.45 -12.83 -1.15
C ARG C 268 -9.93 -11.73 -2.10
N PHE C 269 -10.72 -12.12 -3.10
CA PHE C 269 -11.26 -11.14 -4.04
C PHE C 269 -12.31 -10.26 -3.37
N LEU C 270 -13.25 -10.86 -2.63
CA LEU C 270 -14.30 -10.06 -2.01
C LEU C 270 -13.71 -9.09 -0.98
N THR C 271 -12.71 -9.54 -0.23
CA THR C 271 -12.04 -8.66 0.73
C THR C 271 -11.39 -7.47 0.02
N ALA C 272 -10.66 -7.73 -1.07
CA ALA C 272 -10.13 -6.65 -1.88
C ALA C 272 -11.24 -5.73 -2.36
N LEU C 273 -12.34 -6.33 -2.85
CA LEU C 273 -13.41 -5.50 -3.37
C LEU C 273 -14.15 -4.79 -2.25
N ASP C 274 -14.22 -5.40 -1.07
CA ASP C 274 -14.86 -4.74 0.07
C ASP C 274 -14.06 -3.51 0.51
N GLY C 275 -12.74 -3.63 0.59
CA GLY C 275 -11.92 -2.47 0.90
C GLY C 275 -12.02 -1.42 -0.19
N PHE C 276 -12.04 -1.87 -1.44
CA PHE C 276 -12.09 -0.94 -2.56
C PHE C 276 -13.29 0.00 -2.47
N ALA C 277 -14.47 -0.57 -2.24
CA ALA C 277 -15.73 0.15 -2.40
C ALA C 277 -16.44 0.48 -1.10
N ASP C 278 -15.94 0.00 0.04
CA ASP C 278 -16.63 0.10 1.33
C ASP C 278 -18.07 -0.42 1.21
N GLY C 279 -18.13 -1.73 1.05
CA GLY C 279 -19.37 -2.43 0.77
C GLY C 279 -19.27 -3.16 -0.56
N TRP C 280 -18.70 -4.34 -0.58
CA TRP C 280 -18.52 -5.06 -1.82
C TRP C 280 -19.83 -5.33 -2.55
N GLU C 281 -20.85 -5.75 -1.83
CA GLU C 281 -22.09 -6.14 -2.48
C GLU C 281 -22.84 -4.96 -3.08
N ALA C 282 -22.86 -3.87 -2.36
CA ALA C 282 -23.52 -2.68 -2.86
C ALA C 282 -22.89 -2.29 -4.16
N TYR C 283 -21.58 -2.23 -4.17
CA TYR C 283 -20.87 -1.89 -5.39
C TYR C 283 -21.22 -2.79 -6.51
N ALA C 284 -21.18 -4.08 -6.23
CA ALA C 284 -21.39 -5.03 -7.28
C ALA C 284 -22.75 -4.87 -7.89
N ARG C 285 -23.76 -4.71 -7.07
CA ARG C 285 -25.12 -4.63 -7.56
C ARG C 285 -25.40 -3.31 -8.24
N GLN C 286 -24.82 -2.26 -7.73
CA GLN C 286 -25.03 -0.93 -8.29
C GLN C 286 -24.19 -0.62 -9.49
N GLU C 287 -22.96 -1.09 -9.52
CA GLU C 287 -22.07 -0.73 -10.61
C GLU C 287 -21.91 -1.82 -11.66
N ASN C 288 -22.30 -3.05 -11.34
CA ASN C 288 -22.26 -4.13 -12.31
C ASN C 288 -20.85 -4.25 -12.89
N PRO C 289 -19.81 -4.43 -12.07
CA PRO C 289 -18.46 -4.45 -12.60
C PRO C 289 -18.24 -5.61 -13.54
N ARG C 290 -17.27 -5.43 -14.43
CA ARG C 290 -16.65 -6.52 -15.17
C ARG C 290 -15.36 -6.91 -14.46
N THR C 291 -15.02 -8.20 -14.51
CA THR C 291 -13.83 -8.69 -13.84
C THR C 291 -12.92 -9.42 -14.83
N VAL C 292 -11.61 -9.15 -14.78
CA VAL C 292 -10.61 -9.78 -15.64
C VAL C 292 -9.56 -10.44 -14.76
N LEU C 293 -9.30 -11.73 -15.00
CA LEU C 293 -8.33 -12.48 -14.21
C LEU C 293 -7.03 -12.63 -14.97
N PHE C 294 -5.91 -12.49 -14.24
CA PHE C 294 -4.54 -12.67 -14.74
C PHE C 294 -3.82 -13.64 -13.81
N PHE C 295 -3.24 -14.70 -14.37
CA PHE C 295 -2.64 -15.79 -13.62
C PHE C 295 -1.76 -16.61 -14.55
N GLY C 296 -0.69 -17.22 -13.97
CA GLY C 296 0.10 -18.19 -14.70
C GLY C 296 -0.55 -19.57 -14.70
N PHE C 297 0.00 -20.48 -15.52
CA PHE C 297 -0.70 -21.73 -15.82
C PHE C 297 -0.82 -22.65 -14.62
N ASP C 298 0.07 -22.52 -13.63
CA ASP C 298 -0.08 -23.30 -12.42
C ASP C 298 -1.27 -22.86 -11.58
N ASN C 299 -1.94 -21.75 -11.92
CA ASN C 299 -3.15 -21.29 -11.24
C ASN C 299 -4.42 -21.49 -12.08
N ALA C 300 -4.33 -22.19 -13.21
CA ALA C 300 -5.43 -22.19 -14.16
C ALA C 300 -6.65 -22.91 -13.62
N PHE C 301 -6.46 -24.11 -13.05
CA PHE C 301 -7.62 -24.83 -12.53
C PHE C 301 -8.32 -24.05 -11.42
N LEU C 302 -7.55 -23.48 -10.49
CA LEU C 302 -8.17 -22.69 -9.42
C LEU C 302 -8.91 -21.49 -10.00
N ARG C 303 -8.31 -20.84 -11.02
CA ARG C 303 -8.87 -19.62 -11.58
C ARG C 303 -9.97 -19.89 -12.61
N ALA C 304 -9.93 -21.01 -13.34
CA ALA C 304 -10.96 -21.28 -14.35
C ALA C 304 -12.13 -22.11 -13.81
N PHE C 305 -11.92 -22.86 -12.73
CA PHE C 305 -12.92 -23.79 -12.22
C PHE C 305 -13.28 -23.48 -10.78
N ALA C 306 -12.31 -23.53 -9.86
CA ALA C 306 -12.63 -23.42 -8.43
C ALA C 306 -13.18 -22.05 -8.10
N PHE C 307 -12.47 -21.00 -8.50
CA PHE C 307 -12.86 -19.62 -8.25
C PHE C 307 -14.28 -19.31 -8.74
N PRO C 308 -14.63 -19.54 -10.02
CA PRO C 308 -16.00 -19.21 -10.43
C PRO C 308 -17.04 -20.10 -9.75
N ALA C 309 -16.68 -21.35 -9.40
CA ALA C 309 -17.62 -22.20 -8.64
C ALA C 309 -17.98 -21.55 -7.30
N VAL C 310 -16.97 -21.20 -6.50
CA VAL C 310 -17.24 -20.70 -5.16
C VAL C 310 -17.89 -19.33 -5.22
N LEU C 311 -17.32 -18.42 -6.03
CA LEU C 311 -17.89 -17.10 -6.16
C LEU C 311 -19.33 -17.16 -6.64
N GLY C 312 -19.57 -17.90 -7.73
CA GLY C 312 -20.91 -17.97 -8.28
C GLY C 312 -21.89 -18.67 -7.37
N ALA C 313 -21.42 -19.61 -6.56
CA ALA C 313 -22.28 -20.25 -5.57
C ALA C 313 -22.59 -19.32 -4.40
N PHE C 314 -21.63 -18.45 -4.04
CA PHE C 314 -21.82 -17.58 -2.89
C PHE C 314 -22.76 -16.41 -3.19
N THR C 315 -22.70 -15.86 -4.40
CA THR C 315 -23.40 -14.61 -4.65
C THR C 315 -23.74 -14.51 -6.13
N ASP C 316 -24.82 -13.78 -6.43
CA ASP C 316 -25.11 -13.36 -7.78
C ASP C 316 -24.93 -11.86 -7.97
N ALA C 317 -24.37 -11.17 -6.97
CA ALA C 317 -24.17 -9.73 -7.04
C ALA C 317 -23.10 -9.32 -8.06
N LEU C 318 -22.21 -10.24 -8.45
CA LEU C 318 -21.06 -9.96 -9.29
C LEU C 318 -21.11 -10.87 -10.50
N PRO C 319 -21.07 -10.37 -11.73
CA PRO C 319 -20.86 -11.29 -12.86
C PRO C 319 -19.53 -12.02 -12.70
N LEU C 320 -19.53 -13.30 -13.04
CA LEU C 320 -18.30 -14.05 -13.07
C LEU C 320 -17.33 -13.44 -14.10
N PRO C 321 -16.02 -13.55 -13.88
CA PRO C 321 -15.07 -12.82 -14.72
C PRO C 321 -15.20 -13.18 -16.21
N GLU C 322 -15.27 -12.14 -17.04
CA GLU C 322 -15.52 -12.30 -18.47
C GLU C 322 -14.30 -12.72 -19.27
N ALA C 323 -13.10 -12.55 -18.72
CA ALA C 323 -11.88 -12.86 -19.45
C ALA C 323 -10.86 -13.47 -18.48
N LEU C 324 -10.19 -14.53 -18.94
CA LEU C 324 -9.11 -15.18 -18.20
C LEU C 324 -7.83 -15.02 -19.01
N VAL C 325 -6.86 -14.31 -18.46
CA VAL C 325 -5.63 -14.00 -19.20
C VAL C 325 -4.51 -14.83 -18.59
N CYS C 326 -4.20 -15.95 -19.23
CA CYS C 326 -3.30 -16.96 -18.69
C CYS C 326 -1.93 -16.80 -19.32
N ASN C 327 -0.87 -16.82 -18.51
CA ASN C 327 0.48 -16.83 -19.07
C ASN C 327 1.20 -18.13 -18.69
N ASP C 328 2.24 -18.45 -19.46
CA ASP C 328 3.18 -19.50 -19.13
C ASP C 328 4.35 -18.92 -18.32
N PHE C 329 5.29 -19.78 -17.95
CA PHE C 329 6.41 -19.37 -17.10
C PHE C 329 7.54 -18.73 -17.91
N TYR C 330 7.94 -17.54 -17.50
CA TYR C 330 9.18 -16.93 -17.97
C TYR C 330 10.38 -17.74 -17.50
N LEU C 331 11.37 -17.91 -18.39
CA LEU C 331 12.60 -18.63 -18.08
C LEU C 331 13.76 -17.66 -17.91
N LEU C 332 14.70 -18.03 -17.04
CA LEU C 332 15.93 -17.27 -16.82
C LEU C 332 17.12 -18.13 -17.23
N ASP C 333 17.71 -17.82 -18.38
CA ASP C 333 18.85 -18.57 -18.91
C ASP C 333 18.47 -20.03 -19.15
N GLY C 334 17.24 -20.27 -19.59
CA GLY C 334 16.78 -21.60 -19.94
C GLY C 334 15.96 -22.31 -18.88
N GLU C 335 15.97 -21.85 -17.63
CA GLU C 335 15.23 -22.49 -16.55
C GLU C 335 14.29 -21.47 -15.93
N LYS C 336 13.10 -21.92 -15.55
CA LYS C 336 12.09 -20.97 -15.07
C LYS C 336 12.58 -20.18 -13.85
N PHE C 337 12.25 -18.89 -13.84
CA PHE C 337 12.27 -18.13 -12.60
C PHE C 337 11.50 -18.90 -11.54
N SER C 338 12.11 -19.09 -10.37
CA SER C 338 11.48 -19.86 -9.31
C SER C 338 11.98 -19.36 -7.97
N THR C 339 11.05 -18.86 -7.12
CA THR C 339 11.42 -18.52 -5.76
C THR C 339 11.89 -19.73 -4.98
N GLY C 340 11.17 -20.85 -5.11
CA GLY C 340 11.50 -22.05 -4.38
C GLY C 340 12.85 -22.65 -4.74
N ARG C 341 13.27 -22.56 -5.99
CA ARG C 341 14.57 -23.06 -6.41
C ARG C 341 15.64 -21.99 -6.40
N LYS C 342 15.31 -20.79 -5.93
CA LYS C 342 16.21 -19.64 -5.92
C LYS C 342 16.98 -19.50 -7.23
N HIS C 343 16.25 -19.60 -8.33
CA HIS C 343 16.75 -19.27 -9.67
C HIS C 343 15.97 -18.04 -10.09
N ALA C 344 16.57 -16.85 -9.99
CA ALA C 344 15.83 -15.62 -10.22
C ALA C 344 16.74 -14.42 -10.43
N VAL C 345 16.18 -13.42 -11.11
CA VAL C 345 16.57 -12.02 -11.01
C VAL C 345 15.42 -11.31 -10.28
N TRP C 346 15.73 -10.67 -9.16
CA TRP C 346 14.71 -10.08 -8.30
C TRP C 346 14.38 -8.67 -8.76
N ALA C 347 13.10 -8.32 -8.66
CA ALA C 347 12.64 -7.03 -9.18
C ALA C 347 13.32 -5.87 -8.46
N ARG C 348 13.53 -6.01 -7.14
CA ARG C 348 14.07 -4.89 -6.39
C ARG C 348 15.52 -4.60 -6.77
N GLN C 349 16.31 -5.64 -7.06
CA GLN C 349 17.69 -5.44 -7.49
C GLN C 349 17.79 -4.99 -8.94
N ALA C 350 16.81 -5.30 -9.78
CA ALA C 350 16.97 -5.16 -11.23
C ALA C 350 16.19 -4.02 -11.85
N VAL C 351 15.18 -3.48 -11.19
CA VAL C 351 14.32 -2.45 -11.76
C VAL C 351 14.60 -1.13 -11.04
N THR C 352 14.94 -0.12 -11.82
CA THR C 352 15.16 1.24 -11.33
C THR C 352 14.30 2.19 -12.14
N PRO C 353 14.10 3.44 -11.70
CA PRO C 353 13.36 4.40 -12.54
C PRO C 353 13.95 4.53 -13.94
N ALA C 354 15.28 4.40 -14.08
CA ALA C 354 15.88 4.61 -15.39
C ALA C 354 15.63 3.46 -16.34
N ASN C 355 15.23 2.30 -15.85
CA ASN C 355 15.05 1.17 -16.76
C ASN C 355 13.68 0.51 -16.70
N ALA C 356 12.77 0.98 -15.84
CA ALA C 356 11.45 0.36 -15.76
C ALA C 356 10.78 0.30 -17.14
N ASP C 357 10.78 1.41 -17.90
CA ASP C 357 10.11 1.41 -19.20
C ASP C 357 10.71 0.39 -20.15
N GLN C 358 12.05 0.41 -20.31
CA GLN C 358 12.70 -0.50 -21.24
C GLN C 358 12.57 -1.96 -20.80
N LEU C 359 12.59 -2.20 -19.48
CA LEU C 359 12.42 -3.56 -18.99
C LEU C 359 10.98 -4.04 -19.19
N ARG C 360 10.00 -3.23 -18.79
CA ARG C 360 8.61 -3.53 -19.14
C ARG C 360 8.48 -3.84 -20.63
N LEU C 361 9.06 -2.97 -21.48
CA LEU C 361 8.95 -3.17 -22.93
C LEU C 361 9.59 -4.48 -23.36
N TYR C 362 10.74 -4.84 -22.76
CA TYR C 362 11.40 -6.08 -23.15
C TYR C 362 10.60 -7.28 -22.67
N LEU C 363 10.08 -7.20 -21.45
CA LEU C 363 9.26 -8.29 -20.94
C LEU C 363 8.03 -8.49 -21.82
N ALA C 364 7.45 -7.39 -22.32
CA ALA C 364 6.33 -7.52 -23.25
C ALA C 364 6.79 -8.12 -24.58
N ALA C 365 7.96 -7.70 -25.07
CA ALA C 365 8.50 -8.22 -26.33
C ALA C 365 8.76 -9.72 -26.27
N THR C 366 9.06 -10.24 -25.09
CA THR C 366 9.34 -11.66 -24.87
C THR C 366 8.25 -12.30 -24.00
N SER C 367 7.04 -11.76 -24.03
CA SER C 367 6.03 -12.14 -23.05
C SER C 367 5.79 -13.65 -23.12
N PRO C 368 5.83 -14.37 -21.98
CA PRO C 368 5.53 -15.81 -22.01
C PRO C 368 4.04 -16.11 -22.07
N ASP C 369 3.37 -15.53 -23.09
CA ASP C 369 1.92 -15.57 -23.17
C ASP C 369 1.39 -17.00 -23.34
N VAL C 370 1.86 -17.71 -24.37
CA VAL C 370 1.47 -19.10 -24.62
C VAL C 370 2.66 -20.04 -24.69
N ARG C 371 3.85 -19.55 -24.41
CA ARG C 371 5.05 -20.38 -24.43
C ARG C 371 5.95 -19.89 -23.32
N ARG C 372 6.78 -20.79 -22.83
CA ARG C 372 7.85 -20.43 -21.91
C ARG C 372 8.93 -19.72 -22.71
N ARG C 373 9.02 -18.42 -22.58
CA ARG C 373 10.08 -17.68 -23.28
C ARG C 373 11.16 -17.27 -22.28
N ASP C 374 12.29 -16.86 -22.84
CA ASP C 374 13.55 -16.83 -22.11
C ASP C 374 14.03 -15.41 -21.90
N PHE C 375 14.49 -15.13 -20.69
CA PHE C 375 15.17 -13.89 -20.38
C PHE C 375 16.66 -14.18 -20.24
N THR C 376 17.47 -13.48 -21.01
CA THR C 376 18.90 -13.39 -20.79
C THR C 376 19.29 -11.92 -20.75
N THR C 377 20.31 -11.62 -19.94
CA THR C 377 20.81 -10.25 -19.87
C THR C 377 21.26 -9.78 -21.25
N ARG C 378 21.79 -10.69 -22.07
CA ARG C 378 22.25 -10.33 -23.41
C ARG C 378 21.07 -9.96 -24.30
N GLY C 379 20.04 -10.80 -24.33
CA GLY C 379 18.85 -10.48 -25.13
C GLY C 379 18.25 -9.14 -24.74
N TYR C 380 18.13 -8.90 -23.43
CA TYR C 380 17.60 -7.62 -22.95
C TYR C 380 18.51 -6.46 -23.36
N ALA C 381 19.83 -6.60 -23.12
CA ALA C 381 20.74 -5.50 -23.42
C ALA C 381 20.71 -5.14 -24.90
N GLU C 382 20.61 -6.14 -25.77
CA GLU C 382 20.57 -5.86 -27.19
C GLU C 382 19.29 -5.15 -27.60
N PHE C 383 18.16 -5.52 -27.01
CA PHE C 383 16.91 -4.83 -27.29
C PHE C 383 17.05 -3.35 -26.93
N VAL C 384 17.62 -3.07 -25.75
CA VAL C 384 17.78 -1.69 -25.31
C VAL C 384 18.68 -0.91 -26.27
N THR C 385 19.85 -1.48 -26.60
CA THR C 385 20.81 -0.69 -27.35
C THR C 385 20.45 -0.67 -28.84
N ALA C 386 20.15 -1.83 -29.42
CA ALA C 386 19.89 -1.88 -30.85
C ALA C 386 18.50 -1.37 -31.18
N GLU C 387 17.49 -1.73 -30.39
CA GLU C 387 16.13 -1.39 -30.79
C GLU C 387 15.67 -0.06 -30.16
N LEU C 388 15.63 0.02 -28.84
CA LEU C 388 15.05 1.20 -28.19
C LEU C 388 15.93 2.44 -28.42
N ILE C 389 17.22 2.36 -28.13
CA ILE C 389 18.08 3.50 -28.36
C ILE C 389 18.37 3.66 -29.85
N GLY C 390 18.81 2.56 -30.46
CA GLY C 390 19.30 2.61 -31.83
C GLY C 390 18.22 2.91 -32.85
N ARG C 391 16.96 2.59 -32.56
CA ARG C 391 15.93 2.85 -33.56
C ARG C 391 14.82 3.76 -33.06
N TRP C 392 14.25 3.49 -31.89
CA TRP C 392 13.17 4.34 -31.42
C TRP C 392 13.69 5.73 -31.05
N GLN C 393 14.75 5.78 -30.21
CA GLN C 393 15.32 7.08 -29.87
C GLN C 393 15.73 7.83 -31.13
N ARG C 394 16.38 7.15 -32.07
CA ARG C 394 16.83 7.79 -33.30
C ARG C 394 15.70 8.44 -34.05
N ARG C 395 14.56 7.76 -34.15
CA ARG C 395 13.39 8.32 -34.80
C ARG C 395 12.98 9.65 -34.16
N LEU C 396 12.98 9.69 -32.84
CA LEU C 396 12.63 10.91 -32.15
C LEU C 396 13.63 12.03 -32.49
N ASP C 397 14.91 11.72 -32.46
CA ASP C 397 15.92 12.70 -32.78
C ASP C 397 15.84 13.16 -34.25
N ASP C 398 15.57 12.25 -35.16
CA ASP C 398 15.49 12.57 -36.58
C ASP C 398 14.32 13.48 -36.90
N VAL C 399 13.17 13.16 -36.35
CA VAL C 399 12.00 13.94 -36.64
C VAL C 399 12.13 15.25 -35.92
N GLY C 400 12.53 15.20 -34.66
CA GLY C 400 12.68 16.44 -33.92
C GLY C 400 13.71 17.38 -34.54
N GLY C 401 14.83 16.83 -35.00
CA GLY C 401 15.84 17.68 -35.63
C GLY C 401 15.41 18.26 -36.97
N ARG C 402 14.76 17.44 -37.81
CA ARG C 402 14.32 17.98 -39.08
C ARG C 402 13.17 18.97 -38.92
N VAL C 403 12.37 18.84 -37.85
CA VAL C 403 11.33 19.85 -37.62
C VAL C 403 11.97 21.16 -37.18
N ALA C 404 13.01 21.08 -36.35
CA ALA C 404 13.79 22.27 -35.99
C ALA C 404 14.44 22.91 -37.22
N GLU C 405 14.95 22.09 -38.13
CA GLU C 405 15.73 22.61 -39.25
C GLU C 405 14.85 23.25 -40.32
N HIS C 406 13.71 22.61 -40.65
CA HIS C 406 12.89 23.01 -41.79
C HIS C 406 11.56 23.65 -41.42
N PHE C 407 11.11 23.55 -40.16
CA PHE C 407 9.82 24.14 -39.80
C PHE C 407 9.93 25.03 -38.56
N GLY C 408 11.12 25.56 -38.29
CA GLY C 408 11.35 26.45 -37.16
C GLY C 408 11.06 25.83 -35.83
N GLY C 409 11.01 24.50 -35.74
CA GLY C 409 10.66 23.83 -34.50
C GLY C 409 9.17 23.76 -34.23
N LEU C 410 8.33 23.97 -35.24
CA LEU C 410 6.88 24.00 -35.11
C LEU C 410 6.23 22.91 -35.95
N THR C 411 5.17 22.31 -35.43
CA THR C 411 4.35 21.39 -36.20
C THR C 411 3.70 22.12 -37.38
N PRO C 412 3.92 21.68 -38.61
CA PRO C 412 3.20 22.27 -39.75
C PRO C 412 1.77 21.74 -39.92
N GLU C 413 0.99 22.48 -40.70
CA GLU C 413 -0.32 22.03 -41.17
C GLU C 413 -0.14 21.33 -42.52
N ALA C 414 -0.61 20.10 -42.59
CA ALA C 414 -0.58 19.35 -43.85
C ALA C 414 -1.25 20.15 -44.96
N GLY C 415 -0.74 19.98 -46.17
CA GLY C 415 -1.24 20.73 -47.31
C GLY C 415 -1.00 20.02 -48.63
N GLY C 416 -1.55 18.82 -48.81
CA GLY C 416 -1.38 18.07 -50.03
C GLY C 416 -0.73 16.71 -49.84
N TRP C 417 -1.13 15.71 -50.63
CA TRP C 417 -0.72 14.32 -50.44
C TRP C 417 -0.17 13.73 -51.73
N HIS C 418 0.60 12.66 -51.55
CA HIS C 418 1.09 11.87 -52.66
C HIS C 418 0.88 10.40 -52.22
N ALA C 419 1.27 9.46 -53.05
CA ALA C 419 1.03 8.06 -52.75
C ALA C 419 1.80 7.51 -51.54
N GLU C 420 3.01 8.00 -51.33
CA GLU C 420 3.81 7.54 -50.22
C GLU C 420 3.18 7.99 -48.91
N ALA C 421 2.65 9.19 -48.89
CA ALA C 421 1.96 9.67 -47.71
C ALA C 421 0.77 8.78 -47.42
N GLU C 422 0.04 8.42 -48.46
CA GLU C 422 -1.12 7.57 -48.29
C GLU C 422 -0.74 6.21 -47.70
N ARG C 423 0.31 5.60 -48.21
CA ARG C 423 0.77 4.34 -47.68
C ARG C 423 1.10 4.45 -46.20
N PHE C 424 1.90 5.43 -45.85
CA PHE C 424 2.31 5.62 -44.47
C PHE C 424 1.13 5.81 -43.52
N TYR C 425 0.16 6.62 -43.93
CA TYR C 425 -0.98 6.87 -43.09
C TYR C 425 -1.70 5.57 -42.83
N GLY C 426 -1.80 4.75 -43.85
CA GLY C 426 -2.40 3.45 -43.68
C GLY C 426 -1.62 2.60 -42.72
N GLN C 427 -0.31 2.74 -42.74
CA GLN C 427 0.53 2.01 -41.80
C GLN C 427 0.32 2.52 -40.36
N ILE C 428 0.11 3.81 -40.20
CA ILE C 428 -0.21 4.37 -38.89
C ILE C 428 -1.54 3.81 -38.40
N LYS C 429 -2.50 3.67 -39.29
CA LYS C 429 -3.80 3.11 -38.93
C LYS C 429 -3.70 1.65 -38.55
N GLU C 430 -2.92 0.90 -39.29
CA GLU C 430 -2.72 -0.49 -38.96
C GLU C 430 -2.09 -0.60 -37.60
N PHE C 431 -1.17 0.31 -37.31
CA PHE C 431 -0.50 0.26 -36.01
C PHE C 431 -1.46 0.65 -34.89
N ALA C 432 -2.19 1.76 -35.06
CA ALA C 432 -3.13 2.20 -34.05
C ALA C 432 -4.21 1.15 -33.82
N SER C 433 -4.59 0.42 -34.86
CA SER C 433 -5.61 -0.61 -34.71
C SER C 433 -5.08 -1.84 -33.97
N CYS C 434 -3.86 -2.29 -34.28
CA CYS C 434 -3.22 -3.33 -33.48
C CYS C 434 -3.19 -2.94 -31.99
N ALA C 435 -2.80 -1.71 -31.70
CA ALA C 435 -2.72 -1.29 -30.30
C ALA C 435 -4.07 -1.39 -29.62
N THR C 436 -5.13 -0.88 -30.25
CA THR C 436 -6.40 -0.85 -29.55
C THR C 436 -6.98 -2.24 -29.40
N LEU C 437 -6.80 -3.10 -30.42
CA LEU C 437 -7.36 -4.43 -30.34
C LEU C 437 -6.60 -5.29 -29.33
N ASP C 438 -5.26 -5.28 -29.41
CA ASP C 438 -4.53 -6.29 -28.66
C ASP C 438 -4.28 -5.88 -27.21
N TYR C 439 -4.76 -4.72 -26.78
CA TYR C 439 -4.83 -4.44 -25.35
C TYR C 439 -6.17 -4.82 -24.74
N LEU C 440 -7.11 -5.33 -25.54
CA LEU C 440 -8.42 -5.68 -25.00
C LEU C 440 -8.31 -6.87 -24.05
N PRO C 441 -9.06 -6.87 -22.96
CA PRO C 441 -9.09 -8.06 -22.08
C PRO C 441 -9.46 -9.36 -22.81
N GLY C 442 -10.35 -9.29 -23.81
CA GLY C 442 -10.80 -10.46 -24.54
C GLY C 442 -9.88 -11.01 -25.61
N ARG C 443 -8.74 -10.36 -25.88
CA ARG C 443 -7.72 -10.83 -26.82
C ARG C 443 -6.42 -10.10 -26.51
N PHE C 444 -5.95 -10.24 -25.27
CA PHE C 444 -4.84 -9.49 -24.72
C PHE C 444 -3.51 -10.07 -25.23
N LYS C 445 -2.74 -9.25 -25.94
CA LYS C 445 -1.45 -9.68 -26.45
C LYS C 445 -0.52 -8.48 -26.57
N PRO C 446 0.04 -8.02 -25.45
CA PRO C 446 1.04 -6.93 -25.51
C PRO C 446 2.27 -7.29 -26.33
N ARG C 447 2.65 -8.57 -26.41
CA ARG C 447 3.76 -8.95 -27.27
C ARG C 447 3.50 -8.55 -28.71
N ALA C 448 2.25 -8.67 -29.17
CA ALA C 448 1.95 -8.23 -30.53
C ALA C 448 2.09 -6.72 -30.69
N VAL C 449 1.79 -5.95 -29.64
CA VAL C 449 1.90 -4.50 -29.73
C VAL C 449 3.37 -4.08 -29.87
N VAL C 450 4.26 -4.70 -29.11
CA VAL C 450 5.67 -4.35 -29.25
C VAL C 450 6.16 -4.70 -30.65
N ALA C 451 5.82 -5.89 -31.13
CA ALA C 451 6.22 -6.29 -32.48
C ALA C 451 5.66 -5.34 -33.53
N ALA C 452 4.45 -4.82 -33.33
CA ALA C 452 3.88 -3.85 -34.26
C ALA C 452 4.59 -2.51 -34.14
N ALA C 453 5.00 -2.16 -32.91
CA ALA C 453 5.76 -0.92 -32.72
C ALA C 453 7.09 -0.98 -33.46
N CYS C 454 7.82 -2.11 -33.35
CA CYS C 454 9.12 -2.22 -34.02
C CYS C 454 8.97 -2.22 -35.53
N ALA C 455 7.94 -2.90 -36.05
CA ALA C 455 7.66 -2.81 -37.48
C ALA C 455 7.27 -1.39 -37.87
N PHE C 456 6.56 -0.68 -36.98
CA PHE C 456 6.11 0.66 -37.31
C PHE C 456 7.28 1.66 -37.33
N ILE C 457 8.23 1.50 -36.41
CA ILE C 457 9.43 2.34 -36.42
C ILE C 457 10.17 2.18 -37.75
N ARG C 458 10.28 0.96 -38.24
CA ARG C 458 10.90 0.73 -39.54
C ARG C 458 10.10 1.37 -40.66
N GLN C 459 8.77 1.31 -40.61
CA GLN C 459 7.97 1.98 -41.63
C GLN C 459 8.16 3.49 -41.55
N ALA C 460 8.25 4.02 -40.33
CA ALA C 460 8.52 5.44 -40.16
C ALA C 460 9.92 5.82 -40.64
N GLU C 461 10.88 4.88 -40.53
CA GLU C 461 12.22 5.15 -41.07
C GLU C 461 12.16 5.28 -42.59
N ASP C 462 11.41 4.40 -43.27
CA ASP C 462 11.19 4.58 -44.69
C ASP C 462 10.56 5.93 -44.98
N PHE C 463 9.55 6.32 -44.21
CA PHE C 463 8.87 7.56 -44.54
C PHE C 463 9.75 8.77 -44.26
N ALA C 464 10.72 8.65 -43.35
CA ALA C 464 11.68 9.74 -43.16
C ALA C 464 12.47 10.00 -44.44
N GLU C 465 12.79 8.97 -45.23
CA GLU C 465 13.43 9.21 -46.51
C GLU C 465 12.51 10.01 -47.44
N VAL C 466 11.22 9.72 -47.39
CA VAL C 466 10.27 10.44 -48.25
C VAL C 466 10.19 11.90 -47.84
N SER C 467 9.96 12.16 -46.55
CA SER C 467 9.83 13.54 -46.07
C SER C 467 11.11 14.34 -46.30
N ALA C 468 12.27 13.70 -46.22
CA ALA C 468 13.52 14.42 -46.41
C ALA C 468 13.65 14.95 -47.83
N ASP C 469 13.10 14.25 -48.81
CA ASP C 469 13.19 14.66 -50.22
C ASP C 469 12.15 15.68 -50.64
N ALA C 470 11.08 15.89 -49.87
CA ALA C 470 10.02 16.79 -50.30
C ALA C 470 10.56 18.19 -50.54
N THR C 471 10.03 18.86 -51.57
CA THR C 471 10.49 20.22 -51.87
C THR C 471 10.28 21.10 -50.63
N PRO C 472 11.31 21.82 -50.18
CA PRO C 472 11.14 22.66 -49.00
C PRO C 472 10.12 23.76 -49.26
N GLY C 473 9.32 24.06 -48.24
CA GLY C 473 8.28 25.05 -48.37
C GLY C 473 7.03 24.58 -49.08
N SER C 474 7.02 23.37 -49.63
CA SER C 474 5.86 22.87 -50.36
C SER C 474 4.80 22.31 -49.39
N GLY C 475 3.57 22.23 -49.88
CA GLY C 475 2.50 21.66 -49.07
C GLY C 475 2.71 20.18 -48.76
N ILE C 476 3.23 19.41 -49.73
CA ILE C 476 3.48 18.00 -49.48
C ILE C 476 4.56 17.83 -48.41
N ALA C 477 5.56 18.71 -48.39
CA ALA C 477 6.57 18.72 -47.33
C ALA C 477 5.95 18.98 -45.97
N ARG C 478 4.92 19.83 -45.91
CA ARG C 478 4.25 20.02 -44.64
C ARG C 478 3.48 18.76 -44.23
N THR C 479 2.82 18.13 -45.19
CA THR C 479 2.10 16.88 -44.91
C THR C 479 3.04 15.81 -44.39
N CYS C 480 4.18 15.62 -45.06
CA CYS C 480 5.10 14.57 -44.66
C CYS C 480 5.56 14.75 -43.22
N ALA C 481 5.93 15.98 -42.85
CA ALA C 481 6.31 16.28 -41.48
C ALA C 481 5.15 16.09 -40.51
N ALA C 482 3.94 16.50 -40.91
CA ALA C 482 2.79 16.35 -40.03
C ALA C 482 2.47 14.88 -39.80
N LEU C 483 2.66 14.04 -40.83
CA LEU C 483 2.45 12.61 -40.70
C LEU C 483 3.50 11.97 -39.80
N GLU C 484 4.75 12.45 -39.87
CA GLU C 484 5.77 11.91 -38.98
C GLU C 484 5.43 12.23 -37.53
N LEU C 485 4.86 13.41 -37.29
CA LEU C 485 4.48 13.77 -35.92
C LEU C 485 3.24 12.99 -35.51
N MET C 486 2.22 12.90 -36.38
CA MET C 486 1.12 11.99 -36.12
C MET C 486 1.63 10.57 -35.84
N ALA C 487 2.68 10.14 -36.55
CA ALA C 487 3.21 8.81 -36.30
C ALA C 487 3.73 8.72 -34.87
N LEU C 488 4.54 9.69 -34.44
CA LEU C 488 5.11 9.59 -33.10
C LEU C 488 4.04 9.73 -32.01
N ARG C 489 3.01 10.52 -32.27
CA ARG C 489 1.85 10.55 -31.38
C ARG C 489 1.19 9.19 -31.29
N THR C 490 1.11 8.48 -32.40
CA THR C 490 0.49 7.17 -32.36
C THR C 490 1.39 6.21 -31.59
N LEU C 491 2.69 6.31 -31.81
CA LEU C 491 3.66 5.55 -31.04
C LEU C 491 3.48 5.80 -29.55
N ALA C 492 3.49 7.06 -29.14
CA ALA C 492 3.32 7.38 -27.73
C ALA C 492 2.03 6.79 -27.17
N MET C 493 0.92 6.92 -27.92
CA MET C 493 -0.35 6.34 -27.49
C MET C 493 -0.25 4.83 -27.31
N ALA C 494 0.29 4.14 -28.32
CA ALA C 494 0.27 2.68 -28.31
C ALA C 494 1.15 2.09 -27.20
N VAL C 495 2.29 2.73 -26.88
CA VAL C 495 3.22 2.11 -25.96
C VAL C 495 3.01 2.57 -24.53
N TRP C 496 2.17 3.59 -24.32
CA TRP C 496 1.93 4.10 -22.97
C TRP C 496 1.58 3.01 -21.96
N PRO C 497 0.67 2.05 -22.24
CA PRO C 497 0.41 1.00 -21.24
C PRO C 497 1.65 0.23 -20.84
N LEU C 498 2.59 0.03 -21.78
CA LEU C 498 3.77 -0.76 -21.47
C LEU C 498 4.93 0.08 -20.93
N ALA C 499 5.08 1.30 -21.42
CA ALA C 499 6.15 2.21 -20.99
C ALA C 499 5.53 3.57 -20.70
N PRO C 500 4.88 3.71 -19.55
CA PRO C 500 4.09 4.93 -19.31
C PRO C 500 4.95 6.18 -19.18
N GLU C 501 6.16 6.08 -18.61
CA GLU C 501 7.02 7.26 -18.55
C GLU C 501 7.41 7.72 -19.94
N PHE C 502 7.88 6.78 -20.76
CA PHE C 502 8.22 7.10 -22.15
C PHE C 502 7.02 7.66 -22.89
N GLY C 503 5.88 6.98 -22.79
CA GLY C 503 4.70 7.44 -23.51
C GLY C 503 4.30 8.83 -23.08
N ARG C 504 4.37 9.10 -21.78
CA ARG C 504 4.01 10.43 -21.27
C ARG C 504 4.97 11.50 -21.77
N ARG C 505 6.27 11.21 -21.76
CA ARG C 505 7.23 12.24 -22.13
C ARG C 505 7.12 12.57 -23.62
N VAL C 506 6.89 11.55 -24.47
CA VAL C 506 6.73 11.84 -25.89
C VAL C 506 5.43 12.58 -26.13
N ALA C 507 4.37 12.19 -25.45
CA ALA C 507 3.11 12.91 -25.61
C ALA C 507 3.29 14.37 -25.24
N ALA C 508 3.95 14.64 -24.12
CA ALA C 508 4.09 16.02 -23.67
C ALA C 508 4.92 16.82 -24.66
N ALA C 509 5.92 16.20 -25.29
CA ALA C 509 6.70 16.86 -26.31
C ALA C 509 5.87 17.17 -27.54
N LEU C 510 4.71 16.54 -27.68
CA LEU C 510 3.79 16.77 -28.77
C LEU C 510 2.59 17.62 -28.36
N GLY C 511 2.66 18.26 -27.18
CA GLY C 511 1.63 19.17 -26.73
C GLY C 511 0.45 18.53 -26.03
N GLU C 512 0.48 17.24 -25.76
CA GLU C 512 -0.66 16.54 -25.17
C GLU C 512 -0.35 16.14 -23.74
N ASP C 513 -1.18 16.59 -22.81
CA ASP C 513 -1.12 16.14 -21.42
C ASP C 513 -1.72 14.75 -21.25
N THR C 514 -2.57 14.32 -22.18
CA THR C 514 -3.13 12.98 -22.15
C THR C 514 -3.40 12.54 -23.58
N ILE C 515 -3.09 11.27 -23.87
CA ILE C 515 -3.38 10.67 -25.19
C ILE C 515 -4.44 9.60 -24.99
N ALA C 516 -5.37 9.53 -25.93
CA ALA C 516 -6.47 8.58 -25.92
C ALA C 516 -6.08 7.34 -26.72
N LEU C 517 -6.30 6.17 -26.13
CA LEU C 517 -6.09 4.91 -26.83
C LEU C 517 -7.28 4.64 -27.74
N GLU C 518 -7.08 4.78 -29.05
CA GLU C 518 -8.17 4.70 -30.01
C GLU C 518 -7.60 4.29 -31.35
N PRO C 519 -8.40 3.70 -32.23
CA PRO C 519 -7.89 3.30 -33.54
C PRO C 519 -7.73 4.44 -34.52
N THR C 520 -8.21 5.65 -34.20
CA THR C 520 -8.08 6.78 -35.10
C THR C 520 -6.85 7.59 -34.74
N PRO C 521 -5.80 7.61 -35.57
CA PRO C 521 -4.67 8.51 -35.30
C PRO C 521 -5.05 9.98 -35.48
N ARG C 522 -4.37 10.85 -34.76
CA ARG C 522 -4.69 12.27 -34.73
C ARG C 522 -3.48 13.12 -35.12
N TRP C 523 -3.72 14.15 -35.93
CA TRP C 523 -2.68 15.13 -36.18
C TRP C 523 -2.21 15.75 -34.88
N VAL C 524 -0.96 16.16 -34.85
CA VAL C 524 -0.51 17.08 -33.82
C VAL C 524 -1.00 18.46 -34.21
N ARG C 525 -1.48 19.22 -33.24
CA ARG C 525 -2.02 20.53 -33.55
C ARG C 525 -0.95 21.40 -34.20
N PRO C 526 -1.22 22.01 -35.36
CA PRO C 526 -0.24 22.90 -35.99
C PRO C 526 0.24 23.98 -35.02
N ASP C 527 1.54 24.29 -35.11
CA ASP C 527 2.26 25.31 -34.33
C ASP C 527 2.69 24.79 -32.97
N THR C 528 2.47 23.52 -32.70
CA THR C 528 3.02 22.92 -31.49
C THR C 528 4.54 22.86 -31.59
N GLU C 529 5.22 23.42 -30.60
CA GLU C 529 6.66 23.26 -30.52
C GLU C 529 7.00 21.79 -30.28
N ILE C 530 7.91 21.26 -31.08
CA ILE C 530 8.36 19.88 -31.02
C ILE C 530 9.75 19.86 -30.38
N LYS C 531 9.88 19.25 -29.22
CA LYS C 531 11.23 19.00 -28.70
C LYS C 531 11.24 17.70 -27.95
N PHE C 532 11.99 16.74 -28.48
CA PHE C 532 12.12 15.41 -27.92
C PHE C 532 13.42 15.34 -27.12
N ALA C 533 13.31 14.87 -25.88
CA ALA C 533 14.49 14.48 -25.12
C ALA C 533 15.36 13.53 -25.93
N THR C 534 16.66 13.57 -25.65
CA THR C 534 17.67 12.75 -26.33
C THR C 534 17.99 11.46 -25.59
N ASP C 535 17.48 11.30 -24.37
CA ASP C 535 17.91 10.24 -23.47
C ASP C 535 16.73 9.56 -22.76
N HIS C 536 15.77 9.02 -23.51
CA HIS C 536 14.65 8.36 -22.84
C HIS C 536 15.07 7.05 -22.17
N PHE C 537 15.96 6.29 -22.81
CA PHE C 537 16.41 4.99 -22.32
C PHE C 537 17.86 5.08 -21.85
N SER C 538 18.27 4.11 -21.03
CA SER C 538 19.60 4.14 -20.42
C SER C 538 20.28 2.80 -20.58
N PRO C 539 21.47 2.75 -21.22
CA PRO C 539 22.26 1.54 -21.51
C PRO C 539 22.85 0.83 -20.29
N GLN D 7 -10.16 -1.64 -66.01
CA GLN D 7 -9.90 -0.71 -67.11
C GLN D 7 -9.87 -1.39 -68.47
N GLY D 8 -9.38 -2.63 -68.52
CA GLY D 8 -9.30 -3.37 -69.76
C GLY D 8 -8.20 -2.93 -70.73
N ARG D 9 -7.30 -2.04 -70.31
CA ARG D 9 -6.31 -1.56 -71.27
C ARG D 9 -5.00 -2.31 -71.13
N PRO D 10 -4.27 -2.56 -72.23
CA PRO D 10 -2.97 -3.23 -72.09
C PRO D 10 -1.94 -2.27 -71.50
N VAL D 11 -1.02 -2.84 -70.72
CA VAL D 11 0.06 -2.09 -70.08
C VAL D 11 1.37 -2.35 -70.80
N LEU D 12 2.04 -1.28 -71.21
CA LEU D 12 3.38 -1.34 -71.81
C LEU D 12 4.42 -0.92 -70.77
N LEU D 13 5.33 -1.83 -70.44
CA LEU D 13 6.41 -1.55 -69.50
C LEU D 13 7.69 -1.29 -70.27
N LEU D 14 8.26 -0.11 -70.06
CA LEU D 14 9.38 0.40 -70.85
C LEU D 14 10.54 0.76 -69.92
N PRO D 15 11.35 -0.23 -69.54
CA PRO D 15 12.62 0.09 -68.88
C PRO D 15 13.59 0.73 -69.87
N SER D 16 14.52 1.51 -69.32
CA SER D 16 15.68 2.02 -70.06
C SER D 16 16.27 0.96 -70.99
N PHE D 17 16.59 1.38 -72.21
CA PHE D 17 17.32 0.49 -73.12
C PHE D 17 18.79 0.59 -72.74
N PRO D 18 19.43 -0.49 -72.29
CA PRO D 18 20.81 -0.36 -71.79
C PRO D 18 21.81 -0.19 -72.94
N THR D 19 22.69 0.79 -72.79
CA THR D 19 23.80 1.00 -73.70
C THR D 19 24.55 -0.31 -73.94
N PRO D 20 24.61 -0.82 -75.17
CA PRO D 20 25.30 -2.10 -75.41
C PRO D 20 26.80 -1.91 -75.61
N ASN D 21 27.46 -1.34 -74.61
CA ASN D 21 28.91 -1.24 -74.55
C ASN D 21 29.49 -2.16 -73.51
N GLY D 22 28.72 -3.14 -73.06
CA GLY D 22 29.12 -3.99 -71.96
C GLY D 22 27.98 -4.89 -71.53
N GLU D 23 28.25 -5.66 -70.49
CA GLU D 23 27.33 -6.58 -69.84
C GLU D 23 26.50 -5.89 -68.76
N LEU D 24 25.43 -6.56 -68.35
CA LEU D 24 24.69 -6.08 -67.19
C LEU D 24 25.36 -6.51 -65.90
N HIS D 25 25.35 -5.62 -64.91
CA HIS D 25 25.73 -5.95 -63.55
C HIS D 25 24.48 -6.00 -62.66
N LEU D 26 24.70 -6.29 -61.37
CA LEU D 26 23.59 -6.41 -60.44
C LEU D 26 22.91 -5.06 -60.19
N GLY D 27 23.64 -3.96 -60.31
CA GLY D 27 23.01 -2.65 -60.22
C GLY D 27 21.92 -2.48 -61.27
N HIS D 28 22.21 -2.88 -62.52
CA HIS D 28 21.21 -2.80 -63.59
C HIS D 28 19.96 -3.59 -63.21
N LEU D 29 20.15 -4.82 -62.72
CA LEU D 29 19.02 -5.64 -62.35
C LEU D 29 18.22 -4.99 -61.22
N SER D 30 18.91 -4.40 -60.25
CA SER D 30 18.21 -3.89 -59.07
C SER D 30 17.35 -2.68 -59.40
N GLY D 31 17.64 -2.01 -60.50
CA GLY D 31 16.90 -0.84 -60.88
C GLY D 31 15.79 -1.19 -61.84
N PRO D 32 15.87 -0.66 -63.06
CA PRO D 32 14.69 -0.73 -63.94
C PRO D 32 14.35 -2.13 -64.40
N PHE D 33 15.31 -3.05 -64.48
CA PHE D 33 14.99 -4.31 -65.12
C PHE D 33 14.23 -5.27 -64.19
N LEU D 34 14.67 -5.43 -62.92
CA LEU D 34 13.82 -6.20 -62.00
C LEU D 34 12.49 -5.49 -61.75
N ASN D 35 12.52 -4.17 -61.63
CA ASN D 35 11.30 -3.43 -61.36
C ASN D 35 10.27 -3.66 -62.47
N ALA D 36 10.71 -3.53 -63.74
CA ALA D 36 9.80 -3.73 -64.85
C ALA D 36 9.31 -5.18 -64.92
N ASP D 37 10.21 -6.15 -64.67
CA ASP D 37 9.76 -7.54 -64.73
C ASP D 37 8.77 -7.86 -63.60
N ALA D 38 9.03 -7.37 -62.39
CA ALA D 38 8.11 -7.65 -61.28
C ALA D 38 6.77 -6.94 -61.48
N CYS D 39 6.80 -5.71 -61.98
CA CYS D 39 5.56 -5.02 -62.31
C CYS D 39 4.77 -5.82 -63.33
N ARG D 40 5.46 -6.26 -64.40
CA ARG D 40 4.85 -7.06 -65.46
C ARG D 40 4.15 -8.29 -64.89
N ARG D 41 4.86 -9.03 -64.03
CA ARG D 41 4.36 -10.29 -63.51
C ARG D 41 3.16 -10.06 -62.58
N ALA D 42 3.21 -9.01 -61.76
CA ALA D 42 2.10 -8.69 -60.89
C ALA D 42 0.87 -8.29 -61.70
N LEU D 43 1.06 -7.49 -62.77
CA LEU D 43 -0.06 -7.18 -63.64
C LEU D 43 -0.66 -8.44 -64.25
N LEU D 44 0.19 -9.38 -64.72
CA LEU D 44 -0.34 -10.63 -65.25
C LEU D 44 -1.08 -11.42 -64.17
N ALA D 45 -0.51 -11.48 -62.95
CA ALA D 45 -1.11 -12.25 -61.88
C ALA D 45 -2.43 -11.64 -61.44
N ALA D 46 -2.60 -10.34 -61.66
CA ALA D 46 -3.84 -9.63 -61.39
C ALA D 46 -4.82 -9.68 -62.56
N GLY D 47 -4.50 -10.43 -63.63
CA GLY D 47 -5.42 -10.56 -64.73
C GLY D 47 -5.31 -9.53 -65.82
N GLU D 48 -4.27 -8.71 -65.83
CA GLU D 48 -4.14 -7.70 -66.89
C GLU D 48 -3.29 -8.23 -68.04
N ARG D 49 -3.39 -7.54 -69.17
CA ARG D 49 -2.42 -7.71 -70.26
C ARG D 49 -1.22 -6.81 -70.01
N ALA D 50 -0.02 -7.39 -69.99
CA ALA D 50 1.18 -6.63 -69.67
C ALA D 50 2.32 -7.07 -70.57
N HIS D 51 2.96 -6.09 -71.22
CA HIS D 51 3.97 -6.38 -72.25
C HIS D 51 5.24 -5.60 -71.95
N LEU D 52 6.34 -6.31 -71.80
CA LEU D 52 7.63 -5.68 -71.53
C LEU D 52 8.37 -5.51 -72.85
N LEU D 53 8.67 -4.25 -73.17
CA LEU D 53 9.33 -3.87 -74.41
C LEU D 53 10.76 -3.50 -74.11
N LEU D 54 11.70 -4.14 -74.79
CA LEU D 54 13.11 -3.95 -74.47
C LEU D 54 13.91 -3.67 -75.74
N GLY D 55 15.18 -3.37 -75.54
CA GLY D 55 16.09 -3.25 -76.66
C GLY D 55 17.41 -2.63 -76.26
N THR D 56 18.30 -2.59 -77.24
CA THR D 56 19.56 -1.88 -77.13
C THR D 56 19.81 -1.00 -78.37
N VAL D 57 18.75 -0.63 -79.10
CA VAL D 57 18.88 0.24 -80.28
C VAL D 57 19.24 1.65 -79.87
N GLY D 58 20.02 2.30 -80.73
CA GLY D 58 20.24 3.73 -80.65
C GLY D 58 21.73 3.98 -80.72
N HIS D 59 22.10 5.14 -81.24
CA HIS D 59 23.48 5.53 -81.25
C HIS D 59 23.86 6.14 -79.91
N GLN D 60 25.04 5.79 -79.41
CA GLN D 60 25.63 6.41 -78.23
C GLN D 60 27.12 6.46 -78.48
N SER D 61 27.74 7.60 -78.18
CA SER D 61 29.18 7.74 -78.43
C SER D 61 30.00 6.73 -77.64
N GLN D 62 29.54 6.34 -76.45
CA GLN D 62 30.26 5.32 -75.68
C GLN D 62 30.37 4.00 -76.44
N VAL D 63 29.36 3.66 -77.26
CA VAL D 63 29.40 2.42 -78.03
C VAL D 63 30.41 2.54 -79.17
N SER D 64 30.38 3.65 -79.90
CA SER D 64 31.33 3.82 -80.98
C SER D 64 32.75 3.91 -80.47
N ALA D 65 32.94 4.35 -79.22
CA ALA D 65 34.26 4.44 -78.61
C ALA D 65 34.75 3.06 -78.22
N ALA D 66 33.89 2.23 -77.64
CA ALA D 66 34.31 0.87 -77.34
C ALA D 66 34.58 0.08 -78.62
N ALA D 67 33.73 0.27 -79.64
CA ALA D 67 33.93 -0.46 -80.90
C ALA D 67 35.29 -0.14 -81.50
N GLU D 68 35.66 1.14 -81.51
CA GLU D 68 36.95 1.54 -82.04
C GLU D 68 38.11 0.98 -81.22
N ALA D 69 37.94 0.84 -79.90
CA ALA D 69 39.00 0.27 -79.06
C ALA D 69 39.19 -1.23 -79.28
N GLU D 70 38.29 -1.91 -79.99
CA GLU D 70 38.36 -3.35 -80.23
C GLU D 70 38.53 -3.69 -81.71
N GLY D 71 38.73 -2.70 -82.58
CA GLY D 71 38.78 -2.95 -84.00
C GLY D 71 37.48 -3.50 -84.55
N LEU D 72 36.35 -2.96 -84.08
CA LEU D 72 35.03 -3.45 -84.46
C LEU D 72 34.20 -2.31 -85.02
N SER D 73 33.26 -2.65 -85.89
CA SER D 73 32.26 -1.66 -86.26
C SER D 73 31.34 -1.39 -85.07
N PHE D 74 30.67 -0.23 -85.12
CA PHE D 74 29.68 0.11 -84.10
C PHE D 74 28.71 -1.05 -83.86
N HIS D 75 28.10 -1.56 -84.92
CA HIS D 75 27.05 -2.56 -84.77
C HIS D 75 27.60 -3.92 -84.34
N GLU D 76 28.82 -4.29 -84.75
CA GLU D 76 29.41 -5.55 -84.29
C GLU D 76 29.56 -5.55 -82.78
N LEU D 77 30.16 -4.50 -82.22
CA LEU D 77 30.34 -4.44 -80.79
C LEU D 77 29.00 -4.37 -80.07
N ALA D 78 28.11 -3.51 -80.56
CA ALA D 78 26.77 -3.42 -79.99
C ALA D 78 26.08 -4.78 -80.00
N GLU D 79 26.16 -5.50 -81.12
CA GLU D 79 25.47 -6.78 -81.22
C GLU D 79 26.04 -7.82 -80.26
N ARG D 80 27.36 -7.85 -80.07
CA ARG D 80 27.93 -8.84 -79.17
C ARG D 80 27.47 -8.57 -77.74
N ASN D 81 27.53 -7.30 -77.31
CA ASN D 81 27.09 -6.98 -75.97
C ASN D 81 25.60 -7.21 -75.80
N THR D 82 24.83 -7.04 -76.86
CA THR D 82 23.41 -7.34 -76.80
C THR D 82 23.15 -8.80 -76.46
N ASP D 83 23.90 -9.73 -77.07
CA ASP D 83 23.76 -11.12 -76.65
C ASP D 83 24.12 -11.32 -75.19
N ALA D 84 25.20 -10.66 -74.73
CA ALA D 84 25.59 -10.78 -73.33
C ALA D 84 24.51 -10.19 -72.43
N ILE D 85 23.92 -9.07 -72.84
CA ILE D 85 22.85 -8.44 -72.08
C ILE D 85 21.63 -9.35 -72.01
N ILE D 86 21.28 -9.97 -73.15
CA ILE D 86 20.15 -10.89 -73.18
C ILE D 86 20.40 -12.10 -72.27
N GLU D 87 21.62 -12.65 -72.28
CA GLU D 87 21.88 -13.81 -71.42
C GLU D 87 21.77 -13.44 -69.95
N GLY D 88 22.24 -12.26 -69.57
CA GLY D 88 22.11 -11.83 -68.19
C GLY D 88 20.67 -11.61 -67.77
N LEU D 89 19.86 -11.01 -68.65
CA LEU D 89 18.46 -10.79 -68.31
C LEU D 89 17.74 -12.10 -68.11
N GLN D 90 18.04 -13.10 -68.96
CA GLN D 90 17.40 -14.39 -68.86
C GLN D 90 17.92 -15.23 -67.69
N ALA D 91 19.20 -15.09 -67.33
CA ALA D 91 19.63 -15.76 -66.10
C ALA D 91 18.87 -15.22 -64.91
N ALA D 92 18.50 -13.95 -64.94
CA ALA D 92 17.74 -13.34 -63.86
C ALA D 92 16.23 -13.54 -63.97
N GLY D 93 15.77 -14.23 -65.01
CA GLY D 93 14.34 -14.45 -65.20
C GLY D 93 13.56 -13.23 -65.64
N ILE D 94 14.21 -12.31 -66.35
CA ILE D 94 13.53 -11.16 -66.93
C ILE D 94 13.01 -11.56 -68.31
N ASP D 95 11.70 -11.52 -68.50
CA ASP D 95 11.11 -11.81 -69.80
C ASP D 95 10.75 -10.52 -70.52
N TRP D 96 10.60 -10.64 -71.84
CA TRP D 96 10.19 -9.50 -72.65
C TRP D 96 9.34 -10.01 -73.80
N ASP D 97 8.51 -9.11 -74.32
CA ASP D 97 7.64 -9.40 -75.44
C ASP D 97 8.20 -8.87 -76.77
N VAL D 98 9.27 -8.08 -76.71
CA VAL D 98 9.99 -7.64 -77.90
C VAL D 98 11.36 -7.20 -77.45
N PHE D 99 12.36 -7.39 -78.31
CA PHE D 99 13.73 -6.95 -78.04
C PHE D 99 14.32 -6.38 -79.32
N VAL D 100 14.42 -5.07 -79.41
CA VAL D 100 14.97 -4.42 -80.60
C VAL D 100 16.49 -4.45 -80.51
N ARG D 101 17.11 -5.10 -81.46
CA ARG D 101 18.55 -5.20 -81.52
C ARG D 101 19.14 -3.98 -82.23
N PRO D 102 20.43 -3.67 -81.98
CA PRO D 102 21.00 -2.43 -82.54
C PRO D 102 20.94 -2.34 -84.05
N SER D 103 20.96 -3.46 -84.76
CA SER D 103 20.95 -3.48 -86.21
C SER D 103 19.57 -3.40 -86.82
N GLU D 104 18.52 -3.28 -86.01
CA GLU D 104 17.14 -3.25 -86.51
C GLU D 104 17.01 -2.32 -87.71
N PRO D 105 16.73 -2.85 -88.91
CA PRO D 105 16.74 -2.01 -90.12
C PRO D 105 15.67 -0.93 -90.14
N ALA D 106 14.56 -1.11 -89.43
CA ALA D 106 13.51 -0.10 -89.45
C ALA D 106 13.77 1.07 -88.51
N TYR D 107 14.72 0.93 -87.59
CA TYR D 107 14.91 2.01 -86.60
C TYR D 107 15.31 3.33 -87.23
N PRO D 108 16.35 3.43 -88.08
CA PRO D 108 16.72 4.75 -88.61
C PRO D 108 15.56 5.45 -89.31
N ALA D 109 14.72 4.72 -90.04
CA ALA D 109 13.58 5.35 -90.70
C ALA D 109 12.57 5.87 -89.69
N MET D 110 12.36 5.14 -88.58
CA MET D 110 11.47 5.61 -87.52
C MET D 110 12.02 6.87 -86.86
N ALA D 111 13.31 6.86 -86.48
CA ALA D 111 13.92 8.04 -85.88
C ALA D 111 13.92 9.23 -86.84
N THR D 112 14.23 8.99 -88.11
CA THR D 112 14.18 10.05 -89.10
C THR D 112 12.76 10.59 -89.27
N SER D 113 11.78 9.68 -89.34
CA SER D 113 10.38 10.08 -89.46
C SER D 113 9.98 11.04 -88.34
N VAL D 114 10.41 10.74 -87.11
CA VAL D 114 10.04 11.59 -85.97
C VAL D 114 10.68 12.95 -86.11
N PHE D 115 11.94 12.98 -86.52
CA PHE D 115 12.61 14.26 -86.77
C PHE D 115 11.92 15.04 -87.88
N GLU D 116 11.69 14.40 -89.03
CA GLU D 116 11.11 15.10 -90.17
C GLU D 116 9.72 15.64 -89.85
N SER D 117 8.93 14.88 -89.07
CA SER D 117 7.59 15.34 -88.71
C SER D 117 7.65 16.56 -87.79
N LEU D 118 8.40 16.47 -86.69
CA LEU D 118 8.55 17.64 -85.82
C LEU D 118 9.18 18.81 -86.57
N ARG D 119 10.10 18.53 -87.50
CA ARG D 119 10.66 19.59 -88.32
C ARG D 119 9.60 20.24 -89.19
N ASP D 120 8.89 19.44 -90.00
CA ASP D 120 7.92 20.00 -90.92
C ASP D 120 6.85 20.77 -90.16
N ARG D 121 6.59 20.41 -88.92
CA ARG D 121 5.45 21.01 -88.24
C ARG D 121 5.83 22.28 -87.48
N GLY D 122 7.10 22.68 -87.51
CA GLY D 122 7.54 23.88 -86.84
C GLY D 122 7.82 23.74 -85.36
N VAL D 123 7.93 22.52 -84.84
CA VAL D 123 8.26 22.34 -83.43
C VAL D 123 9.76 22.50 -83.20
N LEU D 124 10.59 22.06 -84.15
CA LEU D 124 12.01 22.26 -84.07
C LEU D 124 12.40 23.67 -84.53
N VAL D 125 13.60 24.11 -84.14
CA VAL D 125 14.12 25.41 -84.58
C VAL D 125 15.59 25.24 -84.94
N ARG D 126 16.03 26.06 -85.88
CA ARG D 126 17.43 26.08 -86.21
C ARG D 126 17.98 27.31 -85.56
N ARG D 127 19.07 27.14 -84.82
CA ARG D 127 19.72 28.26 -84.21
C ARG D 127 21.20 28.23 -84.47
N THR D 128 21.78 29.40 -84.60
CA THR D 128 23.23 29.48 -84.75
C THR D 128 23.79 30.22 -83.55
N GLU D 129 24.75 29.62 -82.87
CA GLU D 129 25.33 30.23 -81.68
C GLU D 129 26.81 29.90 -81.48
N PRO D 130 27.54 30.77 -80.75
CA PRO D 130 28.92 30.38 -80.43
C PRO D 130 28.89 29.09 -79.62
N THR D 131 29.57 28.08 -80.12
CA THR D 131 29.55 26.79 -79.48
C THR D 131 31.00 26.34 -79.24
N ASN D 132 31.18 25.59 -78.16
CA ASN D 132 32.53 25.22 -77.73
C ASN D 132 33.23 24.40 -78.82
N TYR D 133 34.52 24.70 -79.01
CA TYR D 133 35.30 24.17 -80.10
C TYR D 133 36.73 23.96 -79.61
N CYS D 134 37.41 22.96 -80.18
CA CYS D 134 38.82 22.70 -79.92
C CYS D 134 39.60 22.83 -81.22
N GLU D 135 40.43 23.86 -81.32
CA GLU D 135 41.22 24.04 -82.54
C GLU D 135 42.27 22.95 -82.72
N PRO D 136 43.10 22.61 -81.72
CA PRO D 136 44.06 21.50 -81.93
C PRO D 136 43.40 20.23 -82.43
N CYS D 137 42.28 19.82 -81.84
CA CYS D 137 41.59 18.64 -82.33
C CYS D 137 40.73 18.91 -83.56
N GLY D 138 40.39 20.17 -83.81
CA GLY D 138 39.55 20.51 -84.94
C GLY D 138 38.16 19.95 -84.88
N ARG D 139 37.46 20.15 -83.76
CA ARG D 139 36.06 19.73 -83.74
C ARG D 139 35.31 20.46 -82.65
N PHE D 140 33.99 20.48 -82.82
CA PHE D 140 33.11 21.10 -81.83
C PHE D 140 33.03 20.21 -80.61
N LEU D 141 32.79 20.83 -79.47
CA LEU D 141 32.82 20.17 -78.15
C LEU D 141 31.41 20.06 -77.59
N LEU D 142 30.79 18.90 -77.78
CA LEU D 142 29.42 18.66 -77.41
C LEU D 142 29.28 17.21 -76.97
N GLU D 143 28.25 16.94 -76.18
CA GLU D 143 27.99 15.59 -75.65
C GLU D 143 29.25 15.11 -74.93
N ALA D 144 29.74 13.89 -75.19
CA ALA D 144 30.80 13.31 -74.40
C ALA D 144 32.19 13.79 -74.80
N PHE D 145 32.29 14.63 -75.84
CA PHE D 145 33.56 15.19 -76.28
C PHE D 145 33.89 16.50 -75.60
N VAL D 146 32.98 17.02 -74.78
CA VAL D 146 33.23 18.23 -74.01
C VAL D 146 33.19 17.86 -72.53
N ALA D 147 34.04 18.52 -71.74
CA ALA D 147 34.05 18.38 -70.29
C ALA D 147 33.85 19.76 -69.68
N GLY D 148 33.37 19.80 -68.44
CA GLY D 148 33.06 21.08 -67.83
C GLY D 148 32.33 20.90 -66.51
N HIS D 149 31.90 22.03 -65.95
CA HIS D 149 31.30 22.09 -64.63
C HIS D 149 29.79 22.35 -64.74
N CYS D 150 28.98 21.50 -64.10
CA CYS D 150 27.53 21.72 -64.05
C CYS D 150 27.21 23.07 -63.43
N PRO D 151 26.52 23.97 -64.13
CA PRO D 151 26.26 25.31 -63.58
C PRO D 151 25.32 25.32 -62.39
N HIS D 152 24.67 24.20 -62.06
CA HIS D 152 23.76 24.17 -60.93
C HIS D 152 24.50 23.84 -59.64
N CYS D 153 25.19 22.70 -59.62
CA CYS D 153 25.94 22.26 -58.45
C CYS D 153 27.44 22.41 -58.57
N GLY D 154 28.00 22.32 -59.78
CA GLY D 154 29.43 22.47 -59.96
C GLY D 154 30.17 21.17 -60.18
N SER D 155 29.47 20.03 -60.08
CA SER D 155 30.07 18.74 -60.41
C SER D 155 30.74 18.78 -61.77
N ASN D 156 31.81 17.99 -61.91
CA ASN D 156 32.45 17.77 -63.20
C ASN D 156 32.01 16.47 -63.86
N GLN D 157 31.15 15.69 -63.20
CA GLN D 157 30.59 14.47 -63.76
C GLN D 157 29.48 14.83 -64.75
N THR D 158 29.91 15.28 -65.94
CA THR D 158 29.00 15.87 -66.94
C THR D 158 29.30 15.34 -68.34
N ALA D 159 28.26 15.36 -69.21
CA ALA D 159 28.40 15.03 -70.65
C ALA D 159 27.60 16.05 -71.47
N GLY D 160 28.21 17.20 -71.74
CA GLY D 160 27.49 18.26 -72.42
C GLY D 160 26.42 18.81 -71.51
N ILE D 161 25.14 18.49 -71.78
CA ILE D 161 24.03 19.10 -71.05
C ILE D 161 23.53 18.23 -69.90
N GLU D 162 24.14 17.07 -69.65
CA GLU D 162 23.69 16.13 -68.64
C GLU D 162 24.63 16.14 -67.44
N CYS D 163 24.07 16.33 -66.24
CA CYS D 163 24.86 16.25 -65.02
C CYS D 163 24.44 15.02 -64.22
N GLU D 164 25.41 14.39 -63.57
CA GLU D 164 25.12 13.18 -62.80
C GLU D 164 24.89 13.44 -61.32
N LEU D 165 25.40 14.56 -60.79
CA LEU D 165 25.21 14.85 -59.37
C LEU D 165 23.81 15.38 -59.07
N CYS D 166 23.20 16.16 -59.98
CA CYS D 166 21.90 16.78 -59.73
C CYS D 166 20.88 16.58 -60.84
N ALA D 167 21.29 16.14 -62.03
CA ALA D 167 20.41 15.83 -63.16
C ALA D 167 19.64 17.03 -63.68
N LEU D 168 19.93 18.25 -63.18
CA LEU D 168 19.20 19.42 -63.66
C LEU D 168 19.67 19.85 -65.04
N PRO D 169 18.76 20.21 -65.94
CA PRO D 169 19.15 20.54 -67.31
C PRO D 169 19.71 21.94 -67.44
N TYR D 170 20.49 22.15 -68.50
CA TYR D 170 21.07 23.46 -68.81
C TYR D 170 21.46 23.49 -70.29
N ASP D 171 21.60 24.71 -70.82
CA ASP D 171 22.01 24.89 -72.22
C ASP D 171 23.49 24.55 -72.40
N ASP D 172 23.85 24.10 -73.61
CA ASP D 172 25.25 23.78 -73.88
C ASP D 172 26.17 24.95 -73.57
N ARG D 173 25.72 26.18 -73.84
CA ARG D 173 26.58 27.33 -73.58
C ARG D 173 26.70 27.69 -72.10
N ASP D 174 25.94 27.02 -71.21
CA ASP D 174 26.05 27.29 -69.79
C ASP D 174 26.97 26.31 -69.06
N LEU D 175 27.51 25.33 -69.75
CA LEU D 175 28.53 24.47 -69.13
C LEU D 175 29.59 25.46 -68.67
N VAL D 176 30.06 25.35 -67.44
CA VAL D 176 30.94 26.37 -66.89
C VAL D 176 32.38 26.46 -67.37
N ASP D 177 33.15 25.41 -67.27
CA ASP D 177 34.54 25.56 -67.66
C ASP D 177 34.78 24.62 -68.80
N PRO D 178 34.20 24.92 -69.96
CA PRO D 178 34.26 23.98 -71.07
C PRO D 178 35.67 23.64 -71.53
N SER D 179 35.88 22.37 -71.81
CA SER D 179 37.17 21.95 -72.31
C SER D 179 37.00 20.73 -73.18
N CYS D 180 37.99 20.52 -74.05
CA CYS D 180 37.99 19.35 -74.93
C CYS D 180 38.20 18.09 -74.07
N ALA D 181 37.26 17.14 -74.19
CA ALA D 181 37.32 15.95 -73.35
C ALA D 181 38.45 15.01 -73.73
N THR D 182 38.94 15.10 -74.97
CA THR D 182 39.96 14.15 -75.37
C THR D 182 41.38 14.68 -75.21
N CYS D 183 41.64 15.95 -75.53
CA CYS D 183 42.98 16.52 -75.38
C CYS D 183 43.15 17.39 -74.13
N GLY D 184 42.08 17.92 -73.56
CA GLY D 184 42.15 18.64 -72.29
C GLY D 184 42.20 20.15 -72.39
N ALA D 185 42.42 20.71 -73.58
CA ALA D 185 42.54 22.16 -73.73
C ALA D 185 41.21 22.86 -73.46
N ALA D 186 41.30 24.07 -72.89
CA ALA D 186 40.09 24.87 -72.68
C ALA D 186 39.45 25.17 -74.03
N ALA D 187 38.13 25.26 -74.03
CA ALA D 187 37.42 25.44 -75.29
C ALA D 187 37.63 26.84 -75.84
N THR D 188 37.79 26.92 -77.15
CA THR D 188 37.51 28.17 -77.86
C THR D 188 36.06 28.09 -78.36
N GLN D 189 35.64 29.05 -79.20
CA GLN D 189 34.28 29.08 -79.71
C GLN D 189 34.29 29.34 -81.21
N ARG D 190 33.22 28.89 -81.86
CA ARG D 190 33.04 28.91 -83.30
C ARG D 190 31.54 28.83 -83.56
N PRO D 191 31.04 29.65 -84.49
CA PRO D 191 29.60 29.59 -84.68
C PRO D 191 29.13 28.27 -85.28
N LEU D 192 28.02 27.76 -84.79
CA LEU D 192 27.47 26.51 -85.31
C LEU D 192 25.96 26.56 -85.36
N THR D 193 25.42 26.06 -86.44
CA THR D 193 23.99 26.05 -86.60
C THR D 193 23.48 24.66 -86.30
N ARG D 194 22.50 24.56 -85.43
CA ARG D 194 21.90 23.27 -85.14
C ARG D 194 20.38 23.28 -84.95
N TYR D 195 19.79 22.12 -84.99
CA TYR D 195 18.36 21.98 -84.70
C TYR D 195 18.16 21.78 -83.20
N PHE D 196 17.17 22.48 -82.65
CA PHE D 196 16.81 22.33 -81.25
C PHE D 196 15.29 22.16 -81.13
N MET D 197 14.86 21.49 -80.06
CA MET D 197 13.44 21.49 -79.74
C MET D 197 13.24 22.35 -78.51
N PRO D 198 12.64 23.53 -78.64
CA PRO D 198 12.34 24.35 -77.46
C PRO D 198 11.34 23.67 -76.54
N LEU D 199 11.66 23.64 -75.24
CA LEU D 199 10.78 23.06 -74.23
C LEU D 199 10.00 24.11 -73.46
N GLU D 200 10.56 25.31 -73.29
CA GLU D 200 9.87 26.35 -72.55
C GLU D 200 8.48 26.67 -73.11
N PRO D 201 8.26 26.75 -74.42
CA PRO D 201 6.87 26.93 -74.92
C PRO D 201 5.94 25.80 -74.52
N LEU D 202 6.45 24.70 -73.97
CA LEU D 202 5.63 23.56 -73.57
C LEU D 202 5.46 23.48 -72.05
N ARG D 203 5.81 24.56 -71.34
CA ARG D 203 5.83 24.54 -69.89
C ARG D 203 4.49 24.10 -69.30
N ASP D 204 3.38 24.63 -69.82
CA ASP D 204 2.08 24.27 -69.27
C ASP D 204 1.71 22.83 -69.61
N GLU D 205 1.96 22.40 -70.84
CA GLU D 205 1.70 21.02 -71.19
C GLU D 205 2.51 20.07 -70.31
N LEU D 206 3.80 20.38 -70.06
CA LEU D 206 4.65 19.47 -69.28
C LEU D 206 4.30 19.53 -67.80
N SER D 207 4.02 20.71 -67.26
CA SER D 207 3.54 20.81 -65.88
C SER D 207 2.29 19.98 -65.67
N GLY D 208 1.26 20.21 -66.50
CA GLY D 208 0.03 19.43 -66.38
C GLY D 208 0.25 17.95 -66.57
N TYR D 209 1.09 17.57 -67.54
CA TYR D 209 1.38 16.15 -67.74
C TYR D 209 1.99 15.53 -66.49
N LEU D 210 3.00 16.20 -65.91
CA LEU D 210 3.67 15.62 -64.75
C LEU D 210 2.79 15.68 -63.49
N ARG D 211 1.98 16.73 -63.33
CA ARG D 211 1.03 16.76 -62.22
C ARG D 211 0.08 15.57 -62.25
N GLY D 212 -0.26 15.09 -63.45
CA GLY D 212 -1.16 13.97 -63.62
C GLY D 212 -0.50 12.62 -63.64
N ALA D 213 0.82 12.57 -63.76
CA ALA D 213 1.51 11.28 -63.75
C ALA D 213 1.84 10.86 -62.32
N ALA D 214 2.08 9.55 -62.15
CA ALA D 214 2.49 8.99 -60.87
C ALA D 214 4.01 8.83 -60.84
N MET D 215 4.60 9.19 -59.70
CA MET D 215 6.03 9.11 -59.42
C MET D 215 6.21 9.30 -57.92
N HIS D 216 7.34 8.81 -57.39
CA HIS D 216 7.52 9.09 -55.97
C HIS D 216 7.91 10.55 -55.75
N GLY D 217 7.95 10.92 -54.47
CA GLY D 217 8.20 12.31 -54.12
C GLY D 217 9.61 12.77 -54.43
N ARG D 218 10.58 11.85 -54.39
CA ARG D 218 11.94 12.21 -54.76
C ARG D 218 11.98 12.65 -56.22
N LEU D 219 11.41 11.85 -57.13
CA LEU D 219 11.33 12.29 -58.53
C LEU D 219 10.45 13.53 -58.68
N ARG D 220 9.38 13.63 -57.89
CA ARG D 220 8.50 14.78 -58.03
C ARG D 220 9.22 16.08 -57.66
N ALA D 221 9.92 16.08 -56.53
CA ALA D 221 10.68 17.27 -56.15
C ALA D 221 11.72 17.62 -57.23
N TYR D 222 12.30 16.59 -57.87
CA TYR D 222 13.23 16.85 -58.98
C TYR D 222 12.57 17.62 -60.12
N THR D 223 11.37 17.18 -60.56
CA THR D 223 10.69 17.90 -61.65
C THR D 223 10.31 19.31 -61.22
N GLU D 224 9.98 19.52 -59.94
CA GLU D 224 9.73 20.87 -59.43
C GLU D 224 11.01 21.73 -59.46
N ARG D 225 12.18 21.14 -59.16
CA ARG D 225 13.41 21.91 -59.28
C ARG D 225 13.66 22.29 -60.73
N VAL D 226 13.44 21.33 -61.65
CA VAL D 226 13.60 21.61 -63.07
C VAL D 226 12.66 22.72 -63.52
N LEU D 227 11.37 22.58 -63.20
CA LEU D 227 10.37 23.54 -63.66
C LEU D 227 10.52 24.90 -62.98
N ALA D 228 11.32 24.98 -61.92
CA ALA D 228 11.57 26.23 -61.22
C ALA D 228 12.39 27.23 -62.05
N LYS D 229 13.07 26.78 -63.08
CA LYS D 229 13.85 27.65 -63.95
C LYS D 229 13.34 27.51 -65.37
N THR D 230 13.87 28.37 -66.25
CA THR D 230 13.53 28.28 -67.67
C THR D 230 13.93 26.91 -68.20
N LEU D 231 13.07 26.32 -69.01
CA LEU D 231 13.40 25.00 -69.55
C LEU D 231 14.38 25.16 -70.70
N PRO D 232 15.51 24.45 -70.70
CA PRO D 232 16.43 24.57 -71.83
C PRO D 232 15.86 23.90 -73.07
N ASP D 233 16.32 24.38 -74.22
CA ASP D 233 16.01 23.72 -75.49
C ASP D 233 16.64 22.34 -75.50
N LEU D 234 15.91 21.37 -76.05
CA LEU D 234 16.45 20.04 -76.23
C LEU D 234 17.24 20.00 -77.54
N PRO D 235 18.54 19.74 -77.52
CA PRO D 235 19.29 19.65 -78.77
C PRO D 235 18.84 18.45 -79.59
N VAL D 236 18.77 18.64 -80.90
CA VAL D 236 18.31 17.60 -81.82
C VAL D 236 19.45 17.07 -82.67
N SER D 237 20.30 17.95 -83.18
CA SER D 237 21.40 17.55 -84.04
C SER D 237 22.73 17.94 -83.41
N ILE D 238 23.78 17.27 -83.89
CA ILE D 238 25.12 17.37 -83.33
C ILE D 238 26.10 16.99 -84.45
N PRO D 239 27.17 17.75 -84.67
CA PRO D 239 28.25 17.24 -85.53
C PRO D 239 28.83 16.00 -84.88
N ALA D 240 28.99 14.95 -85.68
CA ALA D 240 29.48 13.70 -85.13
C ALA D 240 29.80 12.76 -86.28
N GLU D 241 30.72 11.85 -86.02
CA GLU D 241 31.09 10.88 -87.04
C GLU D 241 30.03 9.80 -87.23
N HIS D 242 29.20 9.54 -86.24
CA HIS D 242 28.26 8.42 -86.33
C HIS D 242 26.88 8.82 -85.83
N GLY D 243 25.87 8.09 -86.32
CA GLY D 243 24.50 8.27 -85.91
C GLY D 243 23.59 8.49 -87.10
N ILE D 244 22.33 8.81 -86.80
CA ILE D 244 21.32 9.06 -87.83
C ILE D 244 21.59 10.41 -88.47
N PRO D 245 21.83 10.47 -89.77
CA PRO D 245 22.24 11.73 -90.39
C PRO D 245 21.13 12.77 -90.40
N ILE D 246 21.51 14.01 -90.09
CA ILE D 246 20.61 15.15 -90.19
C ILE D 246 21.32 16.23 -91.00
N HIS D 247 20.68 16.70 -92.07
CA HIS D 247 21.18 17.85 -92.79
C HIS D 247 20.62 19.12 -92.17
N VAL D 248 21.49 20.09 -91.92
CA VAL D 248 21.07 21.34 -91.31
C VAL D 248 21.28 22.44 -92.31
N GLU D 249 20.20 23.08 -92.71
CA GLU D 249 20.27 24.10 -93.77
C GLU D 249 20.97 25.39 -93.44
N ASP D 250 21.67 25.94 -94.43
CA ASP D 250 22.36 27.21 -94.25
C ASP D 250 23.09 27.18 -92.95
N ALA D 251 24.01 26.24 -92.82
CA ALA D 251 24.67 26.06 -91.54
C ALA D 251 26.01 26.71 -91.32
N SER D 252 26.22 27.23 -90.12
CA SER D 252 27.52 27.70 -89.78
C SER D 252 28.09 26.41 -89.22
N GLY D 253 29.26 26.01 -89.66
CA GLY D 253 29.84 24.73 -89.30
C GLY D 253 29.34 23.67 -90.26
N PRO D 254 29.55 22.40 -89.92
CA PRO D 254 29.19 21.34 -90.87
C PRO D 254 27.67 21.23 -91.07
N ALA D 255 27.27 21.04 -92.34
CA ALA D 255 25.85 20.89 -92.69
C ALA D 255 25.37 19.46 -92.52
N GLU D 256 26.25 18.47 -92.72
CA GLU D 256 25.93 17.07 -92.46
C GLU D 256 26.18 16.81 -90.99
N GLN D 257 25.12 16.59 -90.24
CA GLN D 257 25.22 16.35 -88.80
C GLN D 257 24.57 15.01 -88.49
N ARG D 258 24.32 14.78 -87.21
CA ARG D 258 23.71 13.55 -86.76
C ARG D 258 22.63 13.91 -85.74
N MET D 259 21.75 12.96 -85.49
CA MET D 259 20.77 13.12 -84.43
C MET D 259 21.44 12.95 -83.07
N TYR D 260 21.15 13.86 -82.15
CA TYR D 260 21.59 13.73 -80.77
C TYR D 260 20.87 12.56 -80.07
N SER D 261 21.64 11.75 -79.34
CA SER D 261 21.10 10.55 -78.68
C SER D 261 19.82 10.81 -77.91
N ALA D 262 19.79 11.85 -77.07
CA ALA D 262 18.66 12.10 -76.20
C ALA D 262 17.38 12.33 -76.96
N PHE D 263 17.49 12.75 -78.23
CA PHE D 263 16.30 12.97 -79.04
C PHE D 263 15.71 11.66 -79.52
N GLU D 264 16.47 10.57 -79.43
CA GLU D 264 16.10 9.28 -80.04
C GLU D 264 15.10 8.47 -79.22
N LEU D 265 14.83 8.86 -77.97
CA LEU D 265 14.14 7.95 -77.05
C LEU D 265 12.71 7.64 -77.52
N ALA D 266 12.01 8.62 -78.10
CA ALA D 266 10.64 8.36 -78.56
C ALA D 266 10.61 7.33 -79.70
N ALA D 267 11.52 7.46 -80.65
CA ALA D 267 11.60 6.51 -81.75
C ALA D 267 12.09 5.14 -81.30
N ARG D 268 12.92 5.09 -80.25
CA ARG D 268 13.29 3.80 -79.68
C ARG D 268 12.05 3.09 -79.14
N PHE D 269 11.20 3.84 -78.42
CA PHE D 269 9.96 3.26 -77.90
C PHE D 269 9.06 2.79 -79.03
N LEU D 270 8.84 3.65 -80.03
CA LEU D 270 7.89 3.32 -81.08
C LEU D 270 8.38 2.16 -81.93
N THR D 271 9.69 2.06 -82.15
CA THR D 271 10.23 0.92 -82.88
C THR D 271 9.92 -0.37 -82.12
N ALA D 272 10.17 -0.38 -80.80
CA ALA D 272 9.82 -1.54 -79.98
C ALA D 272 8.34 -1.87 -80.08
N LEU D 273 7.49 -0.87 -79.90
CA LEU D 273 6.06 -1.13 -79.96
C LEU D 273 5.68 -1.65 -81.34
N ASP D 274 6.28 -1.05 -82.38
CA ASP D 274 5.99 -1.46 -83.75
C ASP D 274 6.32 -2.93 -83.98
N GLY D 275 7.48 -3.38 -83.50
CA GLY D 275 7.83 -4.79 -83.62
C GLY D 275 6.98 -5.70 -82.76
N PHE D 276 6.52 -5.21 -81.62
CA PHE D 276 5.68 -6.05 -80.77
C PHE D 276 4.30 -6.24 -81.38
N ALA D 277 3.71 -5.16 -81.90
CA ALA D 277 2.33 -5.15 -82.38
C ALA D 277 2.20 -5.19 -83.89
N ASP D 278 3.31 -5.33 -84.62
CA ASP D 278 3.27 -5.37 -86.08
C ASP D 278 2.50 -4.15 -86.62
N GLY D 279 2.87 -2.98 -86.11
CA GLY D 279 2.21 -1.73 -86.49
C GLY D 279 1.89 -0.91 -85.26
N TRP D 280 2.78 0.00 -84.87
CA TRP D 280 2.66 0.65 -83.56
C TRP D 280 1.45 1.58 -83.50
N GLU D 281 1.13 2.27 -84.61
CA GLU D 281 0.14 3.33 -84.51
C GLU D 281 -1.27 2.79 -84.49
N ALA D 282 -1.57 1.79 -85.33
CA ALA D 282 -2.90 1.19 -85.28
C ALA D 282 -3.12 0.52 -83.92
N TYR D 283 -2.08 -0.11 -83.39
CA TYR D 283 -2.16 -0.66 -82.03
C TYR D 283 -2.43 0.44 -81.02
N ALA D 284 -1.64 1.51 -81.06
CA ALA D 284 -1.81 2.59 -80.07
C ALA D 284 -3.22 3.17 -80.11
N ARG D 285 -3.74 3.45 -81.31
CA ARG D 285 -5.02 4.12 -81.42
C ARG D 285 -6.18 3.20 -81.06
N GLN D 286 -6.05 1.91 -81.37
CA GLN D 286 -7.15 0.97 -81.16
C GLN D 286 -7.13 0.28 -79.79
N GLU D 287 -5.94 0.04 -79.21
CA GLU D 287 -5.88 -0.60 -77.90
C GLU D 287 -5.71 0.39 -76.73
N ASN D 288 -5.39 1.66 -76.99
CA ASN D 288 -5.26 2.68 -75.95
C ASN D 288 -4.33 2.25 -74.83
N PRO D 289 -3.09 1.85 -75.10
CA PRO D 289 -2.28 1.22 -74.06
C PRO D 289 -1.88 2.20 -72.96
N ARG D 290 -1.65 1.64 -71.78
CA ARG D 290 -1.04 2.36 -70.68
C ARG D 290 0.47 2.11 -70.70
N THR D 291 1.26 3.16 -70.50
CA THR D 291 2.72 3.04 -70.56
C THR D 291 3.33 3.40 -69.22
N VAL D 292 4.22 2.54 -68.73
CA VAL D 292 4.92 2.72 -67.46
C VAL D 292 6.42 2.71 -67.75
N LEU D 293 7.12 3.80 -67.40
CA LEU D 293 8.57 3.87 -67.55
C LEU D 293 9.29 3.46 -66.29
N PHE D 294 10.44 2.78 -66.47
CA PHE D 294 11.38 2.45 -65.40
C PHE D 294 12.78 2.93 -65.80
N PHE D 295 13.44 3.68 -64.93
CA PHE D 295 14.73 4.29 -65.26
C PHE D 295 15.46 4.66 -63.97
N GLY D 296 16.82 4.76 -64.06
CA GLY D 296 17.59 5.35 -62.97
C GLY D 296 17.52 6.87 -63.00
N PHE D 297 17.99 7.48 -61.92
CA PHE D 297 17.83 8.92 -61.76
C PHE D 297 18.68 9.74 -62.73
N ASP D 298 19.77 9.16 -63.25
CA ASP D 298 20.54 9.85 -64.28
C ASP D 298 19.74 10.04 -65.56
N ASN D 299 18.66 9.28 -65.74
CA ASN D 299 17.75 9.40 -66.86
C ASN D 299 16.50 10.20 -66.54
N ALA D 300 16.48 10.91 -65.41
CA ALA D 300 15.23 11.52 -64.95
C ALA D 300 14.77 12.62 -65.88
N PHE D 301 15.71 13.47 -66.32
CA PHE D 301 15.31 14.54 -67.23
C PHE D 301 14.88 13.96 -68.57
N LEU D 302 15.59 12.92 -69.03
CA LEU D 302 15.29 12.31 -70.30
C LEU D 302 13.89 11.71 -70.30
N ARG D 303 13.49 11.08 -69.19
CA ARG D 303 12.24 10.35 -69.12
C ARG D 303 11.07 11.18 -68.60
N ALA D 304 11.31 12.20 -67.78
CA ALA D 304 10.21 13.03 -67.30
C ALA D 304 9.94 14.25 -68.17
N PHE D 305 10.90 14.67 -69.01
CA PHE D 305 10.73 15.91 -69.78
C PHE D 305 10.95 15.70 -71.27
N ALA D 306 12.16 15.30 -71.64
CA ALA D 306 12.52 15.13 -73.04
C ALA D 306 11.62 14.09 -73.72
N PHE D 307 11.51 12.90 -73.14
CA PHE D 307 10.70 11.87 -73.77
C PHE D 307 9.24 12.30 -73.97
N PRO D 308 8.51 12.75 -72.94
CA PRO D 308 7.10 13.16 -73.20
C PRO D 308 6.97 14.39 -74.07
N ALA D 309 7.92 15.34 -74.01
CA ALA D 309 7.87 16.46 -74.94
C ALA D 309 7.94 15.97 -76.38
N VAL D 310 8.87 15.06 -76.67
CA VAL D 310 9.06 14.64 -78.05
C VAL D 310 7.94 13.71 -78.48
N LEU D 311 7.61 12.71 -77.63
CA LEU D 311 6.55 11.78 -78.01
C LEU D 311 5.24 12.51 -78.20
N GLY D 312 4.86 13.39 -77.25
CA GLY D 312 3.60 14.09 -77.36
C GLY D 312 3.54 15.04 -78.55
N ALA D 313 4.65 15.68 -78.89
CA ALA D 313 4.68 16.56 -80.04
C ALA D 313 4.51 15.79 -81.34
N PHE D 314 4.91 14.52 -81.34
CA PHE D 314 4.90 13.71 -82.55
C PHE D 314 3.55 13.03 -82.76
N THR D 315 2.92 12.54 -81.69
CA THR D 315 1.77 11.67 -81.90
C THR D 315 0.77 11.81 -80.76
N ASP D 316 -0.52 11.78 -81.10
CA ASP D 316 -1.58 11.63 -80.12
C ASP D 316 -2.16 10.22 -80.12
N ALA D 317 -1.53 9.28 -80.81
CA ALA D 317 -2.03 7.91 -80.88
C ALA D 317 -1.98 7.19 -79.54
N LEU D 318 -1.30 7.75 -78.56
CA LEU D 318 -0.72 7.09 -77.41
C LEU D 318 -0.83 8.08 -76.27
N PRO D 319 -1.43 7.74 -75.13
CA PRO D 319 -1.27 8.63 -73.96
C PRO D 319 0.16 8.57 -73.46
N LEU D 320 0.63 9.71 -72.96
CA LEU D 320 1.96 9.77 -72.37
C LEU D 320 2.00 8.86 -71.15
N PRO D 321 3.18 8.38 -70.75
CA PRO D 321 3.24 7.36 -69.69
C PRO D 321 2.56 7.83 -68.40
N GLU D 322 1.76 6.92 -67.82
CA GLU D 322 0.97 7.32 -66.66
C GLU D 322 1.78 7.22 -65.37
N ALA D 323 2.93 6.55 -65.41
CA ALA D 323 3.72 6.26 -64.21
C ALA D 323 5.19 6.22 -64.59
N LEU D 324 6.01 6.86 -63.74
CA LEU D 324 7.44 6.98 -63.91
C LEU D 324 8.06 6.37 -62.67
N VAL D 325 8.65 5.19 -62.83
CA VAL D 325 9.18 4.42 -61.72
C VAL D 325 10.70 4.65 -61.74
N CYS D 326 11.16 5.58 -60.92
CA CYS D 326 12.53 6.04 -60.92
C CYS D 326 13.28 5.39 -59.76
N ASN D 327 14.52 4.99 -60.01
CA ASN D 327 15.33 4.39 -58.96
C ASN D 327 16.67 5.13 -58.87
N ASP D 328 17.34 4.95 -57.74
CA ASP D 328 18.69 5.46 -57.54
C ASP D 328 19.70 4.34 -57.84
N PHE D 329 20.99 4.67 -57.71
CA PHE D 329 22.02 3.71 -58.08
C PHE D 329 22.28 2.72 -56.95
N TYR D 330 22.22 1.43 -57.27
CA TYR D 330 22.76 0.38 -56.41
C TYR D 330 24.27 0.49 -56.28
N LEU D 331 24.77 0.28 -55.06
CA LEU D 331 26.21 0.34 -54.76
C LEU D 331 26.76 -1.05 -54.48
N LEU D 332 28.00 -1.28 -54.90
CA LEU D 332 28.72 -2.52 -54.59
C LEU D 332 29.81 -2.18 -53.59
N ASP D 333 29.66 -2.69 -52.36
CA ASP D 333 30.62 -2.42 -51.29
C ASP D 333 30.84 -0.91 -51.11
N GLY D 334 29.74 -0.14 -51.11
CA GLY D 334 29.79 1.28 -50.86
C GLY D 334 30.04 2.16 -52.07
N GLU D 335 30.37 1.59 -53.22
CA GLU D 335 30.66 2.39 -54.41
C GLU D 335 29.78 1.92 -55.56
N LYS D 336 29.36 2.87 -56.40
CA LYS D 336 28.28 2.56 -57.35
C LYS D 336 28.72 1.53 -58.38
N PHE D 337 27.84 0.55 -58.61
CA PHE D 337 27.98 -0.36 -59.75
C PHE D 337 28.15 0.48 -61.00
N SER D 338 29.26 0.28 -61.70
CA SER D 338 29.56 1.09 -62.88
C SER D 338 30.30 0.25 -63.91
N THR D 339 29.76 0.16 -65.12
CA THR D 339 30.46 -0.50 -66.23
C THR D 339 31.72 0.27 -66.61
N GLY D 340 31.62 1.60 -66.65
CA GLY D 340 32.78 2.40 -67.02
C GLY D 340 33.90 2.31 -66.00
N ARG D 341 33.57 2.29 -64.71
CA ARG D 341 34.58 2.17 -63.65
C ARG D 341 35.01 0.72 -63.41
N LYS D 342 34.40 -0.24 -64.11
CA LYS D 342 34.69 -1.67 -63.94
C LYS D 342 34.44 -2.15 -62.49
N HIS D 343 33.55 -1.46 -61.76
CA HIS D 343 33.17 -1.82 -60.39
C HIS D 343 31.81 -2.52 -60.47
N ALA D 344 31.84 -3.85 -60.54
CA ALA D 344 30.62 -4.60 -60.83
C ALA D 344 30.74 -6.04 -60.37
N VAL D 345 29.59 -6.62 -60.00
CA VAL D 345 29.35 -8.05 -60.07
C VAL D 345 28.44 -8.27 -61.28
N TRP D 346 28.89 -9.07 -62.24
CA TRP D 346 28.21 -9.21 -63.52
C TRP D 346 27.11 -10.26 -63.45
N ALA D 347 25.96 -9.95 -64.05
CA ALA D 347 24.79 -10.81 -63.90
C ALA D 347 25.05 -12.21 -64.41
N ARG D 348 25.78 -12.33 -65.52
CA ARG D 348 25.99 -13.65 -66.11
C ARG D 348 26.87 -14.53 -65.24
N GLN D 349 27.79 -13.94 -64.49
CA GLN D 349 28.62 -14.73 -63.60
C GLN D 349 27.89 -15.07 -62.31
N ALA D 350 27.08 -14.15 -61.81
CA ALA D 350 26.56 -14.23 -60.46
C ALA D 350 25.22 -14.95 -60.36
N VAL D 351 24.39 -14.92 -61.40
CA VAL D 351 23.01 -15.39 -61.29
C VAL D 351 22.88 -16.77 -61.92
N THR D 352 22.48 -17.75 -61.12
CA THR D 352 22.25 -19.10 -61.58
C THR D 352 20.78 -19.48 -61.41
N PRO D 353 20.32 -20.54 -62.07
CA PRO D 353 18.96 -21.03 -61.79
C PRO D 353 18.73 -21.30 -60.32
N ALA D 354 19.78 -21.68 -59.59
CA ALA D 354 19.62 -22.01 -58.17
C ALA D 354 19.45 -20.78 -57.31
N ASN D 355 20.05 -19.64 -57.67
CA ASN D 355 19.98 -18.48 -56.80
C ASN D 355 19.18 -17.31 -57.37
N ALA D 356 18.55 -17.45 -58.54
CA ALA D 356 17.86 -16.32 -59.16
C ALA D 356 16.76 -15.78 -58.26
N ASP D 357 15.98 -16.67 -57.66
CA ASP D 357 14.88 -16.25 -56.80
C ASP D 357 15.38 -15.50 -55.56
N GLN D 358 16.34 -16.09 -54.84
CA GLN D 358 16.85 -15.44 -53.62
C GLN D 358 17.50 -14.12 -53.95
N LEU D 359 18.24 -14.08 -55.06
CA LEU D 359 18.88 -12.83 -55.48
C LEU D 359 17.84 -11.76 -55.73
N ARG D 360 16.82 -12.09 -56.54
CA ARG D 360 15.75 -11.12 -56.83
C ARG D 360 15.08 -10.66 -55.54
N LEU D 361 14.83 -11.61 -54.62
CA LEU D 361 14.26 -11.22 -53.34
C LEU D 361 15.18 -10.26 -52.59
N TYR D 362 16.50 -10.52 -52.63
CA TYR D 362 17.41 -9.67 -51.87
C TYR D 362 17.53 -8.30 -52.51
N LEU D 363 17.60 -8.23 -53.86
CA LEU D 363 17.66 -6.95 -54.55
C LEU D 363 16.42 -6.12 -54.26
N ALA D 364 15.25 -6.78 -54.21
CA ALA D 364 14.03 -6.11 -53.78
C ALA D 364 14.17 -5.62 -52.34
N ALA D 365 14.64 -6.49 -51.43
CA ALA D 365 14.73 -6.12 -50.01
C ALA D 365 15.66 -4.93 -49.79
N THR D 366 16.66 -4.77 -50.63
CA THR D 366 17.56 -3.63 -50.56
C THR D 366 17.37 -2.71 -51.77
N SER D 367 16.19 -2.73 -52.37
CA SER D 367 15.95 -1.96 -53.59
C SER D 367 16.40 -0.52 -53.43
N PRO D 368 17.19 0.01 -54.36
CA PRO D 368 17.61 1.41 -54.33
C PRO D 368 16.55 2.36 -54.87
N ASP D 369 15.33 2.25 -54.32
CA ASP D 369 14.19 2.99 -54.87
C ASP D 369 14.39 4.49 -54.73
N VAL D 370 14.61 5.00 -53.51
CA VAL D 370 14.76 6.43 -53.29
C VAL D 370 16.10 6.78 -52.63
N ARG D 371 16.95 5.80 -52.37
CA ARG D 371 18.29 6.04 -51.87
C ARG D 371 19.23 5.09 -52.59
N ARG D 372 20.52 5.41 -52.55
CA ARG D 372 21.53 4.53 -53.09
C ARG D 372 21.77 3.51 -52.02
N ARG D 373 21.35 2.29 -52.25
CA ARG D 373 21.48 1.26 -51.26
C ARG D 373 22.68 0.37 -51.61
N ASP D 374 23.14 -0.41 -50.65
CA ASP D 374 24.36 -1.18 -50.85
C ASP D 374 24.22 -2.68 -50.95
N PHE D 375 24.91 -3.25 -51.91
CA PHE D 375 24.97 -4.70 -52.02
C PHE D 375 26.31 -5.15 -51.45
N THR D 376 26.27 -6.04 -50.47
CA THR D 376 27.48 -6.78 -50.09
C THR D 376 27.19 -8.27 -50.14
N THR D 377 28.24 -9.03 -50.45
CA THR D 377 28.18 -10.49 -50.36
C THR D 377 27.71 -10.95 -48.99
N ARG D 378 28.21 -10.33 -47.93
CA ARG D 378 27.85 -10.77 -46.59
C ARG D 378 26.37 -10.48 -46.32
N GLY D 379 25.88 -9.30 -46.70
CA GLY D 379 24.49 -8.97 -46.45
C GLY D 379 23.55 -9.89 -47.22
N TYR D 380 23.93 -10.22 -48.45
CA TYR D 380 23.15 -11.19 -49.24
C TYR D 380 23.13 -12.55 -48.57
N ALA D 381 24.30 -13.12 -48.29
CA ALA D 381 24.36 -14.48 -47.74
C ALA D 381 23.63 -14.58 -46.40
N GLU D 382 23.70 -13.55 -45.57
CA GLU D 382 22.95 -13.49 -44.33
C GLU D 382 21.44 -13.53 -44.58
N PHE D 383 20.96 -12.74 -45.54
CA PHE D 383 19.55 -12.79 -45.88
C PHE D 383 19.14 -14.18 -46.30
N VAL D 384 19.94 -14.82 -47.15
CA VAL D 384 19.56 -16.14 -47.66
C VAL D 384 19.50 -17.15 -46.53
N THR D 385 20.54 -17.19 -45.69
CA THR D 385 20.62 -18.25 -44.69
C THR D 385 19.72 -17.98 -43.48
N ALA D 386 19.68 -16.75 -42.99
CA ALA D 386 18.92 -16.48 -41.78
C ALA D 386 17.45 -16.20 -42.05
N GLU D 387 17.10 -15.59 -43.17
CA GLU D 387 15.70 -15.28 -43.41
C GLU D 387 15.00 -16.27 -44.30
N LEU D 388 15.50 -16.46 -45.50
CA LEU D 388 14.85 -17.31 -46.46
C LEU D 388 14.83 -18.77 -46.06
N ILE D 389 15.98 -19.27 -45.66
CA ILE D 389 16.06 -20.62 -45.21
C ILE D 389 15.67 -20.72 -43.74
N GLY D 390 16.23 -19.87 -42.91
CA GLY D 390 15.95 -19.90 -41.49
C GLY D 390 14.56 -19.62 -41.00
N ARG D 391 13.80 -18.87 -41.78
CA ARG D 391 12.44 -18.53 -41.42
C ARG D 391 11.40 -18.95 -42.47
N TRP D 392 11.61 -18.59 -43.72
CA TRP D 392 10.61 -18.89 -44.75
C TRP D 392 10.48 -20.40 -44.99
N GLN D 393 11.60 -21.06 -45.25
CA GLN D 393 11.59 -22.49 -45.45
C GLN D 393 11.19 -23.19 -44.19
N ARG D 394 11.71 -22.71 -43.07
CA ARG D 394 11.30 -23.28 -41.80
C ARG D 394 9.77 -23.22 -41.64
N ARG D 395 9.14 -22.14 -42.09
CA ARG D 395 7.67 -22.08 -42.02
C ARG D 395 7.04 -23.18 -42.86
N LEU D 396 7.49 -23.33 -44.11
CA LEU D 396 7.00 -24.42 -44.93
C LEU D 396 7.20 -25.77 -44.27
N ASP D 397 8.41 -26.04 -43.76
CA ASP D 397 8.68 -27.33 -43.10
C ASP D 397 7.72 -27.55 -41.93
N ASP D 398 7.56 -26.52 -41.09
CA ASP D 398 6.75 -26.66 -39.89
C ASP D 398 5.28 -26.90 -40.21
N VAL D 399 4.72 -26.09 -41.11
CA VAL D 399 3.29 -26.25 -41.42
C VAL D 399 3.04 -27.58 -42.11
N GLY D 400 3.86 -27.90 -43.11
CA GLY D 400 3.68 -29.17 -43.81
C GLY D 400 3.89 -30.37 -42.92
N GLY D 401 4.88 -30.30 -42.01
CA GLY D 401 5.08 -31.39 -41.06
C GLY D 401 3.92 -31.56 -40.10
N ARG D 402 3.36 -30.43 -39.64
CA ARG D 402 2.18 -30.46 -38.78
C ARG D 402 0.97 -31.02 -39.52
N VAL D 403 0.80 -30.67 -40.81
CA VAL D 403 -0.31 -31.22 -41.59
C VAL D 403 -0.10 -32.71 -41.80
N ALA D 404 1.16 -33.11 -42.01
CA ALA D 404 1.46 -34.53 -42.17
C ALA D 404 1.13 -35.29 -40.90
N GLU D 405 1.54 -34.75 -39.75
CA GLU D 405 1.38 -35.42 -38.47
C GLU D 405 -0.08 -35.48 -38.03
N HIS D 406 -0.79 -34.37 -38.12
CA HIS D 406 -2.09 -34.23 -37.47
C HIS D 406 -3.28 -34.33 -38.42
N PHE D 407 -3.06 -34.26 -39.73
CA PHE D 407 -4.16 -34.32 -40.68
C PHE D 407 -3.87 -35.27 -41.84
N GLY D 408 -2.90 -36.16 -41.69
CA GLY D 408 -2.58 -37.13 -42.73
C GLY D 408 -2.10 -36.49 -44.01
N GLY D 409 -1.49 -35.31 -43.93
CA GLY D 409 -1.06 -34.62 -45.14
C GLY D 409 -2.19 -34.08 -45.99
N LEU D 410 -3.42 -34.10 -45.49
CA LEU D 410 -4.56 -33.59 -46.21
C LEU D 410 -5.02 -32.27 -45.62
N THR D 411 -5.42 -31.37 -46.49
CA THR D 411 -5.87 -30.03 -46.10
C THR D 411 -7.23 -30.12 -45.42
N PRO D 412 -7.37 -29.67 -44.18
CA PRO D 412 -8.67 -29.71 -43.52
C PRO D 412 -9.57 -28.58 -43.97
N GLU D 413 -10.85 -28.76 -43.66
CA GLU D 413 -11.87 -27.76 -43.89
C GLU D 413 -12.06 -26.94 -42.63
N ALA D 414 -12.07 -25.63 -42.78
CA ALA D 414 -12.21 -24.75 -41.63
C ALA D 414 -13.46 -25.12 -40.82
N GLY D 415 -13.33 -25.03 -39.49
CA GLY D 415 -14.44 -25.30 -38.59
C GLY D 415 -14.82 -24.04 -37.85
N GLY D 416 -14.59 -24.00 -36.55
CA GLY D 416 -14.93 -22.83 -35.76
C GLY D 416 -13.90 -21.71 -35.86
N TRP D 417 -14.01 -20.76 -34.93
CA TRP D 417 -13.31 -19.50 -34.96
C TRP D 417 -13.13 -18.99 -33.54
N HIS D 418 -12.01 -18.30 -33.28
CA HIS D 418 -11.80 -17.61 -32.01
C HIS D 418 -10.98 -16.35 -32.24
N ALA D 419 -10.69 -15.63 -31.15
CA ALA D 419 -9.97 -14.36 -31.25
C ALA D 419 -8.62 -14.50 -31.98
N GLU D 420 -7.87 -15.58 -31.69
CA GLU D 420 -6.54 -15.71 -32.28
C GLU D 420 -6.63 -15.98 -33.77
N ALA D 421 -7.63 -16.75 -34.20
CA ALA D 421 -7.88 -16.93 -35.63
C ALA D 421 -8.23 -15.60 -36.29
N GLU D 422 -9.01 -14.77 -35.60
CA GLU D 422 -9.37 -13.46 -36.14
C GLU D 422 -8.14 -12.57 -36.29
N ARG D 423 -7.25 -12.57 -35.28
CA ARG D 423 -6.05 -11.76 -35.36
C ARG D 423 -5.18 -12.20 -36.55
N PHE D 424 -4.94 -13.50 -36.69
CA PHE D 424 -4.08 -13.98 -37.77
C PHE D 424 -4.69 -13.73 -39.14
N TYR D 425 -6.00 -13.92 -39.26
CA TYR D 425 -6.68 -13.66 -40.54
C TYR D 425 -6.57 -12.19 -40.92
N GLY D 426 -6.83 -11.29 -39.98
CA GLY D 426 -6.58 -9.90 -40.24
C GLY D 426 -5.15 -9.62 -40.68
N GLN D 427 -4.19 -10.40 -40.17
CA GLN D 427 -2.80 -10.19 -40.56
C GLN D 427 -2.54 -10.71 -41.95
N ILE D 428 -3.23 -11.79 -42.35
CA ILE D 428 -3.17 -12.27 -43.73
C ILE D 428 -3.75 -11.24 -44.67
N LYS D 429 -4.84 -10.58 -44.27
CA LYS D 429 -5.43 -9.57 -45.13
C LYS D 429 -4.51 -8.37 -45.28
N GLU D 430 -3.85 -7.97 -44.18
CA GLU D 430 -2.92 -6.84 -44.28
C GLU D 430 -1.80 -7.17 -45.26
N PHE D 431 -1.30 -8.40 -45.20
CA PHE D 431 -0.22 -8.80 -46.10
C PHE D 431 -0.72 -8.80 -47.54
N ALA D 432 -1.86 -9.44 -47.78
CA ALA D 432 -2.41 -9.51 -49.13
C ALA D 432 -2.64 -8.11 -49.69
N SER D 433 -3.14 -7.19 -48.86
CA SER D 433 -3.37 -5.83 -49.31
C SER D 433 -2.07 -5.10 -49.64
N CYS D 434 -1.04 -5.28 -48.81
CA CYS D 434 0.25 -4.66 -49.13
C CYS D 434 0.72 -5.13 -50.49
N ALA D 435 0.64 -6.43 -50.74
CA ALA D 435 1.13 -7.00 -51.99
C ALA D 435 0.36 -6.45 -53.18
N THR D 436 -0.96 -6.37 -53.07
CA THR D 436 -1.74 -5.87 -54.20
C THR D 436 -1.45 -4.40 -54.49
N LEU D 437 -1.19 -3.60 -53.45
CA LEU D 437 -1.06 -2.17 -53.65
C LEU D 437 0.36 -1.77 -54.08
N ASP D 438 1.38 -2.38 -53.46
CA ASP D 438 2.74 -1.95 -53.67
C ASP D 438 3.38 -2.56 -54.93
N TYR D 439 2.66 -3.41 -55.65
CA TYR D 439 3.06 -3.74 -57.00
C TYR D 439 2.39 -2.85 -58.03
N LEU D 440 1.46 -1.99 -57.65
CA LEU D 440 0.81 -1.14 -58.63
C LEU D 440 1.84 -0.21 -59.28
N PRO D 441 1.76 0.00 -60.61
CA PRO D 441 2.66 0.98 -61.25
C PRO D 441 2.58 2.35 -60.62
N GLY D 442 1.40 2.76 -60.19
CA GLY D 442 1.23 4.06 -59.57
C GLY D 442 1.74 4.23 -58.15
N ARG D 443 2.24 3.18 -57.51
CA ARG D 443 2.88 3.29 -56.20
C ARG D 443 3.82 2.11 -56.01
N PHE D 444 4.83 2.00 -56.89
CA PHE D 444 5.59 0.75 -57.03
C PHE D 444 6.70 0.69 -56.00
N LYS D 445 6.61 -0.26 -55.06
CA LYS D 445 7.60 -0.37 -53.98
C LYS D 445 7.76 -1.83 -53.57
N PRO D 446 8.43 -2.62 -54.40
CA PRO D 446 8.63 -4.03 -54.03
C PRO D 446 9.43 -4.22 -52.74
N ARG D 447 10.25 -3.25 -52.32
CA ARG D 447 10.93 -3.37 -51.03
C ARG D 447 9.92 -3.43 -49.87
N ALA D 448 8.76 -2.81 -50.02
CA ALA D 448 7.76 -2.89 -48.97
C ALA D 448 7.08 -4.27 -48.95
N VAL D 449 6.95 -4.91 -50.12
CA VAL D 449 6.36 -6.24 -50.16
C VAL D 449 7.26 -7.23 -49.42
N VAL D 450 8.57 -7.16 -49.69
CA VAL D 450 9.51 -8.03 -48.99
C VAL D 450 9.46 -7.78 -47.49
N ALA D 451 9.54 -6.52 -47.09
CA ALA D 451 9.46 -6.18 -45.67
C ALA D 451 8.17 -6.73 -45.06
N ALA D 452 7.06 -6.64 -45.80
CA ALA D 452 5.80 -7.16 -45.31
C ALA D 452 5.79 -8.69 -45.31
N ALA D 453 6.46 -9.32 -46.26
CA ALA D 453 6.59 -10.77 -46.23
C ALA D 453 7.34 -11.22 -44.99
N CYS D 454 8.44 -10.54 -44.67
CA CYS D 454 9.22 -10.92 -43.49
C CYS D 454 8.39 -10.76 -42.22
N ALA D 455 7.69 -9.63 -42.08
CA ALA D 455 6.83 -9.44 -40.92
C ALA D 455 5.79 -10.54 -40.87
N PHE D 456 5.20 -10.86 -42.02
CA PHE D 456 4.12 -11.82 -42.05
C PHE D 456 4.59 -13.20 -41.61
N ILE D 457 5.81 -13.58 -41.99
CA ILE D 457 6.35 -14.88 -41.59
C ILE D 457 6.47 -14.96 -40.06
N ARG D 458 6.83 -13.85 -39.42
CA ARG D 458 6.90 -13.85 -37.96
C ARG D 458 5.50 -13.89 -37.35
N GLN D 459 4.52 -13.23 -37.99
CA GLN D 459 3.14 -13.38 -37.53
C GLN D 459 2.70 -14.83 -37.65
N ALA D 460 3.18 -15.52 -38.69
CA ALA D 460 2.79 -16.90 -38.91
C ALA D 460 3.52 -17.85 -37.96
N GLU D 461 4.73 -17.50 -37.56
CA GLU D 461 5.39 -18.21 -36.47
C GLU D 461 4.56 -18.12 -35.20
N ASP D 462 4.01 -16.93 -34.90
CA ASP D 462 3.14 -16.80 -33.74
C ASP D 462 1.92 -17.69 -33.88
N PHE D 463 1.32 -17.73 -35.07
CA PHE D 463 0.09 -18.52 -35.17
C PHE D 463 0.39 -20.01 -35.13
N ALA D 464 1.59 -20.43 -35.52
CA ALA D 464 1.96 -21.82 -35.40
C ALA D 464 1.80 -22.32 -33.96
N GLU D 465 2.27 -21.52 -32.99
CA GLU D 465 2.07 -21.86 -31.57
C GLU D 465 0.59 -22.08 -31.25
N VAL D 466 -0.29 -21.29 -31.85
CA VAL D 466 -1.71 -21.41 -31.56
C VAL D 466 -2.27 -22.69 -32.16
N SER D 467 -1.89 -22.97 -33.41
CA SER D 467 -2.42 -24.15 -34.08
C SER D 467 -1.94 -25.43 -33.40
N ALA D 468 -0.67 -25.44 -32.98
CA ALA D 468 -0.13 -26.59 -32.28
C ALA D 468 -0.83 -26.86 -30.96
N ASP D 469 -1.45 -25.85 -30.35
CA ASP D 469 -2.09 -26.02 -29.05
C ASP D 469 -3.58 -26.33 -29.15
N ALA D 470 -4.21 -26.16 -30.31
CA ALA D 470 -5.63 -26.39 -30.43
C ALA D 470 -5.98 -27.85 -30.12
N THR D 471 -7.13 -28.03 -29.48
CA THR D 471 -7.54 -29.36 -29.04
C THR D 471 -7.59 -30.30 -30.24
N PRO D 472 -6.91 -31.44 -30.19
CA PRO D 472 -6.81 -32.29 -31.38
C PRO D 472 -8.17 -32.80 -31.82
N GLY D 473 -8.34 -32.90 -33.13
CA GLY D 473 -9.60 -33.33 -33.74
C GLY D 473 -10.74 -32.36 -33.68
N SER D 474 -10.56 -31.20 -33.05
CA SER D 474 -11.62 -30.20 -32.94
C SER D 474 -11.78 -29.41 -34.23
N GLY D 475 -12.88 -28.66 -34.30
CA GLY D 475 -13.09 -27.77 -35.42
C GLY D 475 -12.10 -26.61 -35.44
N ILE D 476 -11.82 -26.04 -34.26
CA ILE D 476 -10.89 -24.92 -34.21
C ILE D 476 -9.48 -25.35 -34.63
N ALA D 477 -9.12 -26.62 -34.39
CA ALA D 477 -7.83 -27.10 -34.89
C ALA D 477 -7.82 -27.16 -36.40
N ARG D 478 -8.94 -27.55 -37.01
CA ARG D 478 -9.04 -27.54 -38.47
C ARG D 478 -8.90 -26.13 -39.02
N THR D 479 -9.62 -25.17 -38.43
CA THR D 479 -9.49 -23.78 -38.83
C THR D 479 -8.04 -23.28 -38.76
N CYS D 480 -7.38 -23.52 -37.62
CA CYS D 480 -5.99 -23.08 -37.47
C CYS D 480 -5.12 -23.64 -38.59
N ALA D 481 -5.14 -24.97 -38.79
CA ALA D 481 -4.39 -25.56 -39.89
C ALA D 481 -4.81 -24.97 -41.22
N ALA D 482 -6.11 -24.74 -41.42
CA ALA D 482 -6.54 -24.14 -42.67
C ALA D 482 -5.95 -22.73 -42.85
N LEU D 483 -5.87 -21.97 -41.76
CA LEU D 483 -5.38 -20.61 -41.85
C LEU D 483 -3.89 -20.59 -42.17
N GLU D 484 -3.14 -21.54 -41.60
CA GLU D 484 -1.73 -21.63 -41.91
C GLU D 484 -1.52 -21.90 -43.39
N LEU D 485 -2.34 -22.77 -43.97
CA LEU D 485 -2.16 -23.07 -45.39
C LEU D 485 -2.60 -21.88 -46.23
N MET D 486 -3.70 -21.24 -45.85
CA MET D 486 -4.09 -20.00 -46.53
C MET D 486 -2.96 -18.99 -46.44
N ALA D 487 -2.31 -18.93 -45.27
CA ALA D 487 -1.17 -18.02 -45.11
C ALA D 487 -0.08 -18.33 -46.13
N LEU D 488 0.29 -19.61 -46.27
CA LEU D 488 1.35 -19.93 -47.22
C LEU D 488 0.90 -19.68 -48.66
N ARG D 489 -0.36 -19.92 -48.97
CA ARG D 489 -0.88 -19.55 -50.28
C ARG D 489 -0.74 -18.07 -50.53
N THR D 490 -1.03 -17.25 -49.51
CA THR D 490 -0.96 -15.81 -49.69
C THR D 490 0.49 -15.37 -49.86
N LEU D 491 1.41 -16.10 -49.25
CA LEU D 491 2.82 -15.77 -49.40
C LEU D 491 3.27 -16.06 -50.83
N ALA D 492 2.81 -17.18 -51.38
CA ALA D 492 3.20 -17.55 -52.74
C ALA D 492 2.67 -16.52 -53.73
N MET D 493 1.41 -16.11 -53.57
CA MET D 493 0.85 -15.03 -54.37
C MET D 493 1.68 -13.76 -54.23
N ALA D 494 2.04 -13.43 -52.99
CA ALA D 494 2.60 -12.11 -52.75
C ALA D 494 4.03 -12.00 -53.24
N VAL D 495 4.82 -13.10 -53.24
CA VAL D 495 6.21 -13.00 -53.66
C VAL D 495 6.43 -13.43 -55.10
N TRP D 496 5.48 -14.16 -55.72
CA TRP D 496 5.56 -14.62 -57.10
C TRP D 496 6.17 -13.59 -58.05
N PRO D 497 5.77 -12.31 -58.04
CA PRO D 497 6.37 -11.39 -59.01
C PRO D 497 7.85 -11.20 -58.80
N LEU D 498 8.34 -11.38 -57.57
CA LEU D 498 9.77 -11.25 -57.29
C LEU D 498 10.50 -12.58 -57.35
N ALA D 499 9.86 -13.66 -56.92
CA ALA D 499 10.50 -14.98 -56.90
C ALA D 499 9.56 -15.97 -57.56
N PRO D 500 9.46 -15.93 -58.90
CA PRO D 500 8.39 -16.69 -59.58
C PRO D 500 8.54 -18.19 -59.45
N GLU D 501 9.78 -18.71 -59.39
CA GLU D 501 9.95 -20.14 -59.22
C GLU D 501 9.57 -20.57 -57.81
N PHE D 502 10.00 -19.79 -56.80
CA PHE D 502 9.54 -20.05 -55.44
C PHE D 502 8.01 -20.03 -55.38
N GLY D 503 7.39 -18.98 -55.91
CA GLY D 503 5.94 -18.90 -55.84
C GLY D 503 5.26 -20.06 -56.56
N ARG D 504 5.70 -20.36 -57.78
CA ARG D 504 5.09 -21.44 -58.54
C ARG D 504 5.13 -22.76 -57.78
N ARG D 505 6.26 -23.08 -57.13
CA ARG D 505 6.39 -24.38 -56.47
C ARG D 505 5.50 -24.46 -55.22
N VAL D 506 5.55 -23.44 -54.36
CA VAL D 506 4.63 -23.35 -53.23
C VAL D 506 3.18 -23.42 -53.71
N ALA D 507 2.85 -22.66 -54.74
CA ALA D 507 1.48 -22.72 -55.28
C ALA D 507 1.13 -24.13 -55.73
N ALA D 508 2.08 -24.80 -56.40
CA ALA D 508 1.85 -26.17 -56.86
C ALA D 508 1.71 -27.15 -55.71
N ALA D 509 2.47 -26.95 -54.64
CA ALA D 509 2.31 -27.80 -53.47
C ALA D 509 0.92 -27.64 -52.85
N LEU D 510 0.26 -26.52 -53.10
CA LEU D 510 -1.07 -26.25 -52.57
C LEU D 510 -2.17 -26.61 -53.54
N GLY D 511 -1.83 -27.23 -54.68
CA GLY D 511 -2.81 -27.63 -55.65
C GLY D 511 -3.23 -26.57 -56.64
N GLU D 512 -2.41 -25.54 -56.87
CA GLU D 512 -2.83 -24.48 -57.76
C GLU D 512 -1.80 -24.19 -58.84
N ASP D 513 -2.27 -24.14 -60.09
CA ASP D 513 -1.42 -23.82 -61.24
C ASP D 513 -1.13 -22.34 -61.33
N THR D 514 -2.08 -21.49 -60.94
CA THR D 514 -1.95 -20.04 -60.96
C THR D 514 -2.56 -19.49 -59.70
N ILE D 515 -2.01 -18.40 -59.19
CA ILE D 515 -2.55 -17.72 -58.02
C ILE D 515 -2.85 -16.28 -58.42
N ALA D 516 -4.13 -15.91 -58.37
CA ALA D 516 -4.48 -14.53 -58.65
C ALA D 516 -3.86 -13.62 -57.60
N LEU D 517 -3.34 -12.49 -58.06
CA LEU D 517 -2.87 -11.44 -57.16
C LEU D 517 -4.07 -10.58 -56.78
N GLU D 518 -4.39 -10.56 -55.50
CA GLU D 518 -5.71 -10.14 -55.10
C GLU D 518 -5.69 -9.81 -53.62
N PRO D 519 -6.52 -8.87 -53.16
CA PRO D 519 -6.53 -8.53 -51.73
C PRO D 519 -7.27 -9.54 -50.84
N THR D 520 -8.12 -10.40 -51.41
CA THR D 520 -8.90 -11.36 -50.64
C THR D 520 -8.14 -12.67 -50.52
N PRO D 521 -7.79 -13.10 -49.31
CA PRO D 521 -7.08 -14.39 -49.17
C PRO D 521 -8.04 -15.55 -49.35
N ARG D 522 -7.51 -16.66 -49.86
CA ARG D 522 -8.33 -17.81 -50.22
C ARG D 522 -7.90 -19.07 -49.48
N TRP D 523 -8.88 -19.92 -49.18
CA TRP D 523 -8.57 -21.22 -48.61
C TRP D 523 -7.90 -22.11 -49.65
N VAL D 524 -7.02 -22.98 -49.18
CA VAL D 524 -6.58 -24.12 -49.96
C VAL D 524 -7.70 -25.15 -49.98
N ARG D 525 -7.86 -25.82 -51.11
CA ARG D 525 -8.98 -26.73 -51.29
C ARG D 525 -8.87 -27.88 -50.29
N PRO D 526 -9.92 -28.15 -49.51
CA PRO D 526 -9.84 -29.26 -48.55
C PRO D 526 -9.51 -30.58 -49.26
N ASP D 527 -8.75 -31.42 -48.57
CA ASP D 527 -8.23 -32.72 -49.05
C ASP D 527 -7.08 -32.59 -50.04
N THR D 528 -6.64 -31.38 -50.37
CA THR D 528 -5.44 -31.24 -51.17
C THR D 528 -4.25 -31.82 -50.41
N GLU D 529 -3.52 -32.75 -51.03
CA GLU D 529 -2.35 -33.29 -50.37
C GLU D 529 -1.27 -32.20 -50.31
N ILE D 530 -0.56 -32.13 -49.19
CA ILE D 530 0.36 -31.03 -48.92
C ILE D 530 1.77 -31.59 -48.86
N LYS D 531 2.60 -31.25 -49.85
CA LYS D 531 4.00 -31.70 -49.86
C LYS D 531 4.87 -30.54 -50.34
N PHE D 532 5.61 -29.95 -49.40
CA PHE D 532 6.51 -28.84 -49.65
C PHE D 532 7.92 -29.36 -49.87
N ALA D 533 8.65 -28.75 -50.80
CA ALA D 533 10.07 -29.02 -50.87
C ALA D 533 10.76 -28.48 -49.61
N THR D 534 11.94 -28.99 -49.32
CA THR D 534 12.67 -28.59 -48.13
C THR D 534 13.86 -27.73 -48.50
N ASP D 535 14.12 -27.58 -49.79
CA ASP D 535 15.30 -26.87 -50.24
C ASP D 535 15.08 -25.88 -51.37
N HIS D 536 14.09 -25.00 -51.22
CA HIS D 536 13.80 -24.01 -52.25
C HIS D 536 14.97 -23.09 -52.47
N PHE D 537 15.73 -22.84 -51.45
CA PHE D 537 16.82 -21.87 -51.49
C PHE D 537 18.17 -22.57 -51.30
N SER D 538 19.20 -21.99 -51.88
CA SER D 538 20.51 -22.63 -51.91
C SER D 538 21.53 -21.79 -51.17
N PRO D 539 22.23 -22.32 -50.17
CA PRO D 539 23.27 -21.57 -49.48
C PRO D 539 24.39 -21.17 -50.42
O1 MES E . 11.14 13.86 51.49
C2 MES E . 12.12 13.99 50.46
C3 MES E . 12.64 15.42 50.34
N4 MES E . 11.49 16.31 50.20
C5 MES E . 10.40 16.16 51.16
C6 MES E . 10.00 14.69 51.30
C7 MES E . 11.84 17.67 49.79
C8 MES E . 10.69 18.61 50.12
S MES E . 11.28 20.18 50.05
O1S MES E . 12.22 20.25 48.90
O2S MES E . 12.03 20.47 51.31
O3S MES E . 10.15 21.14 49.92
ZN ZN F . -23.51 26.32 -10.62
ZN ZN G . -12.23 10.62 3.07
C2 GSU H . -12.04 19.85 17.89
S GSU H . -11.11 26.01 11.46
N GSU H . -8.55 26.74 8.06
CA GSU H . -8.09 25.57 8.77
CB GSU H . -6.79 26.00 9.47
CG GSU H . -5.75 26.68 8.51
CD GSU H . -4.52 27.18 9.29
OE1 GSU H . -4.13 26.57 10.33
OE2 GSU H . -3.92 28.19 8.88
C GSU H . -9.19 25.21 9.73
O GSU H . -9.50 24.10 10.00
N10 GSU H . -9.89 26.36 10.37
O1S GSU H . -12.28 25.17 10.67
O2S GSU H . -11.71 27.41 12.03
O5' GSU H . -10.62 25.03 12.73
C5' GSU H . -9.43 25.40 13.42
C4' GSU H . -8.91 24.19 14.20
O4' GSU H . -10.04 23.56 15.16
C1' GSU H . -10.15 22.30 14.85
N9 GSU H . -11.56 21.86 15.00
C4 GSU H . -11.97 21.13 15.99
N3 GSU H . -11.39 20.54 17.04
N1 GSU H . -13.36 19.67 17.80
C6 GSU H . -13.99 20.22 16.77
N6 GSU H . -15.42 20.00 16.71
C5 GSU H . -13.35 20.99 15.80
N7 GSU H . -13.70 21.66 14.69
C8 GSU H . -12.57 22.19 14.23
C2' GSU H . -9.71 22.22 13.39
O2' GSU H . -9.20 20.99 13.13
C3' GSU H . -8.57 23.26 13.36
O3' GSU H . -7.29 22.59 13.79
O1 MES I . 12.87 10.33 16.82
C2 MES I . 12.40 8.98 16.97
C3 MES I . 10.86 8.93 17.07
N4 MES I . 10.37 9.94 18.01
C5 MES I . 10.96 11.28 17.97
C6 MES I . 12.48 11.15 17.91
C7 MES I . 8.92 9.96 18.20
C8 MES I . 8.44 8.87 19.16
S MES I . 6.77 9.07 19.24
O1S MES I . 6.16 9.09 17.89
O2S MES I . 6.55 10.39 19.87
O3S MES I . 6.10 8.03 20.02
O1 MES J . 10.63 -1.32 62.81
C2 MES J . 10.76 0.03 63.27
C3 MES J . 9.37 0.61 63.47
N4 MES J . 8.60 0.40 62.25
C5 MES J . 8.50 -0.95 61.73
C6 MES J . 9.95 -1.40 61.56
C7 MES J . 7.45 1.28 62.09
C8 MES J . 6.89 1.11 60.69
S MES J . 5.24 1.34 60.76
O1S MES J . 4.83 2.40 59.85
O2S MES J . 4.75 1.64 62.14
O3S MES J . 4.63 0.07 60.33
O1 MES K . 10.92 -3.35 29.01
C2 MES K . 9.81 -4.21 28.80
C3 MES K . 10.16 -5.70 28.90
N4 MES K . 10.89 -5.91 30.16
C5 MES K . 11.99 -5.00 30.47
C6 MES K . 12.14 -4.05 29.30
C7 MES K . 10.97 -7.25 30.75
C8 MES K . 10.03 -8.22 30.02
S MES K . 10.48 -9.84 30.26
O1S MES K . 9.30 -10.73 30.28
O2S MES K . 11.22 -9.99 31.54
O3S MES K . 11.33 -10.21 29.10
ZN ZN L . -27.87 -13.62 88.41
ZN ZN M . -14.65 1.58 76.48
C2 GSU N . -14.74 -7.56 60.95
S GSU N . -14.69 -14.09 67.04
N GSU N . -12.40 -15.59 70.28
CA GSU N . -11.82 -14.32 69.94
CB GSU N . -10.47 -14.61 69.29
CG GSU N . -9.50 -15.38 70.24
CD GSU N . -8.27 -15.92 69.51
OE1 GSU N . -7.79 -17.05 69.85
OE2 GSU N . -7.75 -15.22 68.62
C GSU N . -12.77 -13.70 68.95
O GSU N . -12.87 -12.54 68.77
N10 GSU N . -13.59 -14.68 68.17
O1S GSU N . -15.88 -13.31 67.90
O2S GSU N . -15.43 -15.30 66.23
O5' GSU N . -13.99 -13.06 65.94
C5' GSU N . -12.81 -13.51 65.28
C4' GSU N . -12.12 -12.31 64.62
O4' GSU N . -13.14 -11.57 63.64
C1' GSU N . -13.22 -10.32 64.03
N9 GSU N . -14.59 -9.75 63.80
C4 GSU N . -14.88 -8.93 62.80
N3 GSU N . -14.18 -8.35 61.82
N1 GSU N . -16.03 -7.27 60.99
C6 GSU N . -16.77 -7.80 61.97
N6 GSU N . -18.17 -7.45 61.97
C5 GSU N . -16.26 -8.67 62.92
N7 GSU N . -16.71 -9.36 63.99
C8 GSU N . -15.67 -10.01 64.50
C2' GSU N . -12.81 -10.33 65.50
O2' GSU N . -12.22 -9.15 65.80
C3' GSU N . -11.76 -11.46 65.53
O3' GSU N . -10.41 -10.88 65.19
O1 MES O . -18.46 -14.76 -26.29
C2 MES O . -17.23 -14.20 -25.82
C3 MES O . -16.05 -14.59 -26.70
N4 MES O . -16.12 -16.03 -26.97
C5 MES O . -17.38 -16.65 -27.36
C6 MES O . -18.43 -16.19 -26.35
C7 MES O . -14.94 -16.67 -27.51
C8 MES O . -13.82 -15.67 -27.24
S MES O . -12.34 -16.36 -27.48
O1S MES O . -11.82 -16.12 -28.82
O2S MES O . -12.38 -17.83 -27.23
O3S MES O . -11.49 -15.67 -26.50
O1 MES P . 18.66 27.43 -40.82
C2 MES P . 19.24 26.27 -41.42
C3 MES P . 18.87 26.21 -42.90
N4 MES P . 17.42 26.40 -43.05
C5 MES P . 16.73 27.45 -42.30
C6 MES P . 17.23 27.41 -40.87
C7 MES P . 16.93 26.16 -44.40
C8 MES P . 16.31 24.77 -44.38
S MES P . 15.23 24.67 -45.65
O1S MES P . 15.94 24.17 -46.86
O2S MES P . 14.65 26.00 -45.93
O3S MES P . 14.12 23.74 -45.27
ZN ZN Q . 6.05 -40.62 8.46
ZN ZN R . 0.32 -34.63 -13.82
C2 GSU S . 5.61 -16.02 -15.09
S GSU S . 3.03 -16.87 -6.55
N GSU S . -0.22 -18.06 -4.22
CA GSU S . -0.62 -18.24 -5.60
CB GSU S . -1.69 -17.18 -5.93
CG GSU S . -2.97 -17.32 -5.01
CD GSU S . -3.92 -16.14 -5.30
OE1 GSU S . -4.62 -15.63 -4.38
OE2 GSU S . -3.96 -15.70 -6.44
C GSU S . 0.64 -18.02 -6.37
O GSU S . 0.90 -18.52 -7.41
N10 GSU S . 1.61 -17.10 -5.71
O1S GSU S . 3.88 -18.30 -6.57
O2S GSU S . 3.85 -15.70 -5.76
O5' GSU S . 2.84 -16.45 -8.14
C5' GSU S . 1.99 -15.35 -8.48
C4' GSU S . 1.68 -15.41 -9.98
O4' GSU S . 3.05 -15.38 -10.78
C1' GSU S . 3.02 -16.40 -11.60
N9 GSU S . 4.39 -16.92 -11.87
C4 GSU S . 5.03 -16.69 -12.98
N3 GSU S . 4.75 -16.07 -14.13
N1 GSU S . 6.83 -16.58 -15.02
C6 GSU S . 7.15 -17.23 -13.91
N6 GSU S . 8.47 -17.85 -13.82
C5 GSU S . 6.28 -17.33 -12.82
N7 GSU S . 6.32 -17.87 -11.60
C8 GSU S . 5.14 -17.61 -11.04
C2' GSU S . 2.13 -17.43 -10.95
O2' GSU S . 1.58 -18.24 -11.89
C3' GSU S . 1.07 -16.53 -10.27
O3' GSU S . -0.11 -16.30 -11.18
O1 MES T . -3.51 11.18 -60.83
C2 MES T . -3.20 12.50 -60.37
C3 MES T . -1.82 12.46 -59.76
N4 MES T . -1.67 11.12 -59.18
C5 MES T . -2.84 10.48 -58.58
C6 MES T . -3.79 10.27 -59.75
C7 MES T . -0.35 10.62 -58.84
C8 MES T . -0.10 10.96 -57.38
S MES T . 1.47 10.57 -56.96
O1S MES T . 2.49 11.04 -57.94
O2S MES T . 1.58 9.11 -56.76
O3S MES T . 1.78 11.24 -55.72
O1 MES U . -13.50 -15.30 -44.29
C2 MES U . -12.89 -16.59 -44.42
C3 MES U . -12.02 -16.67 -45.68
N4 MES U . -12.72 -16.15 -46.86
C5 MES U . -13.48 -14.91 -46.75
C6 MES U . -14.29 -14.96 -45.44
C7 MES U . -12.15 -16.52 -48.16
C8 MES U . -13.26 -17.22 -48.97
S MES U . -12.77 -18.20 -50.25
O1S MES U . -13.74 -19.32 -50.39
O2S MES U . -11.43 -18.82 -50.13
O3S MES U . -12.83 -17.38 -51.48
ZN ZN V . 41.17 18.83 -78.23
ZN ZN W . 24.71 19.31 -61.35
C2 GSU X . 20.59 0.89 -60.54
S GSU X . 22.72 2.25 -69.15
N GSU X . 21.48 4.60 -72.48
CA GSU X . 20.72 5.04 -71.33
CB GSU X . 19.27 4.58 -71.48
CG GSU X . 18.67 5.22 -72.78
CD GSU X . 17.39 4.51 -73.23
OE1 GSU X . 16.55 4.15 -72.33
OE2 GSU X . 17.19 4.30 -74.45
C GSU X . 21.40 4.41 -70.18
O GSU X . 21.53 4.99 -69.18
N10 GSU X . 21.92 3.03 -70.39
O1S GSU X . 24.03 3.15 -68.71
O2S GSU X . 23.19 0.75 -69.55
O5' GSU X . 21.70 2.02 -67.83
C5' GSU X . 20.40 1.45 -68.05
C4' GSU X . 19.47 1.80 -66.88
O4' GSU X . 20.02 1.16 -65.52
C1' GSU X . 20.19 2.15 -64.70
N9 GSU X . 21.42 1.98 -63.86
C4 GSU X . 21.35 1.57 -62.62
N3 GSU X . 20.36 1.25 -61.77
N1 GSU X . 21.84 0.81 -60.07
C6 GSU X . 22.85 1.10 -60.90
N6 GSU X . 24.22 1.01 -60.39
C5 GSU X . 22.68 1.51 -62.22
N7 GSU X . 23.47 1.88 -63.25
C8 GSU X . 22.65 2.16 -64.25
C2' GSU X . 20.30 3.42 -65.51
O2' GSU X . 19.89 4.49 -64.81
C3' GSU X . 19.37 3.09 -66.70
O3' GSU X . 17.96 3.47 -66.39
#